data_3M9Z
# 
_entry.id   3M9Z 
# 
_audit_conform.dict_name       mmcif_pdbx.dic 
_audit_conform.dict_version    5.399 
_audit_conform.dict_location   http://mmcif.pdb.org/dictionaries/ascii/mmcif_pdbx.dic 
# 
loop_
_database_2.database_id 
_database_2.database_code 
_database_2.pdbx_database_accession 
_database_2.pdbx_DOI 
PDB   3M9Z         pdb_00003m9z 10.2210/pdb3m9z/pdb 
RCSB  RCSB058294   ?            ?                   
WWPDB D_1000058294 ?            ?                   
# 
loop_
_pdbx_audit_revision_history.ordinal 
_pdbx_audit_revision_history.data_content_type 
_pdbx_audit_revision_history.major_revision 
_pdbx_audit_revision_history.minor_revision 
_pdbx_audit_revision_history.revision_date 
1 'Structure model' 1 0 2011-04-06 
2 'Structure model' 1 1 2011-07-13 
3 'Structure model' 1 2 2015-02-18 
4 'Structure model' 1 3 2023-09-06 
5 'Structure model' 1 4 2024-11-27 
# 
_pdbx_audit_revision_details.ordinal             1 
_pdbx_audit_revision_details.revision_ordinal    1 
_pdbx_audit_revision_details.data_content_type   'Structure model' 
_pdbx_audit_revision_details.provider            repository 
_pdbx_audit_revision_details.type                'Initial release' 
_pdbx_audit_revision_details.description         ? 
_pdbx_audit_revision_details.details             ? 
# 
loop_
_pdbx_audit_revision_group.ordinal 
_pdbx_audit_revision_group.revision_ordinal 
_pdbx_audit_revision_group.data_content_type 
_pdbx_audit_revision_group.group 
1 2 'Structure model' 'Version format compliance' 
2 3 'Structure model' 'Database references'       
3 4 'Structure model' 'Data collection'           
4 4 'Structure model' 'Database references'       
5 4 'Structure model' 'Derived calculations'      
6 4 'Structure model' 'Refinement description'    
7 5 'Structure model' 'Structure summary'         
# 
loop_
_pdbx_audit_revision_category.ordinal 
_pdbx_audit_revision_category.revision_ordinal 
_pdbx_audit_revision_category.data_content_type 
_pdbx_audit_revision_category.category 
1 4 'Structure model' chem_comp_atom                
2 4 'Structure model' chem_comp_bond                
3 4 'Structure model' database_2                    
4 4 'Structure model' pdbx_initial_refinement_model 
5 4 'Structure model' struct_ref_seq_dif            
6 4 'Structure model' struct_site                   
7 5 'Structure model' pdbx_entry_details            
8 5 'Structure model' pdbx_modification_feature     
# 
loop_
_pdbx_audit_revision_item.ordinal 
_pdbx_audit_revision_item.revision_ordinal 
_pdbx_audit_revision_item.data_content_type 
_pdbx_audit_revision_item.item 
1 4 'Structure model' '_database_2.pdbx_DOI'                
2 4 'Structure model' '_database_2.pdbx_database_accession' 
3 4 'Structure model' '_struct_ref_seq_dif.details'         
4 4 'Structure model' '_struct_site.pdbx_auth_asym_id'      
5 4 'Structure model' '_struct_site.pdbx_auth_comp_id'      
6 4 'Structure model' '_struct_site.pdbx_auth_seq_id'       
# 
_pdbx_database_status.status_code                     REL 
_pdbx_database_status.entry_id                        3M9Z 
_pdbx_database_status.recvd_initial_deposition_date   2010-03-23 
_pdbx_database_status.deposit_site                    RCSB 
_pdbx_database_status.process_site                    RCSB 
_pdbx_database_status.status_code_sf                  REL 
_pdbx_database_status.status_code_mr                  ? 
_pdbx_database_status.SG_entry                        ? 
_pdbx_database_status.status_code_cs                  ? 
_pdbx_database_status.pdb_format_compatible           Y 
_pdbx_database_status.status_code_nmr_data            ? 
_pdbx_database_status.methods_development_category    ? 
# 
loop_
_pdbx_database_related.db_name 
_pdbx_database_related.db_id 
_pdbx_database_related.details 
_pdbx_database_related.content_type 
PDB 1E87 'Search model for MR'       unspecified 
PDB 1EGG 'Domain swapping homologue' unspecified 
PDB 1IXX 'Domain swapping homologue' unspecified 
# 
loop_
_audit_author.name 
_audit_author.pdbx_ordinal 
'Kolenko, P.'  1 
'Rozbesky, D.' 2 
'Bezouska, K.' 3 
'Hasek, J.'    4 
'Dohnalek, J.' 5 
# 
_citation.id                        primary 
_citation.title                     'Molecular architecture of mouse activating NKR-P1 receptors.' 
_citation.journal_abbrev            J.Struct.Biol. 
_citation.journal_volume            175 
_citation.page_first                434 
_citation.page_last                 441 
_citation.year                      2011 
_citation.journal_id_ASTM           JSBIEM 
_citation.country                   US 
_citation.journal_id_ISSN           1047-8477 
_citation.journal_id_CSD            0803 
_citation.book_publisher            ? 
_citation.pdbx_database_id_PubMed   21600988 
_citation.pdbx_database_id_DOI      10.1016/j.jsb.2011.05.001 
# 
loop_
_citation_author.citation_id 
_citation_author.name 
_citation_author.ordinal 
_citation_author.identifier_ORCID 
primary 'Kolenko, P.'     1  ? 
primary 'Rozbesky, D.'    2  ? 
primary 'Vanek, O.'       3  ? 
primary 'Kopecky, V.'     4  ? 
primary 'Hofbauerova, K.' 5  ? 
primary 'Novak, P.'       6  ? 
primary 'Pompach, P.'     7  ? 
primary 'Hasek, J.'       8  ? 
primary 'Skalova, T.'     9  ? 
primary 'Bezouska, K.'    10 ? 
primary 'Dohnalek, J.'    11 ? 
# 
loop_
_entity.id 
_entity.type 
_entity.src_method 
_entity.pdbx_description 
_entity.formula_weight 
_entity.pdbx_number_of_molecules 
_entity.pdbx_ec 
_entity.pdbx_mutation 
_entity.pdbx_fragment 
_entity.details 
1 polymer     man 'Killer cell lectin-like receptor subfamily B member 1A' 16008.773 1   ? ? 
'C-TYPE LECTIN-LIKE EXTRACELLULAR DOMAIN (UNP residues 89 to 227)' ? 
2 non-polymer syn 'PHOSPHATE ION'                                          94.971    1   ? ? ? ? 
3 water       nat water                                                    18.015    111 ? ? ? ? 
# 
_entity_name_com.entity_id   1 
_entity_name_com.name        
;NKR-P1A, Natural killer cell surface protein P1-2, NKR-P1 2, NKR-P1.7, Lymphocyte antigen 55A, Ly-55A, CD161 antigen-like family member A
;
# 
_entity_poly.entity_id                      1 
_entity_poly.type                           'polypeptide(L)' 
_entity_poly.nstd_linkage                   no 
_entity_poly.nstd_monomer                   no 
_entity_poly.pdbx_seq_one_letter_code       
;SAKLECPQDWLSHRDKCFHVSQVSNTWEEGLVDCDGKGATLMLIQDQEELRFLLDSIKEKYNSFWIGLRYTLPDMNWKWI
NGSTLNSDVLKITGDTENDSCAAISGDKVTFESCNSDNRWICQKELYHETLSNYVGYGH
;
_entity_poly.pdbx_seq_one_letter_code_can   
;SAKLECPQDWLSHRDKCFHVSQVSNTWEEGLVDCDGKGATLMLIQDQEELRFLLDSIKEKYNSFWIGLRYTLPDMNWKWI
NGSTLNSDVLKITGDTENDSCAAISGDKVTFESCNSDNRWICQKELYHETLSNYVGYGH
;
_entity_poly.pdbx_strand_id                 A 
_entity_poly.pdbx_target_identifier         ? 
# 
loop_
_pdbx_entity_nonpoly.entity_id 
_pdbx_entity_nonpoly.name 
_pdbx_entity_nonpoly.comp_id 
2 'PHOSPHATE ION' PO4 
3 water           HOH 
# 
loop_
_entity_poly_seq.entity_id 
_entity_poly_seq.num 
_entity_poly_seq.mon_id 
_entity_poly_seq.hetero 
1 1   SER n 
1 2   ALA n 
1 3   LYS n 
1 4   LEU n 
1 5   GLU n 
1 6   CYS n 
1 7   PRO n 
1 8   GLN n 
1 9   ASP n 
1 10  TRP n 
1 11  LEU n 
1 12  SER n 
1 13  HIS n 
1 14  ARG n 
1 15  ASP n 
1 16  LYS n 
1 17  CYS n 
1 18  PHE n 
1 19  HIS n 
1 20  VAL n 
1 21  SER n 
1 22  GLN n 
1 23  VAL n 
1 24  SER n 
1 25  ASN n 
1 26  THR n 
1 27  TRP n 
1 28  GLU n 
1 29  GLU n 
1 30  GLY n 
1 31  LEU n 
1 32  VAL n 
1 33  ASP n 
1 34  CYS n 
1 35  ASP n 
1 36  GLY n 
1 37  LYS n 
1 38  GLY n 
1 39  ALA n 
1 40  THR n 
1 41  LEU n 
1 42  MET n 
1 43  LEU n 
1 44  ILE n 
1 45  GLN n 
1 46  ASP n 
1 47  GLN n 
1 48  GLU n 
1 49  GLU n 
1 50  LEU n 
1 51  ARG n 
1 52  PHE n 
1 53  LEU n 
1 54  LEU n 
1 55  ASP n 
1 56  SER n 
1 57  ILE n 
1 58  LYS n 
1 59  GLU n 
1 60  LYS n 
1 61  TYR n 
1 62  ASN n 
1 63  SER n 
1 64  PHE n 
1 65  TRP n 
1 66  ILE n 
1 67  GLY n 
1 68  LEU n 
1 69  ARG n 
1 70  TYR n 
1 71  THR n 
1 72  LEU n 
1 73  PRO n 
1 74  ASP n 
1 75  MET n 
1 76  ASN n 
1 77  TRP n 
1 78  LYS n 
1 79  TRP n 
1 80  ILE n 
1 81  ASN n 
1 82  GLY n 
1 83  SER n 
1 84  THR n 
1 85  LEU n 
1 86  ASN n 
1 87  SER n 
1 88  ASP n 
1 89  VAL n 
1 90  LEU n 
1 91  LYS n 
1 92  ILE n 
1 93  THR n 
1 94  GLY n 
1 95  ASP n 
1 96  THR n 
1 97  GLU n 
1 98  ASN n 
1 99  ASP n 
1 100 SER n 
1 101 CYS n 
1 102 ALA n 
1 103 ALA n 
1 104 ILE n 
1 105 SER n 
1 106 GLY n 
1 107 ASP n 
1 108 LYS n 
1 109 VAL n 
1 110 THR n 
1 111 PHE n 
1 112 GLU n 
1 113 SER n 
1 114 CYS n 
1 115 ASN n 
1 116 SER n 
1 117 ASP n 
1 118 ASN n 
1 119 ARG n 
1 120 TRP n 
1 121 ILE n 
1 122 CYS n 
1 123 GLN n 
1 124 LYS n 
1 125 GLU n 
1 126 LEU n 
1 127 TYR n 
1 128 HIS n 
1 129 GLU n 
1 130 THR n 
1 131 LEU n 
1 132 SER n 
1 133 ASN n 
1 134 TYR n 
1 135 VAL n 
1 136 GLY n 
1 137 TYR n 
1 138 GLY n 
1 139 HIS n 
# 
_entity_src_gen.entity_id                          1 
_entity_src_gen.pdbx_src_id                        1 
_entity_src_gen.pdbx_alt_source_flag               sample 
_entity_src_gen.pdbx_seq_type                      ? 
_entity_src_gen.pdbx_beg_seq_num                   ? 
_entity_src_gen.pdbx_end_seq_num                   ? 
_entity_src_gen.gene_src_common_name               mouse 
_entity_src_gen.gene_src_genus                     ? 
_entity_src_gen.pdbx_gene_src_gene                 'Klrb1a, Ly55, Ly55a, Nkrp1a' 
_entity_src_gen.gene_src_species                   ? 
_entity_src_gen.gene_src_strain                    C57BL/6 
_entity_src_gen.gene_src_tissue                    ? 
_entity_src_gen.gene_src_tissue_fraction           ? 
_entity_src_gen.gene_src_details                   ? 
_entity_src_gen.pdbx_gene_src_fragment             ? 
_entity_src_gen.pdbx_gene_src_scientific_name      'Mus musculus' 
_entity_src_gen.pdbx_gene_src_ncbi_taxonomy_id     10090 
_entity_src_gen.pdbx_gene_src_variant              ? 
_entity_src_gen.pdbx_gene_src_cell_line            ? 
_entity_src_gen.pdbx_gene_src_atcc                 ? 
_entity_src_gen.pdbx_gene_src_organ                ? 
_entity_src_gen.pdbx_gene_src_organelle            ? 
_entity_src_gen.pdbx_gene_src_cell                 ? 
_entity_src_gen.pdbx_gene_src_cellular_location    ? 
_entity_src_gen.host_org_common_name               ? 
_entity_src_gen.pdbx_host_org_scientific_name      'Escherichia coli' 
_entity_src_gen.pdbx_host_org_ncbi_taxonomy_id     562 
_entity_src_gen.host_org_genus                     ? 
_entity_src_gen.pdbx_host_org_gene                 ? 
_entity_src_gen.pdbx_host_org_organ                ? 
_entity_src_gen.host_org_species                   ? 
_entity_src_gen.pdbx_host_org_tissue               ? 
_entity_src_gen.pdbx_host_org_tissue_fraction      ? 
_entity_src_gen.pdbx_host_org_strain               'BL21-(DE3) RIL' 
_entity_src_gen.pdbx_host_org_variant              ? 
_entity_src_gen.pdbx_host_org_cell_line            ? 
_entity_src_gen.pdbx_host_org_atcc                 ? 
_entity_src_gen.pdbx_host_org_culture_collection   ? 
_entity_src_gen.pdbx_host_org_cell                 ? 
_entity_src_gen.pdbx_host_org_organelle            ? 
_entity_src_gen.pdbx_host_org_cellular_location    ? 
_entity_src_gen.pdbx_host_org_vector_type          PLASMID 
_entity_src_gen.pdbx_host_org_vector               ? 
_entity_src_gen.host_org_details                   ? 
_entity_src_gen.expression_system_id               ? 
_entity_src_gen.plasmid_name                       pET-30a 
_entity_src_gen.plasmid_details                    ? 
_entity_src_gen.pdbx_description                   ? 
# 
loop_
_chem_comp.id 
_chem_comp.type 
_chem_comp.mon_nstd_flag 
_chem_comp.name 
_chem_comp.pdbx_synonyms 
_chem_comp.formula 
_chem_comp.formula_weight 
ALA 'L-peptide linking' y ALANINE         ? 'C3 H7 N O2'     89.093  
ARG 'L-peptide linking' y ARGININE        ? 'C6 H15 N4 O2 1' 175.209 
ASN 'L-peptide linking' y ASPARAGINE      ? 'C4 H8 N2 O3'    132.118 
ASP 'L-peptide linking' y 'ASPARTIC ACID' ? 'C4 H7 N O4'     133.103 
CYS 'L-peptide linking' y CYSTEINE        ? 'C3 H7 N O2 S'   121.158 
GLN 'L-peptide linking' y GLUTAMINE       ? 'C5 H10 N2 O3'   146.144 
GLU 'L-peptide linking' y 'GLUTAMIC ACID' ? 'C5 H9 N O4'     147.129 
GLY 'peptide linking'   y GLYCINE         ? 'C2 H5 N O2'     75.067  
HIS 'L-peptide linking' y HISTIDINE       ? 'C6 H10 N3 O2 1' 156.162 
HOH non-polymer         . WATER           ? 'H2 O'           18.015  
ILE 'L-peptide linking' y ISOLEUCINE      ? 'C6 H13 N O2'    131.173 
LEU 'L-peptide linking' y LEUCINE         ? 'C6 H13 N O2'    131.173 
LYS 'L-peptide linking' y LYSINE          ? 'C6 H15 N2 O2 1' 147.195 
MET 'L-peptide linking' y METHIONINE      ? 'C5 H11 N O2 S'  149.211 
PHE 'L-peptide linking' y PHENYLALANINE   ? 'C9 H11 N O2'    165.189 
PO4 non-polymer         . 'PHOSPHATE ION' ? 'O4 P -3'        94.971  
PRO 'L-peptide linking' y PROLINE         ? 'C5 H9 N O2'     115.130 
SER 'L-peptide linking' y SERINE          ? 'C3 H7 N O3'     105.093 
THR 'L-peptide linking' y THREONINE       ? 'C4 H9 N O3'     119.119 
TRP 'L-peptide linking' y TRYPTOPHAN      ? 'C11 H12 N2 O2'  204.225 
TYR 'L-peptide linking' y TYROSINE        ? 'C9 H11 N O3'    181.189 
VAL 'L-peptide linking' y VALINE          ? 'C5 H11 N O2'    117.146 
# 
loop_
_pdbx_poly_seq_scheme.asym_id 
_pdbx_poly_seq_scheme.entity_id 
_pdbx_poly_seq_scheme.seq_id 
_pdbx_poly_seq_scheme.mon_id 
_pdbx_poly_seq_scheme.ndb_seq_num 
_pdbx_poly_seq_scheme.pdb_seq_num 
_pdbx_poly_seq_scheme.auth_seq_num 
_pdbx_poly_seq_scheme.pdb_mon_id 
_pdbx_poly_seq_scheme.auth_mon_id 
_pdbx_poly_seq_scheme.pdb_strand_id 
_pdbx_poly_seq_scheme.pdb_ins_code 
_pdbx_poly_seq_scheme.hetero 
A 1 1   SER 1   89  ?   ?   ?   A . n 
A 1 2   ALA 2   90  ?   ?   ?   A . n 
A 1 3   LYS 3   91  ?   ?   ?   A . n 
A 1 4   LEU 4   92  92  LEU LEU A . n 
A 1 5   GLU 5   93  93  GLU GLU A . n 
A 1 6   CYS 6   94  94  CYS CYS A . n 
A 1 7   PRO 7   95  95  PRO PRO A . n 
A 1 8   GLN 8   96  96  GLN GLN A . n 
A 1 9   ASP 9   97  97  ASP ASP A . n 
A 1 10  TRP 10  98  98  TRP TRP A . n 
A 1 11  LEU 11  99  99  LEU LEU A . n 
A 1 12  SER 12  100 100 SER SER A . n 
A 1 13  HIS 13  101 101 HIS HIS A . n 
A 1 14  ARG 14  102 102 ARG ARG A . n 
A 1 15  ASP 15  103 103 ASP ASP A . n 
A 1 16  LYS 16  104 104 LYS LYS A . n 
A 1 17  CYS 17  105 105 CYS CYS A . n 
A 1 18  PHE 18  106 106 PHE PHE A . n 
A 1 19  HIS 19  107 107 HIS HIS A . n 
A 1 20  VAL 20  108 108 VAL VAL A . n 
A 1 21  SER 21  109 109 SER SER A . n 
A 1 22  GLN 22  110 110 GLN GLN A . n 
A 1 23  VAL 23  111 111 VAL VAL A . n 
A 1 24  SER 24  112 112 SER SER A . n 
A 1 25  ASN 25  113 113 ASN ASN A . n 
A 1 26  THR 26  114 114 THR THR A . n 
A 1 27  TRP 27  115 115 TRP TRP A . n 
A 1 28  GLU 28  116 116 GLU GLU A . n 
A 1 29  GLU 29  117 117 GLU GLU A . n 
A 1 30  GLY 30  118 118 GLY GLY A . n 
A 1 31  LEU 31  119 119 LEU LEU A . n 
A 1 32  VAL 32  120 120 VAL VAL A . n 
A 1 33  ASP 33  121 121 ASP ASP A . n 
A 1 34  CYS 34  122 122 CYS CYS A . n 
A 1 35  ASP 35  123 123 ASP ASP A . n 
A 1 36  GLY 36  124 124 GLY GLY A . n 
A 1 37  LYS 37  125 125 LYS LYS A . n 
A 1 38  GLY 38  126 126 GLY GLY A . n 
A 1 39  ALA 39  127 127 ALA ALA A . n 
A 1 40  THR 40  128 128 THR THR A . n 
A 1 41  LEU 41  129 129 LEU LEU A . n 
A 1 42  MET 42  130 130 MET MET A . n 
A 1 43  LEU 43  131 131 LEU LEU A . n 
A 1 44  ILE 44  132 132 ILE ILE A . n 
A 1 45  GLN 45  133 133 GLN GLN A . n 
A 1 46  ASP 46  134 134 ASP ASP A . n 
A 1 47  GLN 47  135 135 GLN GLN A . n 
A 1 48  GLU 48  136 136 GLU GLU A . n 
A 1 49  GLU 49  137 137 GLU GLU A . n 
A 1 50  LEU 50  138 138 LEU LEU A . n 
A 1 51  ARG 51  139 139 ARG ARG A . n 
A 1 52  PHE 52  140 140 PHE PHE A . n 
A 1 53  LEU 53  141 141 LEU LEU A . n 
A 1 54  LEU 54  142 142 LEU LEU A . n 
A 1 55  ASP 55  143 143 ASP ASP A . n 
A 1 56  SER 56  144 144 SER SER A . n 
A 1 57  ILE 57  145 145 ILE ILE A . n 
A 1 58  LYS 58  146 146 LYS LYS A . n 
A 1 59  GLU 59  147 147 GLU GLU A . n 
A 1 60  LYS 60  148 148 LYS LYS A . n 
A 1 61  TYR 61  149 149 TYR TYR A . n 
A 1 62  ASN 62  150 150 ASN ASN A . n 
A 1 63  SER 63  151 151 SER SER A . n 
A 1 64  PHE 64  152 152 PHE PHE A . n 
A 1 65  TRP 65  153 153 TRP TRP A . n 
A 1 66  ILE 66  154 154 ILE ILE A . n 
A 1 67  GLY 67  155 155 GLY GLY A . n 
A 1 68  LEU 68  156 156 LEU LEU A . n 
A 1 69  ARG 69  157 157 ARG ARG A . n 
A 1 70  TYR 70  158 158 TYR TYR A . n 
A 1 71  THR 71  159 159 THR THR A . n 
A 1 72  LEU 72  160 160 LEU LEU A . n 
A 1 73  PRO 73  161 161 PRO PRO A . n 
A 1 74  ASP 74  162 162 ASP ASP A . n 
A 1 75  MET 75  163 163 MET MET A . n 
A 1 76  ASN 76  164 164 ASN ASN A . n 
A 1 77  TRP 77  165 165 TRP TRP A . n 
A 1 78  LYS 78  166 166 LYS LYS A . n 
A 1 79  TRP 79  167 167 TRP TRP A . n 
A 1 80  ILE 80  168 168 ILE ILE A . n 
A 1 81  ASN 81  169 169 ASN ASN A . n 
A 1 82  GLY 82  170 170 GLY GLY A . n 
A 1 83  SER 83  171 171 SER SER A . n 
A 1 84  THR 84  172 172 THR THR A . n 
A 1 85  LEU 85  173 173 LEU LEU A . n 
A 1 86  ASN 86  174 174 ASN ASN A . n 
A 1 87  SER 87  175 175 SER SER A . n 
A 1 88  ASP 88  176 176 ASP ASP A . n 
A 1 89  VAL 89  177 177 VAL VAL A . n 
A 1 90  LEU 90  178 178 LEU LEU A . n 
A 1 91  LYS 91  179 179 LYS LYS A . n 
A 1 92  ILE 92  180 180 ILE ILE A . n 
A 1 93  THR 93  181 181 THR THR A . n 
A 1 94  GLY 94  182 182 GLY GLY A . n 
A 1 95  ASP 95  183 183 ASP ASP A . n 
A 1 96  THR 96  184 184 THR THR A . n 
A 1 97  GLU 97  185 185 GLU GLU A . n 
A 1 98  ASN 98  186 186 ASN ASN A . n 
A 1 99  ASP 99  187 187 ASP ASP A . n 
A 1 100 SER 100 188 188 SER SER A . n 
A 1 101 CYS 101 189 189 CYS CYS A . n 
A 1 102 ALA 102 190 190 ALA ALA A . n 
A 1 103 ALA 103 191 191 ALA ALA A . n 
A 1 104 ILE 104 192 192 ILE ILE A . n 
A 1 105 SER 105 193 193 SER SER A . n 
A 1 106 GLY 106 194 194 GLY GLY A . n 
A 1 107 ASP 107 195 195 ASP ASP A . n 
A 1 108 LYS 108 196 196 LYS LYS A . n 
A 1 109 VAL 109 197 197 VAL VAL A . n 
A 1 110 THR 110 198 198 THR THR A . n 
A 1 111 PHE 111 199 199 PHE PHE A . n 
A 1 112 GLU 112 200 200 GLU GLU A . n 
A 1 113 SER 113 201 201 SER SER A . n 
A 1 114 CYS 114 202 202 CYS CYS A . n 
A 1 115 ASN 115 203 203 ASN ASN A . n 
A 1 116 SER 116 204 204 SER SER A . n 
A 1 117 ASP 117 205 205 ASP ASP A . n 
A 1 118 ASN 118 206 206 ASN ASN A . n 
A 1 119 ARG 119 207 207 ARG ARG A . n 
A 1 120 TRP 120 208 208 TRP TRP A . n 
A 1 121 ILE 121 209 209 ILE ILE A . n 
A 1 122 CYS 122 210 210 CYS CYS A . n 
A 1 123 GLN 123 211 211 GLN GLN A . n 
A 1 124 LYS 124 212 212 LYS LYS A . n 
A 1 125 GLU 125 213 213 GLU GLU A . n 
A 1 126 LEU 126 214 214 LEU LEU A . n 
A 1 127 TYR 127 215 215 TYR TYR A . n 
A 1 128 HIS 128 216 ?   ?   ?   A . n 
A 1 129 GLU 129 217 ?   ?   ?   A . n 
A 1 130 THR 130 218 ?   ?   ?   A . n 
A 1 131 LEU 131 219 ?   ?   ?   A . n 
A 1 132 SER 132 220 ?   ?   ?   A . n 
A 1 133 ASN 133 221 ?   ?   ?   A . n 
A 1 134 TYR 134 222 ?   ?   ?   A . n 
A 1 135 VAL 135 223 ?   ?   ?   A . n 
A 1 136 GLY 136 224 ?   ?   ?   A . n 
A 1 137 TYR 137 225 ?   ?   ?   A . n 
A 1 138 GLY 138 226 ?   ?   ?   A . n 
A 1 139 HIS 139 227 ?   ?   ?   A . n 
# 
loop_
_pdbx_nonpoly_scheme.asym_id 
_pdbx_nonpoly_scheme.entity_id 
_pdbx_nonpoly_scheme.mon_id 
_pdbx_nonpoly_scheme.ndb_seq_num 
_pdbx_nonpoly_scheme.pdb_seq_num 
_pdbx_nonpoly_scheme.auth_seq_num 
_pdbx_nonpoly_scheme.pdb_mon_id 
_pdbx_nonpoly_scheme.auth_mon_id 
_pdbx_nonpoly_scheme.pdb_strand_id 
_pdbx_nonpoly_scheme.pdb_ins_code 
B 2 PO4 1   1111 1111 PO4 PO4 A . 
C 3 HOH 1   1000 1000 HOH HOH A . 
C 3 HOH 2   1001 1001 HOH HOH A . 
C 3 HOH 3   1002 1002 HOH HOH A . 
C 3 HOH 4   1003 1003 HOH HOH A . 
C 3 HOH 5   1004 1004 HOH HOH A . 
C 3 HOH 6   1005 1005 HOH HOH A . 
C 3 HOH 7   1006 1006 HOH HOH A . 
C 3 HOH 8   1007 1007 HOH HOH A . 
C 3 HOH 9   1008 1008 HOH HOH A . 
C 3 HOH 10  1009 1009 HOH HOH A . 
C 3 HOH 11  1010 1010 HOH HOH A . 
C 3 HOH 12  1011 1011 HOH HOH A . 
C 3 HOH 13  1012 1012 HOH HOH A . 
C 3 HOH 14  1013 1013 HOH HOH A . 
C 3 HOH 15  1014 1014 HOH HOH A . 
C 3 HOH 16  1015 1015 HOH HOH A . 
C 3 HOH 17  1016 1016 HOH HOH A . 
C 3 HOH 18  1017 1017 HOH HOH A . 
C 3 HOH 19  1018 1018 HOH HOH A . 
C 3 HOH 20  1019 1019 HOH HOH A . 
C 3 HOH 21  1020 1020 HOH HOH A . 
C 3 HOH 22  1021 1021 HOH HOH A . 
C 3 HOH 23  1022 1022 HOH HOH A . 
C 3 HOH 24  1023 1023 HOH HOH A . 
C 3 HOH 25  1024 1024 HOH HOH A . 
C 3 HOH 26  1025 1025 HOH HOH A . 
C 3 HOH 27  1026 1026 HOH HOH A . 
C 3 HOH 28  1027 1027 HOH HOH A . 
C 3 HOH 29  1028 1028 HOH HOH A . 
C 3 HOH 30  1029 1029 HOH HOH A . 
C 3 HOH 31  1030 1030 HOH HOH A . 
C 3 HOH 32  1031 1031 HOH HOH A . 
C 3 HOH 33  1032 1032 HOH HOH A . 
C 3 HOH 34  1033 1033 HOH HOH A . 
C 3 HOH 35  1034 1034 HOH HOH A . 
C 3 HOH 36  1035 1035 HOH HOH A . 
C 3 HOH 37  1036 1036 HOH HOH A . 
C 3 HOH 38  1037 1037 HOH HOH A . 
C 3 HOH 39  1038 1038 HOH HOH A . 
C 3 HOH 40  1039 1039 HOH HOH A . 
C 3 HOH 41  1040 1040 HOH HOH A . 
C 3 HOH 42  1041 1041 HOH HOH A . 
C 3 HOH 43  1042 1042 HOH HOH A . 
C 3 HOH 44  1043 1043 HOH HOH A . 
C 3 HOH 45  1044 1044 HOH HOH A . 
C 3 HOH 46  1045 1045 HOH HOH A . 
C 3 HOH 47  1046 1046 HOH HOH A . 
C 3 HOH 48  1047 1047 HOH HOH A . 
C 3 HOH 49  1048 1048 HOH HOH A . 
C 3 HOH 50  1049 1049 HOH HOH A . 
C 3 HOH 51  1050 1050 HOH HOH A . 
C 3 HOH 52  1051 1051 HOH HOH A . 
C 3 HOH 53  1052 1052 HOH HOH A . 
C 3 HOH 54  1053 1053 HOH HOH A . 
C 3 HOH 55  1054 1054 HOH HOH A . 
C 3 HOH 56  1055 1055 HOH HOH A . 
C 3 HOH 57  1056 1056 HOH HOH A . 
C 3 HOH 58  1057 1057 HOH HOH A . 
C 3 HOH 59  1058 1058 HOH HOH A . 
C 3 HOH 60  1059 1059 HOH HOH A . 
C 3 HOH 61  1060 1060 HOH HOH A . 
C 3 HOH 62  1061 1061 HOH HOH A . 
C 3 HOH 63  1062 1062 HOH HOH A . 
C 3 HOH 64  1063 1063 HOH HOH A . 
C 3 HOH 65  1064 1064 HOH HOH A . 
C 3 HOH 66  1065 1065 HOH HOH A . 
C 3 HOH 67  1066 1066 HOH HOH A . 
C 3 HOH 68  1067 1067 HOH HOH A . 
C 3 HOH 69  1068 1068 HOH HOH A . 
C 3 HOH 70  1069 1069 HOH HOH A . 
C 3 HOH 71  1070 1070 HOH HOH A . 
C 3 HOH 72  1071 1071 HOH HOH A . 
C 3 HOH 73  1072 1072 HOH HOH A . 
C 3 HOH 74  1073 1073 HOH HOH A . 
C 3 HOH 75  1074 1074 HOH HOH A . 
C 3 HOH 76  1075 1075 HOH HOH A . 
C 3 HOH 77  1076 1076 HOH HOH A . 
C 3 HOH 78  1077 1077 HOH HOH A . 
C 3 HOH 79  1078 1078 HOH HOH A . 
C 3 HOH 80  1079 1079 HOH HOH A . 
C 3 HOH 81  1080 1080 HOH HOH A . 
C 3 HOH 82  1081 1081 HOH HOH A . 
C 3 HOH 83  1082 1082 HOH HOH A . 
C 3 HOH 84  1083 1083 HOH HOH A . 
C 3 HOH 85  1084 1084 HOH HOH A . 
C 3 HOH 86  1085 1085 HOH HOH A . 
C 3 HOH 87  1086 1086 HOH HOH A . 
C 3 HOH 88  1087 1087 HOH HOH A . 
C 3 HOH 89  1088 1088 HOH HOH A . 
C 3 HOH 90  1089 1089 HOH HOH A . 
C 3 HOH 91  1090 1090 HOH HOH A . 
C 3 HOH 92  1091 1091 HOH HOH A . 
C 3 HOH 93  1092 1092 HOH HOH A . 
C 3 HOH 94  1093 1093 HOH HOH A . 
C 3 HOH 95  1094 1094 HOH HOH A . 
C 3 HOH 96  1095 1095 HOH HOH A . 
C 3 HOH 97  1096 1096 HOH HOH A . 
C 3 HOH 98  1097 1097 HOH HOH A . 
C 3 HOH 99  1098 1098 HOH HOH A . 
C 3 HOH 100 1099 1099 HOH HOH A . 
C 3 HOH 101 1100 1100 HOH HOH A . 
C 3 HOH 102 1101 1101 HOH HOH A . 
C 3 HOH 103 1102 1102 HOH HOH A . 
C 3 HOH 104 1103 1103 HOH HOH A . 
C 3 HOH 105 1104 1104 HOH HOH A . 
C 3 HOH 106 1105 1105 HOH HOH A . 
C 3 HOH 107 1106 1106 HOH HOH A . 
C 3 HOH 108 1107 1107 HOH HOH A . 
C 3 HOH 109 1108 1108 HOH HOH A . 
C 3 HOH 110 1109 1109 HOH HOH A . 
C 3 HOH 111 1110 1110 HOH HOH A . 
# 
loop_
_software.name 
_software.classification 
_software.version 
_software.citation_id 
_software.pdbx_ordinal 
MxCuBE 'data collection' .        ? 1 
BALBES phasing           .        ? 2 
REFMAC refinement        5.5.0102 ? 3 
MOSFLM 'data reduction'  .        ? 4 
SCALA  'data scaling'    .        ? 5 
# 
_cell.entry_id           3M9Z 
_cell.length_a           59.912 
_cell.length_b           59.912 
_cell.length_c           159.303 
_cell.angle_alpha        90.00 
_cell.angle_beta         90.00 
_cell.angle_gamma        90.00 
_cell.Z_PDB              16 
_cell.pdbx_unique_axis   ? 
_cell.length_a_esd       ? 
_cell.length_b_esd       ? 
_cell.length_c_esd       ? 
_cell.angle_alpha_esd    ? 
_cell.angle_beta_esd     ? 
_cell.angle_gamma_esd    ? 
# 
_symmetry.entry_id                         3M9Z 
_symmetry.space_group_name_H-M             'I 41 2 2' 
_symmetry.pdbx_full_space_group_name_H-M   ? 
_symmetry.cell_setting                     ? 
_symmetry.Int_Tables_number                98 
_symmetry.space_group_name_Hall            ? 
# 
_exptl.entry_id          3M9Z 
_exptl.method            'X-RAY DIFFRACTION' 
_exptl.crystals_number   1 
# 
_exptl_crystal.id                    1 
_exptl_crystal.density_meas          ? 
_exptl_crystal.density_Matthews      2.23 
_exptl_crystal.density_percent_sol   44.90 
_exptl_crystal.description           ? 
_exptl_crystal.F_000                 ? 
_exptl_crystal.preparation           ? 
# 
_exptl_crystal_grow.crystal_id      1 
_exptl_crystal_grow.method          'VAPOR DIFFUSION, HANGING DROP' 
_exptl_crystal_grow.temp            291 
_exptl_crystal_grow.temp_details    ? 
_exptl_crystal_grow.pH              4.2 
_exptl_crystal_grow.pdbx_details    
'0.3M Ammonium phosphate, not buffered, pH 4.2, VAPOR DIFFUSION, HANGING DROP, temperature 291K' 
_exptl_crystal_grow.pdbx_pH_range   ? 
# 
_diffrn.id                     1 
_diffrn.ambient_temp           100 
_diffrn.ambient_temp_details   ? 
_diffrn.crystal_id             1 
# 
_diffrn_detector.diffrn_id              1 
_diffrn_detector.detector               CCD 
_diffrn_detector.type                   'MARMOSAIC 225 mm CCD' 
_diffrn_detector.pdbx_collection_date   2009-05-12 
_diffrn_detector.details                'MIRRORS, Microdiffractometer MD2' 
# 
_diffrn_radiation.diffrn_id                        1 
_diffrn_radiation.wavelength_id                    1 
_diffrn_radiation.pdbx_monochromatic_or_laue_m_l   M 
_diffrn_radiation.monochromator                    'Si 111 double crystal monochromator' 
_diffrn_radiation.pdbx_diffrn_protocol             'SINGLE WAVELENGTH' 
_diffrn_radiation.pdbx_scattering_type             x-ray 
# 
_diffrn_radiation_wavelength.id           1 
_diffrn_radiation_wavelength.wavelength   0.918 
_diffrn_radiation_wavelength.wt           1.0 
# 
_diffrn_source.diffrn_id                   1 
_diffrn_source.source                      SYNCHROTRON 
_diffrn_source.type                        'BESSY BEAMLINE 14.1' 
_diffrn_source.pdbx_synchrotron_site       BESSY 
_diffrn_source.pdbx_synchrotron_beamline   14.1 
_diffrn_source.pdbx_wavelength             ? 
_diffrn_source.pdbx_wavelength_list        0.918 
# 
_reflns.entry_id                     3M9Z 
_reflns.observed_criterion_sigma_I   -999 
_reflns.observed_criterion_sigma_F   -999 
_reflns.d_resolution_low             15 
_reflns.d_resolution_high            1.7 
_reflns.number_obs                   16416 
_reflns.number_all                   ? 
_reflns.percent_possible_obs         99.7 
_reflns.pdbx_Rmerge_I_obs            0.070 
_reflns.pdbx_Rsym_value              ? 
_reflns.pdbx_netI_over_sigmaI        14.3 
_reflns.B_iso_Wilson_estimate        24.1 
_reflns.pdbx_redundancy              7.4 
_reflns.R_free_details               ? 
_reflns.limit_h_max                  ? 
_reflns.limit_h_min                  ? 
_reflns.limit_k_max                  ? 
_reflns.limit_k_min                  ? 
_reflns.limit_l_max                  ? 
_reflns.limit_l_min                  ? 
_reflns.observed_criterion_F_max     ? 
_reflns.observed_criterion_F_min     ? 
_reflns.pdbx_chi_squared             ? 
_reflns.pdbx_scaling_rejects         ? 
_reflns.pdbx_ordinal                 1 
_reflns.pdbx_diffrn_id               1 
# 
_reflns_shell.d_res_high             1.70 
_reflns_shell.d_res_low              1.79 
_reflns_shell.percent_possible_all   99.0 
_reflns_shell.Rmerge_I_obs           0.704 
_reflns_shell.pdbx_Rsym_value        ? 
_reflns_shell.meanI_over_sigI_obs    2.1 
_reflns_shell.pdbx_redundancy        5.3 
_reflns_shell.percent_possible_obs   ? 
_reflns_shell.number_unique_all      2319 
_reflns_shell.number_measured_all    ? 
_reflns_shell.number_measured_obs    ? 
_reflns_shell.number_unique_obs      ? 
_reflns_shell.pdbx_chi_squared       ? 
_reflns_shell.pdbx_ordinal           1 
_reflns_shell.pdbx_diffrn_id         1 
# 
_refine.entry_id                                 3M9Z 
_refine.ls_number_reflns_obs                     16396 
_refine.ls_number_reflns_all                     16396 
_refine.pdbx_ls_sigma_I                          ? 
_refine.pdbx_ls_sigma_F                          0 
_refine.pdbx_data_cutoff_high_absF               ? 
_refine.pdbx_data_cutoff_low_absF                ? 
_refine.pdbx_data_cutoff_high_rms_absF           ? 
_refine.ls_d_res_low                             15.00 
_refine.ls_d_res_high                            1.70 
_refine.ls_percent_reflns_obs                    99.81 
_refine.ls_R_factor_obs                          0.19696 
_refine.ls_R_factor_all                          0.19696 
_refine.ls_R_factor_R_work                       0.19481 
_refine.ls_R_factor_R_free                       0.23927 
_refine.ls_R_factor_R_free_error                 ? 
_refine.ls_R_factor_R_free_error_details         ? 
_refine.ls_percent_reflns_R_free                 5 
_refine.ls_number_reflns_R_free                  829 
_refine.ls_number_parameters                     ? 
_refine.ls_number_restraints                     ? 
_refine.occupancy_min                            ? 
_refine.occupancy_max                            ? 
_refine.correlation_coeff_Fo_to_Fc               0.958 
_refine.correlation_coeff_Fo_to_Fc_free          ? 
_refine.B_iso_mean                               23.297 
_refine.aniso_B[1][1]                            0.36 
_refine.aniso_B[2][2]                            0.36 
_refine.aniso_B[3][3]                            -0.73 
_refine.aniso_B[1][2]                            0.00 
_refine.aniso_B[1][3]                            0.00 
_refine.aniso_B[2][3]                            0.00 
_refine.solvent_model_details                    MASK 
_refine.solvent_model_param_ksol                 ? 
_refine.solvent_model_param_bsol                 ? 
_refine.pdbx_solvent_vdw_probe_radii             1.40 
_refine.pdbx_solvent_ion_probe_radii             0.80 
_refine.pdbx_solvent_shrinkage_radii             0.80 
_refine.pdbx_ls_cross_valid_method               THROUGHOUT 
_refine.details                                  'HYDROGENS HAVE BEEN ADDED IN THE RIDING POSITIONS; MAXIMUM LIKELIHOOD REFINEMENT' 
_refine.pdbx_starting_model                      'PDB ENTRY 1E87' 
_refine.pdbx_method_to_determine_struct          'MOLECULAR REPLACEMENT' 
_refine.pdbx_isotropic_thermal_model             ISOTROPIC 
_refine.pdbx_stereochemistry_target_values       'CCP4 STEREOCHEMICAL LIBRARY' 
_refine.pdbx_stereochem_target_val_spec_case     ? 
_refine.pdbx_R_Free_selection_details            RANDOM 
_refine.pdbx_overall_ESU_R                       0.104 
_refine.pdbx_overall_ESU_R_Free                  ? 
_refine.overall_SU_ML                            0.065 
_refine.overall_SU_B                             1.995 
_refine.ls_redundancy_reflns_obs                 ? 
_refine.B_iso_min                                ? 
_refine.B_iso_max                                ? 
_refine.overall_SU_R_Cruickshank_DPI             ? 
_refine.overall_SU_R_free                        ? 
_refine.ls_wR_factor_R_free                      ? 
_refine.ls_wR_factor_R_work                      ? 
_refine.overall_FOM_free_R_set                   ? 
_refine.overall_FOM_work_R_set                   ? 
_refine.pdbx_overall_phase_error                 ? 
_refine.pdbx_refine_id                           'X-RAY DIFFRACTION' 
_refine.pdbx_diffrn_id                           1 
_refine.pdbx_TLS_residual_ADP_flag               ? 
_refine.pdbx_overall_SU_R_free_Cruickshank_DPI   ? 
_refine.pdbx_overall_SU_R_Blow_DPI               ? 
_refine.pdbx_overall_SU_R_free_Blow_DPI          ? 
# 
_refine_hist.pdbx_refine_id                   'X-RAY DIFFRACTION' 
_refine_hist.cycle_id                         LAST 
_refine_hist.pdbx_number_atoms_protein        1005 
_refine_hist.pdbx_number_atoms_nucleic_acid   0 
_refine_hist.pdbx_number_atoms_ligand         5 
_refine_hist.number_atoms_solvent             111 
_refine_hist.number_atoms_total               1121 
_refine_hist.d_res_high                       1.70 
_refine_hist.d_res_low                        15.00 
# 
loop_
_refine_ls_restr.type 
_refine_ls_restr.dev_ideal 
_refine_ls_restr.dev_ideal_target 
_refine_ls_restr.weight 
_refine_ls_restr.number 
_refine_ls_restr.pdbx_refine_id 
_refine_ls_restr.pdbx_restraint_function 
r_bond_refined_d       0.019  0.021  ? 1050 'X-RAY DIFFRACTION' ? 
r_bond_other_d         0.001  0.020  ? 694  'X-RAY DIFFRACTION' ? 
r_angle_refined_deg    1.741  1.936  ? 1430 'X-RAY DIFFRACTION' ? 
r_angle_other_deg      0.920  3.000  ? 1700 'X-RAY DIFFRACTION' ? 
r_dihedral_angle_1_deg 5.928  5.000  ? 129  'X-RAY DIFFRACTION' ? 
r_dihedral_angle_2_deg 32.242 25.741 ? 54   'X-RAY DIFFRACTION' ? 
r_dihedral_angle_3_deg 15.747 15.000 ? 186  'X-RAY DIFFRACTION' ? 
r_dihedral_angle_4_deg 10.775 15.000 ? 4    'X-RAY DIFFRACTION' ? 
r_chiral_restr         0.108  0.200  ? 153  'X-RAY DIFFRACTION' ? 
r_gen_planes_refined   0.008  0.020  ? 1168 'X-RAY DIFFRACTION' ? 
r_gen_planes_other     0.001  0.020  ? 206  'X-RAY DIFFRACTION' ? 
r_mcbond_it            1.331  1.500  ? 623  'X-RAY DIFFRACTION' ? 
r_mcbond_other         0.334  1.500  ? 255  'X-RAY DIFFRACTION' ? 
r_mcangle_it           2.356  2.000  ? 1008 'X-RAY DIFFRACTION' ? 
r_scbond_it            2.649  3.000  ? 427  'X-RAY DIFFRACTION' ? 
r_scangle_it           3.833  4.500  ? 419  'X-RAY DIFFRACTION' ? 
# 
_refine_ls_shell.pdbx_total_number_of_bins_used   20 
_refine_ls_shell.d_res_high                       1.700 
_refine_ls_shell.d_res_low                        1.744 
_refine_ls_shell.number_reflns_R_work             1147 
_refine_ls_shell.R_factor_R_work                  0.326 
_refine_ls_shell.percent_reflns_obs               98.3 
_refine_ls_shell.R_factor_R_free                  0.368 
_refine_ls_shell.R_factor_R_free_error            ? 
_refine_ls_shell.percent_reflns_R_free            ? 
_refine_ls_shell.number_reflns_R_free             55 
_refine_ls_shell.number_reflns_all                ? 
_refine_ls_shell.R_factor_all                     ? 
_refine_ls_shell.number_reflns_obs                1147 
_refine_ls_shell.redundancy_reflns_obs            ? 
_refine_ls_shell.pdbx_refine_id                   'X-RAY DIFFRACTION' 
# 
_struct.entry_id                  3M9Z 
_struct.title                     'Crystal Structure of extracellular domain of mouse NKR-P1A' 
_struct.pdbx_model_details        ? 
_struct.pdbx_CASP_flag            ? 
_struct.pdbx_model_type_details   ? 
# 
_struct_keywords.entry_id        3M9Z 
_struct_keywords.pdbx_keywords   'SIGNALING PROTEIN' 
_struct_keywords.text            
;C-type lectin-like domain, domain swapping, disulfide bond, receptor, transmembrane protein, natural killer cell receptor, SIGNALING PROTEIN
;
# 
loop_
_struct_asym.id 
_struct_asym.pdbx_blank_PDB_chainid_flag 
_struct_asym.pdbx_modified 
_struct_asym.entity_id 
_struct_asym.details 
A N N 1 ? 
B N N 2 ? 
C N N 3 ? 
# 
_struct_ref.id                         1 
_struct_ref.db_name                    UNP 
_struct_ref.db_code                    KLRBA_MOUSE 
_struct_ref.pdbx_db_accession          P27811 
_struct_ref.entity_id                  1 
_struct_ref.pdbx_seq_one_letter_code   
;SAKLECPQDWLSHRDKCFHVSHVSNTWEEGLVDCDGKGATLMLIQDQEELRFLLDSIKEKYNSFWIGLRYTLPDMNWKWI
NGSTLNSDVLKITDDTENDSCAAISGDKVTFESCNSDNRWICQKELYHETLSNYVGYGH
;
_struct_ref.pdbx_align_begin           89 
_struct_ref.pdbx_db_isoform            ? 
# 
_struct_ref_seq.align_id                      1 
_struct_ref_seq.ref_id                        1 
_struct_ref_seq.pdbx_PDB_id_code              3M9Z 
_struct_ref_seq.pdbx_strand_id                A 
_struct_ref_seq.seq_align_beg                 1 
_struct_ref_seq.pdbx_seq_align_beg_ins_code   ? 
_struct_ref_seq.seq_align_end                 139 
_struct_ref_seq.pdbx_seq_align_end_ins_code   ? 
_struct_ref_seq.pdbx_db_accession             P27811 
_struct_ref_seq.db_align_beg                  89 
_struct_ref_seq.pdbx_db_align_beg_ins_code    ? 
_struct_ref_seq.db_align_end                  227 
_struct_ref_seq.pdbx_db_align_end_ins_code    ? 
_struct_ref_seq.pdbx_auth_seq_align_beg       89 
_struct_ref_seq.pdbx_auth_seq_align_end       227 
# 
loop_
_struct_ref_seq_dif.align_id 
_struct_ref_seq_dif.pdbx_pdb_id_code 
_struct_ref_seq_dif.mon_id 
_struct_ref_seq_dif.pdbx_pdb_strand_id 
_struct_ref_seq_dif.seq_num 
_struct_ref_seq_dif.pdbx_pdb_ins_code 
_struct_ref_seq_dif.pdbx_seq_db_name 
_struct_ref_seq_dif.pdbx_seq_db_accession_code 
_struct_ref_seq_dif.db_mon_id 
_struct_ref_seq_dif.pdbx_seq_db_seq_num 
_struct_ref_seq_dif.details 
_struct_ref_seq_dif.pdbx_auth_seq_num 
_struct_ref_seq_dif.pdbx_ordinal 
1 3M9Z GLN A 22 ? UNP P27811 HIS 110 variant 110 1 
1 3M9Z GLY A 94 ? UNP P27811 ASP 182 variant 182 2 
# 
_pdbx_struct_assembly.id                   1 
_pdbx_struct_assembly.details              software_defined_assembly 
_pdbx_struct_assembly.method_details       PISA 
_pdbx_struct_assembly.oligomeric_details   dimeric 
_pdbx_struct_assembly.oligomeric_count     2 
# 
loop_
_pdbx_struct_assembly_prop.biol_id 
_pdbx_struct_assembly_prop.type 
_pdbx_struct_assembly_prop.value 
_pdbx_struct_assembly_prop.details 
1 'ABSA (A^2)' 3760  ? 
1 MORE         -35   ? 
1 'SSA (A^2)'  12210 ? 
# 
_pdbx_struct_assembly_gen.assembly_id       1 
_pdbx_struct_assembly_gen.oper_expression   1,2 
_pdbx_struct_assembly_gen.asym_id_list      A,B,C 
# 
loop_
_pdbx_struct_oper_list.id 
_pdbx_struct_oper_list.type 
_pdbx_struct_oper_list.name 
_pdbx_struct_oper_list.symmetry_operation 
_pdbx_struct_oper_list.matrix[1][1] 
_pdbx_struct_oper_list.matrix[1][2] 
_pdbx_struct_oper_list.matrix[1][3] 
_pdbx_struct_oper_list.vector[1] 
_pdbx_struct_oper_list.matrix[2][1] 
_pdbx_struct_oper_list.matrix[2][2] 
_pdbx_struct_oper_list.matrix[2][3] 
_pdbx_struct_oper_list.vector[2] 
_pdbx_struct_oper_list.matrix[3][1] 
_pdbx_struct_oper_list.matrix[3][2] 
_pdbx_struct_oper_list.matrix[3][3] 
_pdbx_struct_oper_list.vector[3] 
1 'identity operation'         1_555  x,y,z       1.0000000000  0.0000000000  0.0000000000  0.0000000000  0.0000000000  1.0000000000  0.0000000000 0.0000000000  0.0000000000  0.0000000000 1.0000000000 0.0000000000 
2 'crystal symmetry operation' 10_465 -x-1,-y+1,z -0.7838747206 -0.1233846778 -0.6085364769 10.3679504189 -0.1233846778 -0.9295603978 0.3474099713 17.5178700606 -0.6085364769 0.3474099713 0.7134351184 0.1303774411 
# 
_struct_biol.id        1 
_struct_biol.details   ? 
# 
loop_
_struct_conf.conf_type_id 
_struct_conf.id 
_struct_conf.pdbx_PDB_helix_id 
_struct_conf.beg_label_comp_id 
_struct_conf.beg_label_asym_id 
_struct_conf.beg_label_seq_id 
_struct_conf.pdbx_beg_PDB_ins_code 
_struct_conf.end_label_comp_id 
_struct_conf.end_label_asym_id 
_struct_conf.end_label_seq_id 
_struct_conf.pdbx_end_PDB_ins_code 
_struct_conf.beg_auth_comp_id 
_struct_conf.beg_auth_asym_id 
_struct_conf.beg_auth_seq_id 
_struct_conf.end_auth_comp_id 
_struct_conf.end_auth_asym_id 
_struct_conf.end_auth_seq_id 
_struct_conf.pdbx_PDB_helix_class 
_struct_conf.details 
_struct_conf.pdbx_PDB_helix_length 
HELX_P HELX_P1 1 THR A 26 ? LYS A 37 ? THR A 114 LYS A 125 1 ? 12 
HELX_P HELX_P2 2 ASP A 46 ? LYS A 58 ? ASP A 134 LYS A 146 1 ? 13 
HELX_P HELX_P3 3 ASN A 86 ? LYS A 91 ? ASN A 174 LYS A 179 1 ? 6  
# 
_struct_conf_type.id          HELX_P 
_struct_conf_type.criteria    ? 
_struct_conf_type.reference   ? 
# 
loop_
_struct_conn.id 
_struct_conn.conn_type_id 
_struct_conn.pdbx_leaving_atom_flag 
_struct_conn.pdbx_PDB_id 
_struct_conn.ptnr1_label_asym_id 
_struct_conn.ptnr1_label_comp_id 
_struct_conn.ptnr1_label_seq_id 
_struct_conn.ptnr1_label_atom_id 
_struct_conn.pdbx_ptnr1_label_alt_id 
_struct_conn.pdbx_ptnr1_PDB_ins_code 
_struct_conn.pdbx_ptnr1_standard_comp_id 
_struct_conn.ptnr1_symmetry 
_struct_conn.ptnr2_label_asym_id 
_struct_conn.ptnr2_label_comp_id 
_struct_conn.ptnr2_label_seq_id 
_struct_conn.ptnr2_label_atom_id 
_struct_conn.pdbx_ptnr2_label_alt_id 
_struct_conn.pdbx_ptnr2_PDB_ins_code 
_struct_conn.ptnr1_auth_asym_id 
_struct_conn.ptnr1_auth_comp_id 
_struct_conn.ptnr1_auth_seq_id 
_struct_conn.ptnr2_auth_asym_id 
_struct_conn.ptnr2_auth_comp_id 
_struct_conn.ptnr2_auth_seq_id 
_struct_conn.ptnr2_symmetry 
_struct_conn.pdbx_ptnr3_label_atom_id 
_struct_conn.pdbx_ptnr3_label_seq_id 
_struct_conn.pdbx_ptnr3_label_comp_id 
_struct_conn.pdbx_ptnr3_label_asym_id 
_struct_conn.pdbx_ptnr3_label_alt_id 
_struct_conn.pdbx_ptnr3_PDB_ins_code 
_struct_conn.details 
_struct_conn.pdbx_dist_value 
_struct_conn.pdbx_value_order 
_struct_conn.pdbx_role 
disulf1 disulf ? ? A CYS 6   SG ? ? ? 1_555 A CYS 17  SG ? ? A CYS 94  A CYS 105 1_555 ? ? ? ? ? ? ? 2.045 ? ? 
disulf2 disulf ? ? A CYS 34  SG ? ? ? 1_555 A CYS 122 SG ? ? A CYS 122 A CYS 210 1_555 ? ? ? ? ? ? ? 2.076 ? ? 
disulf3 disulf ? ? A CYS 101 SG ? ? ? 1_555 A CYS 114 SG ? ? A CYS 189 A CYS 202 1_555 ? ? ? ? ? ? ? 2.008 ? ? 
# 
_struct_conn_type.id          disulf 
_struct_conn_type.criteria    ? 
_struct_conn_type.reference   ? 
# 
loop_
_pdbx_modification_feature.ordinal 
_pdbx_modification_feature.label_comp_id 
_pdbx_modification_feature.label_asym_id 
_pdbx_modification_feature.label_seq_id 
_pdbx_modification_feature.label_alt_id 
_pdbx_modification_feature.modified_residue_label_comp_id 
_pdbx_modification_feature.modified_residue_label_asym_id 
_pdbx_modification_feature.modified_residue_label_seq_id 
_pdbx_modification_feature.modified_residue_label_alt_id 
_pdbx_modification_feature.auth_comp_id 
_pdbx_modification_feature.auth_asym_id 
_pdbx_modification_feature.auth_seq_id 
_pdbx_modification_feature.PDB_ins_code 
_pdbx_modification_feature.symmetry 
_pdbx_modification_feature.modified_residue_auth_comp_id 
_pdbx_modification_feature.modified_residue_auth_asym_id 
_pdbx_modification_feature.modified_residue_auth_seq_id 
_pdbx_modification_feature.modified_residue_PDB_ins_code 
_pdbx_modification_feature.modified_residue_symmetry 
_pdbx_modification_feature.comp_id_linking_atom 
_pdbx_modification_feature.modified_residue_id_linking_atom 
_pdbx_modification_feature.modified_residue_id 
_pdbx_modification_feature.ref_pcm_id 
_pdbx_modification_feature.ref_comp_id 
_pdbx_modification_feature.type 
_pdbx_modification_feature.category 
1 CYS A 6   ? CYS A 17  ? CYS A 94  ? 1_555 CYS A 105 ? 1_555 SG SG . . . None 'Disulfide bridge' 
2 CYS A 34  ? CYS A 122 ? CYS A 122 ? 1_555 CYS A 210 ? 1_555 SG SG . . . None 'Disulfide bridge' 
3 CYS A 101 ? CYS A 114 ? CYS A 189 ? 1_555 CYS A 202 ? 1_555 SG SG . . . None 'Disulfide bridge' 
# 
loop_
_struct_sheet.id 
_struct_sheet.type 
_struct_sheet.number_strands 
_struct_sheet.details 
A ? 4 ? 
B ? 6 ? 
# 
loop_
_struct_sheet_order.sheet_id 
_struct_sheet_order.range_id_1 
_struct_sheet_order.range_id_2 
_struct_sheet_order.offset 
_struct_sheet_order.sense 
A 1 2 ? anti-parallel 
A 2 3 ? anti-parallel 
A 3 4 ? anti-parallel 
B 1 2 ? anti-parallel 
B 2 3 ? anti-parallel 
B 3 4 ? parallel      
B 4 5 ? anti-parallel 
B 5 6 ? anti-parallel 
# 
loop_
_struct_sheet_range.sheet_id 
_struct_sheet_range.id 
_struct_sheet_range.beg_label_comp_id 
_struct_sheet_range.beg_label_asym_id 
_struct_sheet_range.beg_label_seq_id 
_struct_sheet_range.pdbx_beg_PDB_ins_code 
_struct_sheet_range.end_label_comp_id 
_struct_sheet_range.end_label_asym_id 
_struct_sheet_range.end_label_seq_id 
_struct_sheet_range.pdbx_end_PDB_ins_code 
_struct_sheet_range.beg_auth_comp_id 
_struct_sheet_range.beg_auth_asym_id 
_struct_sheet_range.beg_auth_seq_id 
_struct_sheet_range.end_auth_comp_id 
_struct_sheet_range.end_auth_asym_id 
_struct_sheet_range.end_auth_seq_id 
A 1 LEU A 11  ? HIS A 13  ? LEU A 99  HIS A 101 
A 2 LYS A 16  ? VAL A 20  ? LYS A 104 VAL A 108 
A 3 ARG A 119 ? GLU A 125 ? ARG A 207 GLU A 213 
A 4 THR A 40  ? LEU A 41  ? THR A 128 LEU A 129 
B 1 LEU A 11  ? HIS A 13  ? LEU A 99  HIS A 101 
B 2 LYS A 16  ? VAL A 20  ? LYS A 104 VAL A 108 
B 3 ARG A 119 ? GLU A 125 ? ARG A 207 GLU A 213 
B 4 PHE A 64  ? THR A 71  ? PHE A 152 THR A 159 
B 5 ASP A 99  ? SER A 105 ? ASP A 187 SER A 193 
B 6 LYS A 108 ? SER A 113 ? LYS A 196 SER A 201 
# 
loop_
_pdbx_struct_sheet_hbond.sheet_id 
_pdbx_struct_sheet_hbond.range_id_1 
_pdbx_struct_sheet_hbond.range_id_2 
_pdbx_struct_sheet_hbond.range_1_label_atom_id 
_pdbx_struct_sheet_hbond.range_1_label_comp_id 
_pdbx_struct_sheet_hbond.range_1_label_asym_id 
_pdbx_struct_sheet_hbond.range_1_label_seq_id 
_pdbx_struct_sheet_hbond.range_1_PDB_ins_code 
_pdbx_struct_sheet_hbond.range_1_auth_atom_id 
_pdbx_struct_sheet_hbond.range_1_auth_comp_id 
_pdbx_struct_sheet_hbond.range_1_auth_asym_id 
_pdbx_struct_sheet_hbond.range_1_auth_seq_id 
_pdbx_struct_sheet_hbond.range_2_label_atom_id 
_pdbx_struct_sheet_hbond.range_2_label_comp_id 
_pdbx_struct_sheet_hbond.range_2_label_asym_id 
_pdbx_struct_sheet_hbond.range_2_label_seq_id 
_pdbx_struct_sheet_hbond.range_2_PDB_ins_code 
_pdbx_struct_sheet_hbond.range_2_auth_atom_id 
_pdbx_struct_sheet_hbond.range_2_auth_comp_id 
_pdbx_struct_sheet_hbond.range_2_auth_asym_id 
_pdbx_struct_sheet_hbond.range_2_auth_seq_id 
A 1 2 N LEU A 11  ? N LEU A 99  O PHE A 18  ? O PHE A 106 
A 2 3 N HIS A 19  ? N HIS A 107 O CYS A 122 ? O CYS A 210 
A 3 4 O GLN A 123 ? O GLN A 211 N THR A 40  ? N THR A 128 
B 1 2 N LEU A 11  ? N LEU A 99  O PHE A 18  ? O PHE A 106 
B 2 3 N HIS A 19  ? N HIS A 107 O CYS A 122 ? O CYS A 210 
B 3 4 O ARG A 119 ? O ARG A 207 N TRP A 65  ? N TRP A 153 
B 4 5 N LEU A 68  ? N LEU A 156 O ALA A 102 ? O ALA A 190 
B 5 6 N SER A 105 ? N SER A 193 O LYS A 108 ? O LYS A 196 
# 
_struct_site.id                   AC1 
_struct_site.pdbx_evidence_code   Software 
_struct_site.pdbx_auth_asym_id    A 
_struct_site.pdbx_auth_comp_id    PO4 
_struct_site.pdbx_auth_seq_id     1111 
_struct_site.pdbx_auth_ins_code   ? 
_struct_site.pdbx_num_residues    10 
_struct_site.details              'BINDING SITE FOR RESIDUE PO4 A 1111' 
# 
loop_
_struct_site_gen.id 
_struct_site_gen.site_id 
_struct_site_gen.pdbx_num_res 
_struct_site_gen.label_comp_id 
_struct_site_gen.label_asym_id 
_struct_site_gen.label_seq_id 
_struct_site_gen.pdbx_auth_ins_code 
_struct_site_gen.auth_comp_id 
_struct_site_gen.auth_asym_id 
_struct_site_gen.auth_seq_id 
_struct_site_gen.label_atom_id 
_struct_site_gen.label_alt_id 
_struct_site_gen.symmetry 
_struct_site_gen.details 
1  AC1 10 HIS A 19 ? HIS A 107  . ? 1_555 ? 
2  AC1 10 SER A 21 ? SER A 109  . ? 1_555 ? 
3  AC1 10 GLN A 22 ? GLN A 110  . ? 1_555 ? 
4  AC1 10 LYS A 37 ? LYS A 125  . ? 1_555 ? 
5  AC1 10 HOH C .  ? HOH A 1009 . ? 1_555 ? 
6  AC1 10 HOH C .  ? HOH A 1012 . ? 1_555 ? 
7  AC1 10 HOH C .  ? HOH A 1022 . ? 1_555 ? 
8  AC1 10 HOH C .  ? HOH A 1048 . ? 8_555 ? 
9  AC1 10 HOH C .  ? HOH A 1050 . ? 1_555 ? 
10 AC1 10 HOH C .  ? HOH A 1107 . ? 8_555 ? 
# 
_pdbx_entry_details.entry_id                   3M9Z 
_pdbx_entry_details.compound_details           ? 
_pdbx_entry_details.source_details             ? 
_pdbx_entry_details.nonpolymer_details         ? 
_pdbx_entry_details.sequence_details           ? 
_pdbx_entry_details.has_ligand_of_interest     ? 
_pdbx_entry_details.has_protein_modification   Y 
# 
loop_
_pdbx_validate_torsion.id 
_pdbx_validate_torsion.PDB_model_num 
_pdbx_validate_torsion.auth_comp_id 
_pdbx_validate_torsion.auth_asym_id 
_pdbx_validate_torsion.auth_seq_id 
_pdbx_validate_torsion.PDB_ins_code 
_pdbx_validate_torsion.label_alt_id 
_pdbx_validate_torsion.phi 
_pdbx_validate_torsion.psi 
1 1 ASP A 97  ? ? 81.56  2.51    
2 1 ARG A 102 ? ? 49.55  -124.00 
3 1 ASP A 162 ? ? -38.15 133.75  
# 
loop_
_pdbx_struct_special_symmetry.id 
_pdbx_struct_special_symmetry.PDB_model_num 
_pdbx_struct_special_symmetry.auth_asym_id 
_pdbx_struct_special_symmetry.auth_comp_id 
_pdbx_struct_special_symmetry.auth_seq_id 
_pdbx_struct_special_symmetry.PDB_ins_code 
_pdbx_struct_special_symmetry.label_asym_id 
_pdbx_struct_special_symmetry.label_comp_id 
_pdbx_struct_special_symmetry.label_seq_id 
1 1 A HOH 1002 ? C HOH . 
2 1 A HOH 1105 ? C HOH . 
# 
loop_
_pdbx_unobs_or_zero_occ_residues.id 
_pdbx_unobs_or_zero_occ_residues.PDB_model_num 
_pdbx_unobs_or_zero_occ_residues.polymer_flag 
_pdbx_unobs_or_zero_occ_residues.occupancy_flag 
_pdbx_unobs_or_zero_occ_residues.auth_asym_id 
_pdbx_unobs_or_zero_occ_residues.auth_comp_id 
_pdbx_unobs_or_zero_occ_residues.auth_seq_id 
_pdbx_unobs_or_zero_occ_residues.PDB_ins_code 
_pdbx_unobs_or_zero_occ_residues.label_asym_id 
_pdbx_unobs_or_zero_occ_residues.label_comp_id 
_pdbx_unobs_or_zero_occ_residues.label_seq_id 
1  1 Y 1 A SER 89  ? A SER 1   
2  1 Y 1 A ALA 90  ? A ALA 2   
3  1 Y 1 A LYS 91  ? A LYS 3   
4  1 Y 1 A HIS 216 ? A HIS 128 
5  1 Y 1 A GLU 217 ? A GLU 129 
6  1 Y 1 A THR 218 ? A THR 130 
7  1 Y 1 A LEU 219 ? A LEU 131 
8  1 Y 1 A SER 220 ? A SER 132 
9  1 Y 1 A ASN 221 ? A ASN 133 
10 1 Y 1 A TYR 222 ? A TYR 134 
11 1 Y 1 A VAL 223 ? A VAL 135 
12 1 Y 1 A GLY 224 ? A GLY 136 
13 1 Y 1 A TYR 225 ? A TYR 137 
14 1 Y 1 A GLY 226 ? A GLY 138 
15 1 Y 1 A HIS 227 ? A HIS 139 
# 
loop_
_chem_comp_atom.comp_id 
_chem_comp_atom.atom_id 
_chem_comp_atom.type_symbol 
_chem_comp_atom.pdbx_aromatic_flag 
_chem_comp_atom.pdbx_stereo_config 
_chem_comp_atom.pdbx_ordinal 
ALA N    N N N 1   
ALA CA   C N S 2   
ALA C    C N N 3   
ALA O    O N N 4   
ALA CB   C N N 5   
ALA OXT  O N N 6   
ALA H    H N N 7   
ALA H2   H N N 8   
ALA HA   H N N 9   
ALA HB1  H N N 10  
ALA HB2  H N N 11  
ALA HB3  H N N 12  
ALA HXT  H N N 13  
ARG N    N N N 14  
ARG CA   C N S 15  
ARG C    C N N 16  
ARG O    O N N 17  
ARG CB   C N N 18  
ARG CG   C N N 19  
ARG CD   C N N 20  
ARG NE   N N N 21  
ARG CZ   C N N 22  
ARG NH1  N N N 23  
ARG NH2  N N N 24  
ARG OXT  O N N 25  
ARG H    H N N 26  
ARG H2   H N N 27  
ARG HA   H N N 28  
ARG HB2  H N N 29  
ARG HB3  H N N 30  
ARG HG2  H N N 31  
ARG HG3  H N N 32  
ARG HD2  H N N 33  
ARG HD3  H N N 34  
ARG HE   H N N 35  
ARG HH11 H N N 36  
ARG HH12 H N N 37  
ARG HH21 H N N 38  
ARG HH22 H N N 39  
ARG HXT  H N N 40  
ASN N    N N N 41  
ASN CA   C N S 42  
ASN C    C N N 43  
ASN O    O N N 44  
ASN CB   C N N 45  
ASN CG   C N N 46  
ASN OD1  O N N 47  
ASN ND2  N N N 48  
ASN OXT  O N N 49  
ASN H    H N N 50  
ASN H2   H N N 51  
ASN HA   H N N 52  
ASN HB2  H N N 53  
ASN HB3  H N N 54  
ASN HD21 H N N 55  
ASN HD22 H N N 56  
ASN HXT  H N N 57  
ASP N    N N N 58  
ASP CA   C N S 59  
ASP C    C N N 60  
ASP O    O N N 61  
ASP CB   C N N 62  
ASP CG   C N N 63  
ASP OD1  O N N 64  
ASP OD2  O N N 65  
ASP OXT  O N N 66  
ASP H    H N N 67  
ASP H2   H N N 68  
ASP HA   H N N 69  
ASP HB2  H N N 70  
ASP HB3  H N N 71  
ASP HD2  H N N 72  
ASP HXT  H N N 73  
CYS N    N N N 74  
CYS CA   C N R 75  
CYS C    C N N 76  
CYS O    O N N 77  
CYS CB   C N N 78  
CYS SG   S N N 79  
CYS OXT  O N N 80  
CYS H    H N N 81  
CYS H2   H N N 82  
CYS HA   H N N 83  
CYS HB2  H N N 84  
CYS HB3  H N N 85  
CYS HG   H N N 86  
CYS HXT  H N N 87  
GLN N    N N N 88  
GLN CA   C N S 89  
GLN C    C N N 90  
GLN O    O N N 91  
GLN CB   C N N 92  
GLN CG   C N N 93  
GLN CD   C N N 94  
GLN OE1  O N N 95  
GLN NE2  N N N 96  
GLN OXT  O N N 97  
GLN H    H N N 98  
GLN H2   H N N 99  
GLN HA   H N N 100 
GLN HB2  H N N 101 
GLN HB3  H N N 102 
GLN HG2  H N N 103 
GLN HG3  H N N 104 
GLN HE21 H N N 105 
GLN HE22 H N N 106 
GLN HXT  H N N 107 
GLU N    N N N 108 
GLU CA   C N S 109 
GLU C    C N N 110 
GLU O    O N N 111 
GLU CB   C N N 112 
GLU CG   C N N 113 
GLU CD   C N N 114 
GLU OE1  O N N 115 
GLU OE2  O N N 116 
GLU OXT  O N N 117 
GLU H    H N N 118 
GLU H2   H N N 119 
GLU HA   H N N 120 
GLU HB2  H N N 121 
GLU HB3  H N N 122 
GLU HG2  H N N 123 
GLU HG3  H N N 124 
GLU HE2  H N N 125 
GLU HXT  H N N 126 
GLY N    N N N 127 
GLY CA   C N N 128 
GLY C    C N N 129 
GLY O    O N N 130 
GLY OXT  O N N 131 
GLY H    H N N 132 
GLY H2   H N N 133 
GLY HA2  H N N 134 
GLY HA3  H N N 135 
GLY HXT  H N N 136 
HIS N    N N N 137 
HIS CA   C N S 138 
HIS C    C N N 139 
HIS O    O N N 140 
HIS CB   C N N 141 
HIS CG   C Y N 142 
HIS ND1  N Y N 143 
HIS CD2  C Y N 144 
HIS CE1  C Y N 145 
HIS NE2  N Y N 146 
HIS OXT  O N N 147 
HIS H    H N N 148 
HIS H2   H N N 149 
HIS HA   H N N 150 
HIS HB2  H N N 151 
HIS HB3  H N N 152 
HIS HD1  H N N 153 
HIS HD2  H N N 154 
HIS HE1  H N N 155 
HIS HE2  H N N 156 
HIS HXT  H N N 157 
HOH O    O N N 158 
HOH H1   H N N 159 
HOH H2   H N N 160 
ILE N    N N N 161 
ILE CA   C N S 162 
ILE C    C N N 163 
ILE O    O N N 164 
ILE CB   C N S 165 
ILE CG1  C N N 166 
ILE CG2  C N N 167 
ILE CD1  C N N 168 
ILE OXT  O N N 169 
ILE H    H N N 170 
ILE H2   H N N 171 
ILE HA   H N N 172 
ILE HB   H N N 173 
ILE HG12 H N N 174 
ILE HG13 H N N 175 
ILE HG21 H N N 176 
ILE HG22 H N N 177 
ILE HG23 H N N 178 
ILE HD11 H N N 179 
ILE HD12 H N N 180 
ILE HD13 H N N 181 
ILE HXT  H N N 182 
LEU N    N N N 183 
LEU CA   C N S 184 
LEU C    C N N 185 
LEU O    O N N 186 
LEU CB   C N N 187 
LEU CG   C N N 188 
LEU CD1  C N N 189 
LEU CD2  C N N 190 
LEU OXT  O N N 191 
LEU H    H N N 192 
LEU H2   H N N 193 
LEU HA   H N N 194 
LEU HB2  H N N 195 
LEU HB3  H N N 196 
LEU HG   H N N 197 
LEU HD11 H N N 198 
LEU HD12 H N N 199 
LEU HD13 H N N 200 
LEU HD21 H N N 201 
LEU HD22 H N N 202 
LEU HD23 H N N 203 
LEU HXT  H N N 204 
LYS N    N N N 205 
LYS CA   C N S 206 
LYS C    C N N 207 
LYS O    O N N 208 
LYS CB   C N N 209 
LYS CG   C N N 210 
LYS CD   C N N 211 
LYS CE   C N N 212 
LYS NZ   N N N 213 
LYS OXT  O N N 214 
LYS H    H N N 215 
LYS H2   H N N 216 
LYS HA   H N N 217 
LYS HB2  H N N 218 
LYS HB3  H N N 219 
LYS HG2  H N N 220 
LYS HG3  H N N 221 
LYS HD2  H N N 222 
LYS HD3  H N N 223 
LYS HE2  H N N 224 
LYS HE3  H N N 225 
LYS HZ1  H N N 226 
LYS HZ2  H N N 227 
LYS HZ3  H N N 228 
LYS HXT  H N N 229 
MET N    N N N 230 
MET CA   C N S 231 
MET C    C N N 232 
MET O    O N N 233 
MET CB   C N N 234 
MET CG   C N N 235 
MET SD   S N N 236 
MET CE   C N N 237 
MET OXT  O N N 238 
MET H    H N N 239 
MET H2   H N N 240 
MET HA   H N N 241 
MET HB2  H N N 242 
MET HB3  H N N 243 
MET HG2  H N N 244 
MET HG3  H N N 245 
MET HE1  H N N 246 
MET HE2  H N N 247 
MET HE3  H N N 248 
MET HXT  H N N 249 
PHE N    N N N 250 
PHE CA   C N S 251 
PHE C    C N N 252 
PHE O    O N N 253 
PHE CB   C N N 254 
PHE CG   C Y N 255 
PHE CD1  C Y N 256 
PHE CD2  C Y N 257 
PHE CE1  C Y N 258 
PHE CE2  C Y N 259 
PHE CZ   C Y N 260 
PHE OXT  O N N 261 
PHE H    H N N 262 
PHE H2   H N N 263 
PHE HA   H N N 264 
PHE HB2  H N N 265 
PHE HB3  H N N 266 
PHE HD1  H N N 267 
PHE HD2  H N N 268 
PHE HE1  H N N 269 
PHE HE2  H N N 270 
PHE HZ   H N N 271 
PHE HXT  H N N 272 
PO4 P    P N N 273 
PO4 O1   O N N 274 
PO4 O2   O N N 275 
PO4 O3   O N N 276 
PO4 O4   O N N 277 
PRO N    N N N 278 
PRO CA   C N S 279 
PRO C    C N N 280 
PRO O    O N N 281 
PRO CB   C N N 282 
PRO CG   C N N 283 
PRO CD   C N N 284 
PRO OXT  O N N 285 
PRO H    H N N 286 
PRO HA   H N N 287 
PRO HB2  H N N 288 
PRO HB3  H N N 289 
PRO HG2  H N N 290 
PRO HG3  H N N 291 
PRO HD2  H N N 292 
PRO HD3  H N N 293 
PRO HXT  H N N 294 
SER N    N N N 295 
SER CA   C N S 296 
SER C    C N N 297 
SER O    O N N 298 
SER CB   C N N 299 
SER OG   O N N 300 
SER OXT  O N N 301 
SER H    H N N 302 
SER H2   H N N 303 
SER HA   H N N 304 
SER HB2  H N N 305 
SER HB3  H N N 306 
SER HG   H N N 307 
SER HXT  H N N 308 
THR N    N N N 309 
THR CA   C N S 310 
THR C    C N N 311 
THR O    O N N 312 
THR CB   C N R 313 
THR OG1  O N N 314 
THR CG2  C N N 315 
THR OXT  O N N 316 
THR H    H N N 317 
THR H2   H N N 318 
THR HA   H N N 319 
THR HB   H N N 320 
THR HG1  H N N 321 
THR HG21 H N N 322 
THR HG22 H N N 323 
THR HG23 H N N 324 
THR HXT  H N N 325 
TRP N    N N N 326 
TRP CA   C N S 327 
TRP C    C N N 328 
TRP O    O N N 329 
TRP CB   C N N 330 
TRP CG   C Y N 331 
TRP CD1  C Y N 332 
TRP CD2  C Y N 333 
TRP NE1  N Y N 334 
TRP CE2  C Y N 335 
TRP CE3  C Y N 336 
TRP CZ2  C Y N 337 
TRP CZ3  C Y N 338 
TRP CH2  C Y N 339 
TRP OXT  O N N 340 
TRP H    H N N 341 
TRP H2   H N N 342 
TRP HA   H N N 343 
TRP HB2  H N N 344 
TRP HB3  H N N 345 
TRP HD1  H N N 346 
TRP HE1  H N N 347 
TRP HE3  H N N 348 
TRP HZ2  H N N 349 
TRP HZ3  H N N 350 
TRP HH2  H N N 351 
TRP HXT  H N N 352 
TYR N    N N N 353 
TYR CA   C N S 354 
TYR C    C N N 355 
TYR O    O N N 356 
TYR CB   C N N 357 
TYR CG   C Y N 358 
TYR CD1  C Y N 359 
TYR CD2  C Y N 360 
TYR CE1  C Y N 361 
TYR CE2  C Y N 362 
TYR CZ   C Y N 363 
TYR OH   O N N 364 
TYR OXT  O N N 365 
TYR H    H N N 366 
TYR H2   H N N 367 
TYR HA   H N N 368 
TYR HB2  H N N 369 
TYR HB3  H N N 370 
TYR HD1  H N N 371 
TYR HD2  H N N 372 
TYR HE1  H N N 373 
TYR HE2  H N N 374 
TYR HH   H N N 375 
TYR HXT  H N N 376 
VAL N    N N N 377 
VAL CA   C N S 378 
VAL C    C N N 379 
VAL O    O N N 380 
VAL CB   C N N 381 
VAL CG1  C N N 382 
VAL CG2  C N N 383 
VAL OXT  O N N 384 
VAL H    H N N 385 
VAL H2   H N N 386 
VAL HA   H N N 387 
VAL HB   H N N 388 
VAL HG11 H N N 389 
VAL HG12 H N N 390 
VAL HG13 H N N 391 
VAL HG21 H N N 392 
VAL HG22 H N N 393 
VAL HG23 H N N 394 
VAL HXT  H N N 395 
# 
loop_
_chem_comp_bond.comp_id 
_chem_comp_bond.atom_id_1 
_chem_comp_bond.atom_id_2 
_chem_comp_bond.value_order 
_chem_comp_bond.pdbx_aromatic_flag 
_chem_comp_bond.pdbx_stereo_config 
_chem_comp_bond.pdbx_ordinal 
ALA N   CA   sing N N 1   
ALA N   H    sing N N 2   
ALA N   H2   sing N N 3   
ALA CA  C    sing N N 4   
ALA CA  CB   sing N N 5   
ALA CA  HA   sing N N 6   
ALA C   O    doub N N 7   
ALA C   OXT  sing N N 8   
ALA CB  HB1  sing N N 9   
ALA CB  HB2  sing N N 10  
ALA CB  HB3  sing N N 11  
ALA OXT HXT  sing N N 12  
ARG N   CA   sing N N 13  
ARG N   H    sing N N 14  
ARG N   H2   sing N N 15  
ARG CA  C    sing N N 16  
ARG CA  CB   sing N N 17  
ARG CA  HA   sing N N 18  
ARG C   O    doub N N 19  
ARG C   OXT  sing N N 20  
ARG CB  CG   sing N N 21  
ARG CB  HB2  sing N N 22  
ARG CB  HB3  sing N N 23  
ARG CG  CD   sing N N 24  
ARG CG  HG2  sing N N 25  
ARG CG  HG3  sing N N 26  
ARG CD  NE   sing N N 27  
ARG CD  HD2  sing N N 28  
ARG CD  HD3  sing N N 29  
ARG NE  CZ   sing N N 30  
ARG NE  HE   sing N N 31  
ARG CZ  NH1  sing N N 32  
ARG CZ  NH2  doub N N 33  
ARG NH1 HH11 sing N N 34  
ARG NH1 HH12 sing N N 35  
ARG NH2 HH21 sing N N 36  
ARG NH2 HH22 sing N N 37  
ARG OXT HXT  sing N N 38  
ASN N   CA   sing N N 39  
ASN N   H    sing N N 40  
ASN N   H2   sing N N 41  
ASN CA  C    sing N N 42  
ASN CA  CB   sing N N 43  
ASN CA  HA   sing N N 44  
ASN C   O    doub N N 45  
ASN C   OXT  sing N N 46  
ASN CB  CG   sing N N 47  
ASN CB  HB2  sing N N 48  
ASN CB  HB3  sing N N 49  
ASN CG  OD1  doub N N 50  
ASN CG  ND2  sing N N 51  
ASN ND2 HD21 sing N N 52  
ASN ND2 HD22 sing N N 53  
ASN OXT HXT  sing N N 54  
ASP N   CA   sing N N 55  
ASP N   H    sing N N 56  
ASP N   H2   sing N N 57  
ASP CA  C    sing N N 58  
ASP CA  CB   sing N N 59  
ASP CA  HA   sing N N 60  
ASP C   O    doub N N 61  
ASP C   OXT  sing N N 62  
ASP CB  CG   sing N N 63  
ASP CB  HB2  sing N N 64  
ASP CB  HB3  sing N N 65  
ASP CG  OD1  doub N N 66  
ASP CG  OD2  sing N N 67  
ASP OD2 HD2  sing N N 68  
ASP OXT HXT  sing N N 69  
CYS N   CA   sing N N 70  
CYS N   H    sing N N 71  
CYS N   H2   sing N N 72  
CYS CA  C    sing N N 73  
CYS CA  CB   sing N N 74  
CYS CA  HA   sing N N 75  
CYS C   O    doub N N 76  
CYS C   OXT  sing N N 77  
CYS CB  SG   sing N N 78  
CYS CB  HB2  sing N N 79  
CYS CB  HB3  sing N N 80  
CYS SG  HG   sing N N 81  
CYS OXT HXT  sing N N 82  
GLN N   CA   sing N N 83  
GLN N   H    sing N N 84  
GLN N   H2   sing N N 85  
GLN CA  C    sing N N 86  
GLN CA  CB   sing N N 87  
GLN CA  HA   sing N N 88  
GLN C   O    doub N N 89  
GLN C   OXT  sing N N 90  
GLN CB  CG   sing N N 91  
GLN CB  HB2  sing N N 92  
GLN CB  HB3  sing N N 93  
GLN CG  CD   sing N N 94  
GLN CG  HG2  sing N N 95  
GLN CG  HG3  sing N N 96  
GLN CD  OE1  doub N N 97  
GLN CD  NE2  sing N N 98  
GLN NE2 HE21 sing N N 99  
GLN NE2 HE22 sing N N 100 
GLN OXT HXT  sing N N 101 
GLU N   CA   sing N N 102 
GLU N   H    sing N N 103 
GLU N   H2   sing N N 104 
GLU CA  C    sing N N 105 
GLU CA  CB   sing N N 106 
GLU CA  HA   sing N N 107 
GLU C   O    doub N N 108 
GLU C   OXT  sing N N 109 
GLU CB  CG   sing N N 110 
GLU CB  HB2  sing N N 111 
GLU CB  HB3  sing N N 112 
GLU CG  CD   sing N N 113 
GLU CG  HG2  sing N N 114 
GLU CG  HG3  sing N N 115 
GLU CD  OE1  doub N N 116 
GLU CD  OE2  sing N N 117 
GLU OE2 HE2  sing N N 118 
GLU OXT HXT  sing N N 119 
GLY N   CA   sing N N 120 
GLY N   H    sing N N 121 
GLY N   H2   sing N N 122 
GLY CA  C    sing N N 123 
GLY CA  HA2  sing N N 124 
GLY CA  HA3  sing N N 125 
GLY C   O    doub N N 126 
GLY C   OXT  sing N N 127 
GLY OXT HXT  sing N N 128 
HIS N   CA   sing N N 129 
HIS N   H    sing N N 130 
HIS N   H2   sing N N 131 
HIS CA  C    sing N N 132 
HIS CA  CB   sing N N 133 
HIS CA  HA   sing N N 134 
HIS C   O    doub N N 135 
HIS C   OXT  sing N N 136 
HIS CB  CG   sing N N 137 
HIS CB  HB2  sing N N 138 
HIS CB  HB3  sing N N 139 
HIS CG  ND1  sing Y N 140 
HIS CG  CD2  doub Y N 141 
HIS ND1 CE1  doub Y N 142 
HIS ND1 HD1  sing N N 143 
HIS CD2 NE2  sing Y N 144 
HIS CD2 HD2  sing N N 145 
HIS CE1 NE2  sing Y N 146 
HIS CE1 HE1  sing N N 147 
HIS NE2 HE2  sing N N 148 
HIS OXT HXT  sing N N 149 
HOH O   H1   sing N N 150 
HOH O   H2   sing N N 151 
ILE N   CA   sing N N 152 
ILE N   H    sing N N 153 
ILE N   H2   sing N N 154 
ILE CA  C    sing N N 155 
ILE CA  CB   sing N N 156 
ILE CA  HA   sing N N 157 
ILE C   O    doub N N 158 
ILE C   OXT  sing N N 159 
ILE CB  CG1  sing N N 160 
ILE CB  CG2  sing N N 161 
ILE CB  HB   sing N N 162 
ILE CG1 CD1  sing N N 163 
ILE CG1 HG12 sing N N 164 
ILE CG1 HG13 sing N N 165 
ILE CG2 HG21 sing N N 166 
ILE CG2 HG22 sing N N 167 
ILE CG2 HG23 sing N N 168 
ILE CD1 HD11 sing N N 169 
ILE CD1 HD12 sing N N 170 
ILE CD1 HD13 sing N N 171 
ILE OXT HXT  sing N N 172 
LEU N   CA   sing N N 173 
LEU N   H    sing N N 174 
LEU N   H2   sing N N 175 
LEU CA  C    sing N N 176 
LEU CA  CB   sing N N 177 
LEU CA  HA   sing N N 178 
LEU C   O    doub N N 179 
LEU C   OXT  sing N N 180 
LEU CB  CG   sing N N 181 
LEU CB  HB2  sing N N 182 
LEU CB  HB3  sing N N 183 
LEU CG  CD1  sing N N 184 
LEU CG  CD2  sing N N 185 
LEU CG  HG   sing N N 186 
LEU CD1 HD11 sing N N 187 
LEU CD1 HD12 sing N N 188 
LEU CD1 HD13 sing N N 189 
LEU CD2 HD21 sing N N 190 
LEU CD2 HD22 sing N N 191 
LEU CD2 HD23 sing N N 192 
LEU OXT HXT  sing N N 193 
LYS N   CA   sing N N 194 
LYS N   H    sing N N 195 
LYS N   H2   sing N N 196 
LYS CA  C    sing N N 197 
LYS CA  CB   sing N N 198 
LYS CA  HA   sing N N 199 
LYS C   O    doub N N 200 
LYS C   OXT  sing N N 201 
LYS CB  CG   sing N N 202 
LYS CB  HB2  sing N N 203 
LYS CB  HB3  sing N N 204 
LYS CG  CD   sing N N 205 
LYS CG  HG2  sing N N 206 
LYS CG  HG3  sing N N 207 
LYS CD  CE   sing N N 208 
LYS CD  HD2  sing N N 209 
LYS CD  HD3  sing N N 210 
LYS CE  NZ   sing N N 211 
LYS CE  HE2  sing N N 212 
LYS CE  HE3  sing N N 213 
LYS NZ  HZ1  sing N N 214 
LYS NZ  HZ2  sing N N 215 
LYS NZ  HZ3  sing N N 216 
LYS OXT HXT  sing N N 217 
MET N   CA   sing N N 218 
MET N   H    sing N N 219 
MET N   H2   sing N N 220 
MET CA  C    sing N N 221 
MET CA  CB   sing N N 222 
MET CA  HA   sing N N 223 
MET C   O    doub N N 224 
MET C   OXT  sing N N 225 
MET CB  CG   sing N N 226 
MET CB  HB2  sing N N 227 
MET CB  HB3  sing N N 228 
MET CG  SD   sing N N 229 
MET CG  HG2  sing N N 230 
MET CG  HG3  sing N N 231 
MET SD  CE   sing N N 232 
MET CE  HE1  sing N N 233 
MET CE  HE2  sing N N 234 
MET CE  HE3  sing N N 235 
MET OXT HXT  sing N N 236 
PHE N   CA   sing N N 237 
PHE N   H    sing N N 238 
PHE N   H2   sing N N 239 
PHE CA  C    sing N N 240 
PHE CA  CB   sing N N 241 
PHE CA  HA   sing N N 242 
PHE C   O    doub N N 243 
PHE C   OXT  sing N N 244 
PHE CB  CG   sing N N 245 
PHE CB  HB2  sing N N 246 
PHE CB  HB3  sing N N 247 
PHE CG  CD1  doub Y N 248 
PHE CG  CD2  sing Y N 249 
PHE CD1 CE1  sing Y N 250 
PHE CD1 HD1  sing N N 251 
PHE CD2 CE2  doub Y N 252 
PHE CD2 HD2  sing N N 253 
PHE CE1 CZ   doub Y N 254 
PHE CE1 HE1  sing N N 255 
PHE CE2 CZ   sing Y N 256 
PHE CE2 HE2  sing N N 257 
PHE CZ  HZ   sing N N 258 
PHE OXT HXT  sing N N 259 
PO4 P   O1   doub N N 260 
PO4 P   O2   sing N N 261 
PO4 P   O3   sing N N 262 
PO4 P   O4   sing N N 263 
PRO N   CA   sing N N 264 
PRO N   CD   sing N N 265 
PRO N   H    sing N N 266 
PRO CA  C    sing N N 267 
PRO CA  CB   sing N N 268 
PRO CA  HA   sing N N 269 
PRO C   O    doub N N 270 
PRO C   OXT  sing N N 271 
PRO CB  CG   sing N N 272 
PRO CB  HB2  sing N N 273 
PRO CB  HB3  sing N N 274 
PRO CG  CD   sing N N 275 
PRO CG  HG2  sing N N 276 
PRO CG  HG3  sing N N 277 
PRO CD  HD2  sing N N 278 
PRO CD  HD3  sing N N 279 
PRO OXT HXT  sing N N 280 
SER N   CA   sing N N 281 
SER N   H    sing N N 282 
SER N   H2   sing N N 283 
SER CA  C    sing N N 284 
SER CA  CB   sing N N 285 
SER CA  HA   sing N N 286 
SER C   O    doub N N 287 
SER C   OXT  sing N N 288 
SER CB  OG   sing N N 289 
SER CB  HB2  sing N N 290 
SER CB  HB3  sing N N 291 
SER OG  HG   sing N N 292 
SER OXT HXT  sing N N 293 
THR N   CA   sing N N 294 
THR N   H    sing N N 295 
THR N   H2   sing N N 296 
THR CA  C    sing N N 297 
THR CA  CB   sing N N 298 
THR CA  HA   sing N N 299 
THR C   O    doub N N 300 
THR C   OXT  sing N N 301 
THR CB  OG1  sing N N 302 
THR CB  CG2  sing N N 303 
THR CB  HB   sing N N 304 
THR OG1 HG1  sing N N 305 
THR CG2 HG21 sing N N 306 
THR CG2 HG22 sing N N 307 
THR CG2 HG23 sing N N 308 
THR OXT HXT  sing N N 309 
TRP N   CA   sing N N 310 
TRP N   H    sing N N 311 
TRP N   H2   sing N N 312 
TRP CA  C    sing N N 313 
TRP CA  CB   sing N N 314 
TRP CA  HA   sing N N 315 
TRP C   O    doub N N 316 
TRP C   OXT  sing N N 317 
TRP CB  CG   sing N N 318 
TRP CB  HB2  sing N N 319 
TRP CB  HB3  sing N N 320 
TRP CG  CD1  doub Y N 321 
TRP CG  CD2  sing Y N 322 
TRP CD1 NE1  sing Y N 323 
TRP CD1 HD1  sing N N 324 
TRP CD2 CE2  doub Y N 325 
TRP CD2 CE3  sing Y N 326 
TRP NE1 CE2  sing Y N 327 
TRP NE1 HE1  sing N N 328 
TRP CE2 CZ2  sing Y N 329 
TRP CE3 CZ3  doub Y N 330 
TRP CE3 HE3  sing N N 331 
TRP CZ2 CH2  doub Y N 332 
TRP CZ2 HZ2  sing N N 333 
TRP CZ3 CH2  sing Y N 334 
TRP CZ3 HZ3  sing N N 335 
TRP CH2 HH2  sing N N 336 
TRP OXT HXT  sing N N 337 
TYR N   CA   sing N N 338 
TYR N   H    sing N N 339 
TYR N   H2   sing N N 340 
TYR CA  C    sing N N 341 
TYR CA  CB   sing N N 342 
TYR CA  HA   sing N N 343 
TYR C   O    doub N N 344 
TYR C   OXT  sing N N 345 
TYR CB  CG   sing N N 346 
TYR CB  HB2  sing N N 347 
TYR CB  HB3  sing N N 348 
TYR CG  CD1  doub Y N 349 
TYR CG  CD2  sing Y N 350 
TYR CD1 CE1  sing Y N 351 
TYR CD1 HD1  sing N N 352 
TYR CD2 CE2  doub Y N 353 
TYR CD2 HD2  sing N N 354 
TYR CE1 CZ   doub Y N 355 
TYR CE1 HE1  sing N N 356 
TYR CE2 CZ   sing Y N 357 
TYR CE2 HE2  sing N N 358 
TYR CZ  OH   sing N N 359 
TYR OH  HH   sing N N 360 
TYR OXT HXT  sing N N 361 
VAL N   CA   sing N N 362 
VAL N   H    sing N N 363 
VAL N   H2   sing N N 364 
VAL CA  C    sing N N 365 
VAL CA  CB   sing N N 366 
VAL CA  HA   sing N N 367 
VAL C   O    doub N N 368 
VAL C   OXT  sing N N 369 
VAL CB  CG1  sing N N 370 
VAL CB  CG2  sing N N 371 
VAL CB  HB   sing N N 372 
VAL CG1 HG11 sing N N 373 
VAL CG1 HG12 sing N N 374 
VAL CG1 HG13 sing N N 375 
VAL CG2 HG21 sing N N 376 
VAL CG2 HG22 sing N N 377 
VAL CG2 HG23 sing N N 378 
VAL OXT HXT  sing N N 379 
# 
_pdbx_initial_refinement_model.id               1 
_pdbx_initial_refinement_model.entity_id_list   ? 
_pdbx_initial_refinement_model.type             'experimental model' 
_pdbx_initial_refinement_model.source_name      PDB 
_pdbx_initial_refinement_model.accession_code   1E87 
_pdbx_initial_refinement_model.details          'PDB ENTRY 1E87' 
# 
_atom_sites.entry_id                    3M9Z 
_atom_sites.fract_transf_matrix[1][1]   -0.01450491 
_atom_sites.fract_transf_matrix[1][2]   -0.00740798 
_atom_sites.fract_transf_matrix[1][3]   -0.00364949 
_atom_sites.fract_transf_matrix[2][1]   -0.00617186 
_atom_sites.fract_transf_matrix[2][2]   0.01462530 
_atom_sites.fract_transf_matrix[2][3]   -0.00515734 
_atom_sites.fract_transf_matrix[3][1]   0.00206343 
_atom_sites.fract_transf_matrix[3][2]   -0.00117800 
_atom_sites.fract_transf_matrix[3][3]   -0.00580993 
_atom_sites.fract_transf_vector[1]      -0.359679 
_atom_sites.fract_transf_vector[2]      0.404224 
_atom_sites.fract_transf_vector[3]      0.079894 
# 
loop_
_atom_type.symbol 
C 
N 
O 
P 
S 
# 
loop_
_atom_site.group_PDB 
_atom_site.id 
_atom_site.type_symbol 
_atom_site.label_atom_id 
_atom_site.label_alt_id 
_atom_site.label_comp_id 
_atom_site.label_asym_id 
_atom_site.label_entity_id 
_atom_site.label_seq_id 
_atom_site.pdbx_PDB_ins_code 
_atom_site.Cartn_x 
_atom_site.Cartn_y 
_atom_site.Cartn_z 
_atom_site.occupancy 
_atom_site.B_iso_or_equiv 
_atom_site.pdbx_formal_charge 
_atom_site.auth_seq_id 
_atom_site.auth_comp_id 
_atom_site.auth_asym_id 
_atom_site.auth_atom_id 
_atom_site.pdbx_PDB_model_num 
ATOM   1    N N   . LEU A 1 4   ? -23.386 -16.953 3.577   0.50 41.53 ? 92   LEU A N   1 
ATOM   2    C CA  . LEU A 1 4   ? -22.091 -16.442 3.027   0.50 41.59 ? 92   LEU A CA  1 
ATOM   3    C C   . LEU A 1 4   ? -21.762 -15.081 3.617   0.50 41.20 ? 92   LEU A C   1 
ATOM   4    O O   . LEU A 1 4   ? -22.247 -14.061 3.119   0.50 41.40 ? 92   LEU A O   1 
ATOM   5    C CB  . LEU A 1 4   ? -22.170 -16.308 1.503   0.50 41.83 ? 92   LEU A CB  1 
ATOM   6    C CG  . LEU A 1 4   ? -20.933 -16.709 0.696   0.50 42.08 ? 92   LEU A CG  1 
ATOM   7    C CD1 . LEU A 1 4   ? -20.853 -18.226 0.611   0.50 41.58 ? 92   LEU A CD1 1 
ATOM   8    C CD2 . LEU A 1 4   ? -20.956 -16.106 -0.694  0.50 43.15 ? 92   LEU A CD2 1 
ATOM   9    N N   . GLU A 1 5   ? -20.938 -15.066 4.666   0.50 40.63 ? 93   GLU A N   1 
ATOM   10   C CA  . GLU A 1 5   ? -20.468 -13.816 5.265   0.50 40.09 ? 93   GLU A CA  1 
ATOM   11   C C   . GLU A 1 5   ? -18.970 -13.662 5.035   0.50 38.91 ? 93   GLU A C   1 
ATOM   12   O O   . GLU A 1 5   ? -18.295 -14.620 4.633   0.50 37.94 ? 93   GLU A O   1 
ATOM   13   C CB  . GLU A 1 5   ? -20.751 -13.773 6.771   0.50 40.30 ? 93   GLU A CB  1 
ATOM   14   C CG  . GLU A 1 5   ? -22.183 -14.125 7.174   0.50 41.70 ? 93   GLU A CG  1 
ATOM   15   C CD  . GLU A 1 5   ? -23.185 -13.003 6.926   0.50 43.13 ? 93   GLU A CD  1 
ATOM   16   O OE1 . GLU A 1 5   ? -22.767 -11.831 6.793   0.50 45.37 ? 93   GLU A OE1 1 
ATOM   17   O OE2 . GLU A 1 5   ? -24.405 -13.298 6.890   0.50 43.55 ? 93   GLU A OE2 1 
ATOM   18   N N   . CYS A 1 6   ? -18.463 -12.450 5.289   1.00 38.04 ? 94   CYS A N   1 
ATOM   19   C CA  . CYS A 1 6   ? -17.022 -12.207 5.263   1.00 36.69 ? 94   CYS A CA  1 
ATOM   20   C C   . CYS A 1 6   ? -16.442 -12.973 6.418   1.00 36.68 ? 94   CYS A C   1 
ATOM   21   O O   . CYS A 1 6   ? -17.133 -13.191 7.428   1.00 37.33 ? 94   CYS A O   1 
ATOM   22   C CB  . CYS A 1 6   ? -16.709 -10.714 5.389   1.00 35.89 ? 94   CYS A CB  1 
ATOM   23   S SG  . CYS A 1 6   ? -17.127 -9.709  3.948   1.00 34.73 ? 94   CYS A SG  1 
ATOM   24   N N   . PRO A 1 7   ? -15.174 -13.369 6.313   1.00 36.35 ? 95   PRO A N   1 
ATOM   25   C CA  . PRO A 1 7   ? -14.542 -14.010 7.453   1.00 36.14 ? 95   PRO A CA  1 
ATOM   26   C C   . PRO A 1 7   ? -14.612 -13.145 8.725   1.00 36.21 ? 95   PRO A C   1 
ATOM   27   O O   . PRO A 1 7   ? -14.816 -11.929 8.666   1.00 34.35 ? 95   PRO A O   1 
ATOM   28   C CB  . PRO A 1 7   ? -13.096 -14.210 6.995   1.00 36.15 ? 95   PRO A CB  1 
ATOM   29   C CG  . PRO A 1 7   ? -13.054 -13.886 5.572   1.00 36.30 ? 95   PRO A CG  1 
ATOM   30   C CD  . PRO A 1 7   ? -14.188 -12.982 5.291   1.00 36.69 ? 95   PRO A CD  1 
ATOM   31   N N   . GLN A 1 8   ? -14.499 -13.810 9.865   1.00 37.15 ? 96   GLN A N   1 
ATOM   32   C CA  . GLN A 1 8   ? -14.530 -13.175 11.150  1.00 37.37 ? 96   GLN A CA  1 
ATOM   33   C C   . GLN A 1 8   ? -13.500 -12.051 11.213  1.00 36.83 ? 96   GLN A C   1 
ATOM   34   O O   . GLN A 1 8   ? -12.331 -12.285 10.909  1.00 36.24 ? 96   GLN A O   1 
ATOM   35   C CB  . GLN A 1 8   ? -14.195 -14.203 12.226  1.00 39.09 ? 96   GLN A CB  1 
ATOM   36   C CG  . GLN A 1 8   ? -14.592 -13.772 13.632  1.00 41.29 ? 96   GLN A CG  1 
ATOM   37   C CD  . GLN A 1 8   ? -15.986 -14.265 13.999  1.00 47.48 ? 96   GLN A CD  1 
ATOM   38   O OE1 . GLN A 1 8   ? -16.999 -13.847 13.402  1.00 51.93 ? 96   GLN A OE1 1 
ATOM   39   N NE2 . GLN A 1 8   ? -16.047 -15.180 14.970  1.00 49.35 ? 96   GLN A NE2 1 
ATOM   40   N N   . ASP A 1 9   ? -13.949 -10.859 11.614  1.00 35.76 ? 97   ASP A N   1 
ATOM   41   C CA  . ASP A 1 9   ? -13.085 -9.660  11.782  1.00 36.19 ? 97   ASP A CA  1 
ATOM   42   C C   . ASP A 1 9   ? -12.804 -8.922  10.456  1.00 33.84 ? 97   ASP A C   1 
ATOM   43   O O   . ASP A 1 9   ? -12.085 -7.923  10.441  1.00 35.06 ? 97   ASP A O   1 
ATOM   44   C CB  . ASP A 1 9   ? -11.753 -10.007 12.490  1.00 36.51 ? 97   ASP A CB  1 
ATOM   45   C CG  . ASP A 1 9   ? -11.953 -10.667 13.866  1.00 40.51 ? 97   ASP A CG  1 
ATOM   46   O OD1 . ASP A 1 9   ? -12.974 -10.405 14.531  1.00 41.86 ? 97   ASP A OD1 1 
ATOM   47   O OD2 . ASP A 1 9   ? -11.055 -11.440 14.288  1.00 47.89 ? 97   ASP A OD2 1 
ATOM   48   N N   . TRP A 1 10  ? -13.372 -9.369  9.348   1.00 30.45 ? 98   TRP A N   1 
ATOM   49   C CA  . TRP A 1 10  ? -13.211 -8.628  8.114   1.00 29.23 ? 98   TRP A CA  1 
ATOM   50   C C   . TRP A 1 10  ? -14.352 -7.664  8.025   1.00 30.29 ? 98   TRP A C   1 
ATOM   51   O O   . TRP A 1 10  ? -15.453 -7.939  8.514   1.00 30.85 ? 98   TRP A O   1 
ATOM   52   C CB  . TRP A 1 10  ? -13.124 -9.522  6.903   1.00 28.87 ? 98   TRP A CB  1 
ATOM   53   C CG  . TRP A 1 10  ? -11.832 -10.310 6.860   1.00 25.92 ? 98   TRP A CG  1 
ATOM   54   C CD1 . TRP A 1 10  ? -11.317 -11.091 7.843   1.00 24.11 ? 98   TRP A CD1 1 
ATOM   55   C CD2 . TRP A 1 10  ? -10.901 -10.337 5.789   1.00 21.64 ? 98   TRP A CD2 1 
ATOM   56   N NE1 . TRP A 1 10  ? -10.098 -11.620 7.442   1.00 25.76 ? 98   TRP A NE1 1 
ATOM   57   C CE2 . TRP A 1 10  ? -9.840  -11.189 6.174   1.00 24.04 ? 98   TRP A CE2 1 
ATOM   58   C CE3 . TRP A 1 10  ? -10.868 -9.742  4.536   1.00 21.62 ? 98   TRP A CE3 1 
ATOM   59   C CZ2 . TRP A 1 10  ? -8.744  -11.435 5.346   1.00 23.06 ? 98   TRP A CZ2 1 
ATOM   60   C CZ3 . TRP A 1 10  ? -9.781  -9.983  3.709   1.00 21.50 ? 98   TRP A CZ3 1 
ATOM   61   C CH2 . TRP A 1 10  ? -8.748  -10.848 4.125   1.00 19.00 ? 98   TRP A CH2 1 
ATOM   62   N N   . LEU A 1 11  ? -14.065 -6.521  7.464   1.00 30.04 ? 99   LEU A N   1 
ATOM   63   C CA  . LEU A 1 11  ? -15.047 -5.501  7.182   1.00 31.47 ? 99   LEU A CA  1 
ATOM   64   C C   . LEU A 1 11  ? -15.753 -5.777  5.848   1.00 31.10 ? 99   LEU A C   1 
ATOM   65   O O   . LEU A 1 11  ? -15.142 -6.039  4.820   1.00 29.55 ? 99   LEU A O   1 
ATOM   66   C CB  . LEU A 1 11  ? -14.372 -4.136  7.186   1.00 31.64 ? 99   LEU A CB  1 
ATOM   67   C CG  . LEU A 1 11  ? -13.461 -3.873  8.404   1.00 37.25 ? 99   LEU A CG  1 
ATOM   68   C CD1 . LEU A 1 11  ? -12.749 -2.465  8.318   1.00 36.46 ? 99   LEU A CD1 1 
ATOM   69   C CD2 . LEU A 1 11  ? -14.220 -4.051  9.756   1.00 38.74 ? 99   LEU A CD2 1 
ATOM   70   N N   . SER A 1 12  ? -17.084 -5.745  5.872   1.00 32.34 ? 100  SER A N   1 
ATOM   71   C CA  A SER A 1 12  ? -17.883 -6.046  4.700   0.50 32.63 ? 100  SER A CA  1 
ATOM   72   C CA  B SER A 1 12  ? -17.884 -6.043  4.684   0.50 32.55 ? 100  SER A CA  1 
ATOM   73   C C   . SER A 1 12  ? -18.273 -4.756  3.992   1.00 32.69 ? 100  SER A C   1 
ATOM   74   O O   . SER A 1 12  ? -18.657 -3.775  4.646   1.00 33.69 ? 100  SER A O   1 
ATOM   75   C CB  A SER A 1 12  ? -19.142 -6.794  5.139   0.50 33.00 ? 100  SER A CB  1 
ATOM   76   C CB  B SER A 1 12  ? -19.167 -6.804  5.047   0.50 32.96 ? 100  SER A CB  1 
ATOM   77   O OG  A SER A 1 12  ? -18.805 -7.820  6.047   0.50 34.29 ? 100  SER A OG  1 
ATOM   78   O OG  B SER A 1 12  ? -20.088 -6.783  3.951   0.50 33.66 ? 100  SER A OG  1 
ATOM   79   N N   . HIS A 1 13  ? -18.171 -4.743  2.675   1.00 33.80 ? 101  HIS A N   1 
ATOM   80   C CA  . HIS A 1 13  ? -18.625 -3.584  1.927   1.00 34.19 ? 101  HIS A CA  1 
ATOM   81   C C   . HIS A 1 13  ? -18.878 -3.870  0.460   1.00 35.21 ? 101  HIS A C   1 
ATOM   82   O O   . HIS A 1 13  ? -17.990 -4.290  -0.307  1.00 34.09 ? 101  HIS A O   1 
ATOM   83   C CB  . HIS A 1 13  ? -17.684 -2.391  2.085   1.00 34.55 ? 101  HIS A CB  1 
ATOM   84   C CG  . HIS A 1 13  ? -18.212 -1.146  1.477   1.00 34.57 ? 101  HIS A CG  1 
ATOM   85   N ND1 . HIS A 1 13  ? -19.276 -0.453  2.020   1.00 36.64 ? 101  HIS A ND1 1 
ATOM   86   C CD2 . HIS A 1 13  ? -17.844 -0.470  0.364   1.00 34.47 ? 101  HIS A CD2 1 
ATOM   87   C CE1 . HIS A 1 13  ? -19.540 0.593   1.259   1.00 35.63 ? 101  HIS A CE1 1 
ATOM   88   N NE2 . HIS A 1 13  ? -18.669 0.618   0.262   1.00 35.86 ? 101  HIS A NE2 1 
ATOM   89   N N   . ARG A 1 14  ? -20.115 -3.595  0.046   1.00 36.01 ? 102  ARG A N   1 
ATOM   90   C CA  . ARG A 1 14  ? -20.544 -3.922  -1.295  1.00 35.98 ? 102  ARG A CA  1 
ATOM   91   C C   . ARG A 1 14  ? -20.164 -5.378  -1.555  1.00 35.44 ? 102  ARG A C   1 
ATOM   92   O O   . ARG A 1 14  ? -20.518 -6.254  -0.761  1.00 36.41 ? 102  ARG A O   1 
ATOM   93   C CB  . ARG A 1 14  ? -19.996 -2.895  -2.309  1.00 36.49 ? 102  ARG A CB  1 
ATOM   94   C CG  . ARG A 1 14  ? -20.642 -1.494  -2.123  1.00 38.99 ? 102  ARG A CG  1 
ATOM   95   C CD  . ARG A 1 14  ? -19.823 -0.339  -2.662  1.00 43.13 ? 102  ARG A CD  1 
ATOM   96   N NE  . ARG A 1 14  ? -19.549 -0.370  -4.114  1.00 43.45 ? 102  ARG A NE  1 
ATOM   97   C CZ  . ARG A 1 14  ? -18.806 0.546   -4.742  1.00 44.19 ? 102  ARG A CZ  1 
ATOM   98   N NH1 . ARG A 1 14  ? -18.584 0.459   -6.048  1.00 45.59 ? 102  ARG A NH1 1 
ATOM   99   N NH2 . ARG A 1 14  ? -18.271 1.560   -4.065  1.00 43.15 ? 102  ARG A NH2 1 
ATOM   100  N N   . ASP A 1 15  ? -19.405 -5.657  -2.604  1.00 35.52 ? 103  ASP A N   1 
ATOM   101  C CA  . ASP A 1 15  ? -19.078 -7.041  -2.946  1.00 35.75 ? 103  ASP A CA  1 
ATOM   102  C C   . ASP A 1 15  ? -17.763 -7.592  -2.304  1.00 34.60 ? 103  ASP A C   1 
ATOM   103  O O   . ASP A 1 15  ? -17.365 -8.741  -2.539  1.00 34.41 ? 103  ASP A O   1 
ATOM   104  C CB  . ASP A 1 15  ? -19.040 -7.165  -4.464  1.00 37.03 ? 103  ASP A CB  1 
ATOM   105  C CG  . ASP A 1 15  ? -20.385 -6.818  -5.101  1.00 41.01 ? 103  ASP A CG  1 
ATOM   106  O OD1 . ASP A 1 15  ? -21.380 -6.807  -4.346  1.00 41.90 ? 103  ASP A OD1 1 
ATOM   107  O OD2 . ASP A 1 15  ? -20.442 -6.568  -6.329  1.00 47.10 ? 103  ASP A OD2 1 
ATOM   108  N N   . LYS A 1 16  ? -17.169 -6.806  -1.427  1.00 32.61 ? 104  LYS A N   1 
ATOM   109  C CA  . LYS A 1 16  ? -15.848 -7.115  -0.883  1.00 30.58 ? 104  LYS A CA  1 
ATOM   110  C C   . LYS A 1 16  ? -15.778 -7.241  0.643   1.00 28.78 ? 104  LYS A C   1 
ATOM   111  O O   . LYS A 1 16  ? -16.637 -6.692  1.391   1.00 28.64 ? 104  LYS A O   1 
ATOM   112  C CB  . LYS A 1 16  ? -14.913 -6.021  -1.345  1.00 29.87 ? 104  LYS A CB  1 
ATOM   113  C CG  . LYS A 1 16  ? -14.652 -5.973  -2.852  1.00 31.08 ? 104  LYS A CG  1 
ATOM   114  C CD  . LYS A 1 16  ? -13.663 -4.784  -3.070  1.00 31.27 ? 104  LYS A CD  1 
ATOM   115  C CE  . LYS A 1 16  ? -13.160 -4.625  -4.437  1.00 31.06 ? 104  LYS A CE  1 
ATOM   116  N NZ  . LYS A 1 16  ? -12.251 -3.437  -4.553  1.00 29.88 ? 104  LYS A NZ  1 
ATOM   117  N N   . CYS A 1 17  ? -14.769 -7.982  1.104   1.00 26.06 ? 105  CYS A N   1 
ATOM   118  C CA  . CYS A 1 17  ? -14.372 -8.037  2.482   1.00 26.76 ? 105  CYS A CA  1 
ATOM   119  C C   . CYS A 1 17  ? -12.965 -7.453  2.588   1.00 25.76 ? 105  CYS A C   1 
ATOM   120  O O   . CYS A 1 17  ? -12.132 -7.755  1.724   1.00 23.20 ? 105  CYS A O   1 
ATOM   121  C CB  . CYS A 1 17  ? -14.295 -9.483  2.961   1.00 27.40 ? 105  CYS A CB  1 
ATOM   122  S SG  . CYS A 1 17  ? -15.822 -10.428 2.547   1.00 32.94 ? 105  CYS A SG  1 
ATOM   123  N N   . PHE A 1 18  ? -12.737 -6.654  3.618   1.00 23.99 ? 106  PHE A N   1 
ATOM   124  C CA  . PHE A 1 18  ? -11.462 -5.991  3.826   1.00 23.11 ? 106  PHE A CA  1 
ATOM   125  C C   . PHE A 1 18  ? -10.923 -6.348  5.178   1.00 22.40 ? 106  PHE A C   1 
ATOM   126  O O   . PHE A 1 18  ? -11.678 -6.603  6.123   1.00 21.66 ? 106  PHE A O   1 
ATOM   127  C CB  . PHE A 1 18  ? -11.598 -4.459  3.722   1.00 23.37 ? 106  PHE A CB  1 
ATOM   128  C CG  . PHE A 1 18  ? -12.101 -3.971  2.412   1.00 23.79 ? 106  PHE A CG  1 
ATOM   129  C CD1 . PHE A 1 18  ? -11.293 -4.003  1.292   1.00 26.36 ? 106  PHE A CD1 1 
ATOM   130  C CD2 . PHE A 1 18  ? -13.397 -3.495  2.274   1.00 29.15 ? 106  PHE A CD2 1 
ATOM   131  C CE1 . PHE A 1 18  ? -11.731 -3.563  0.074   1.00 26.10 ? 106  PHE A CE1 1 
ATOM   132  C CE2 . PHE A 1 18  ? -13.842 -3.025  1.030   1.00 29.54 ? 106  PHE A CE2 1 
ATOM   133  C CZ  . PHE A 1 18  ? -13.006 -3.059  -0.062  1.00 29.97 ? 106  PHE A CZ  1 
ATOM   134  N N   . HIS A 1 19  ? -9.584  -6.338  5.282   1.00 21.56 ? 107  HIS A N   1 
ATOM   135  C CA  . HIS A 1 19  ? -8.907  -6.557  6.523   1.00 21.09 ? 107  HIS A CA  1 
ATOM   136  C C   . HIS A 1 19  ? -7.674  -5.667  6.531   1.00 20.69 ? 107  HIS A C   1 
ATOM   137  O O   . HIS A 1 19  ? -6.928  -5.660  5.548   1.00 20.51 ? 107  HIS A O   1 
ATOM   138  C CB  . HIS A 1 19  ? -8.498  -8.038  6.668   1.00 22.47 ? 107  HIS A CB  1 
ATOM   139  C CG  . HIS A 1 19  ? -8.063  -8.388  8.047   1.00 25.36 ? 107  HIS A CG  1 
ATOM   140  N ND1 . HIS A 1 19  ? -6.747  -8.421  8.435   1.00 28.86 ? 107  HIS A ND1 1 
ATOM   141  C CD2 . HIS A 1 19  ? -8.796  -8.662  9.164   1.00 28.42 ? 107  HIS A CD2 1 
ATOM   142  C CE1 . HIS A 1 19  ? -6.683  -8.727  9.722   1.00 30.26 ? 107  HIS A CE1 1 
ATOM   143  N NE2 . HIS A 1 19  ? -7.912  -8.881  10.185  1.00 28.93 ? 107  HIS A NE2 1 
ATOM   144  N N   . VAL A 1 20  ? -7.503  -4.927  7.604   1.00 19.62 ? 108  VAL A N   1 
ATOM   145  C CA  . VAL A 1 20  ? -6.412  -3.998  7.744   1.00 18.28 ? 108  VAL A CA  1 
ATOM   146  C C   . VAL A 1 20  ? -5.344  -4.625  8.606   1.00 18.66 ? 108  VAL A C   1 
ATOM   147  O O   . VAL A 1 20  ? -5.608  -5.247  9.633   1.00 17.84 ? 108  VAL A O   1 
ATOM   148  C CB  . VAL A 1 20  ? -6.887  -2.619  8.310   1.00 17.74 ? 108  VAL A CB  1 
ATOM   149  C CG1 . VAL A 1 20  ? -5.741  -1.593  8.124   1.00 18.04 ? 108  VAL A CG1 1 
ATOM   150  C CG2 . VAL A 1 20  ? -8.167  -2.096  7.625   1.00 20.43 ? 108  VAL A CG2 1 
ATOM   151  N N   . SER A 1 21  ? -4.074  -4.486  8.191   1.00 17.62 ? 109  SER A N   1 
ATOM   152  C CA  . SER A 1 21  ? -3.009  -5.164  8.889   1.00 17.47 ? 109  SER A CA  1 
ATOM   153  C C   . SER A 1 21  ? -2.756  -4.672  10.301  1.00 17.12 ? 109  SER A C   1 
ATOM   154  O O   . SER A 1 21  ? -2.993  -3.519  10.659  1.00 17.55 ? 109  SER A O   1 
ATOM   155  C CB  . SER A 1 21  ? -1.706  -5.011  8.053   1.00 16.27 ? 109  SER A CB  1 
ATOM   156  O OG  . SER A 1 21  ? -1.288  -3.695  8.110   1.00 15.57 ? 109  SER A OG  1 
ATOM   157  N N   . GLN A 1 22  ? -2.275  -5.592  11.103  1.00 18.26 ? 110  GLN A N   1 
ATOM   158  C CA  . GLN A 1 22  ? -1.999  -5.329  12.478  1.00 19.91 ? 110  GLN A CA  1 
ATOM   159  C C   . GLN A 1 22  ? -0.793  -4.452  12.616  1.00 19.79 ? 110  GLN A C   1 
ATOM   160  O O   . GLN A 1 22  ? -0.733  -3.588  13.510  1.00 20.11 ? 110  GLN A O   1 
ATOM   161  C CB  . GLN A 1 22  ? -1.832  -6.678  13.193  1.00 21.00 ? 110  GLN A CB  1 
ATOM   162  C CG  . GLN A 1 22  ? -1.903  -6.524  14.593  1.00 20.70 ? 110  GLN A CG  1 
ATOM   163  C CD  . GLN A 1 22  ? -1.840  -7.787  15.438  1.00 21.86 ? 110  GLN A CD  1 
ATOM   164  O OE1 . GLN A 1 22  ? -1.809  -7.654  16.633  1.00 20.62 ? 110  GLN A OE1 1 
ATOM   165  N NE2 . GLN A 1 22  ? -1.770  -9.018  14.828  1.00 24.68 ? 110  GLN A NE2 1 
ATOM   166  N N   . VAL A 1 23  ? 0.216   -4.646  11.735  1.00 18.71 ? 111  VAL A N   1 
ATOM   167  C CA  . VAL A 1 23  ? 1.490   -3.914  11.875  1.00 17.84 ? 111  VAL A CA  1 
ATOM   168  C C   . VAL A 1 23  ? 1.791   -3.138  10.590  1.00 17.19 ? 111  VAL A C   1 
ATOM   169  O O   . VAL A 1 23  ? 1.092   -3.314  9.601   1.00 16.17 ? 111  VAL A O   1 
ATOM   170  C CB  . VAL A 1 23  ? 2.699   -4.838  12.118  1.00 19.97 ? 111  VAL A CB  1 
ATOM   171  C CG1 . VAL A 1 23  ? 2.500   -5.620  13.440  1.00 21.31 ? 111  VAL A CG1 1 
ATOM   172  C CG2 . VAL A 1 23  ? 2.890   -5.788  10.948  1.00 20.04 ? 111  VAL A CG2 1 
ATOM   173  N N   . SER A 1 24  ? 2.778   -2.257  10.655  1.00 16.69 ? 112  SER A N   1 
ATOM   174  C CA  . SER A 1 24  ? 3.256   -1.546  9.444   1.00 16.20 ? 112  SER A CA  1 
ATOM   175  C C   . SER A 1 24  ? 4.484   -2.295  8.933   1.00 16.78 ? 112  SER A C   1 
ATOM   176  O O   . SER A 1 24  ? 5.302   -2.786  9.713   1.00 16.64 ? 112  SER A O   1 
ATOM   177  C CB  . SER A 1 24  ? 3.613   -0.124  9.746   1.00 17.65 ? 112  SER A CB  1 
ATOM   178  O OG  . SER A 1 24  ? 2.449   0.568   10.133  1.00 19.14 ? 112  SER A OG  1 
ATOM   179  N N   . ASN A 1 25  ? 4.636   -2.354  7.626   1.00 14.77 ? 113  ASN A N   1 
ATOM   180  C CA  . ASN A 1 25  ? 5.789   -3.017  7.008   1.00 14.48 ? 113  ASN A CA  1 
ATOM   181  C C   . ASN A 1 25  ? 5.858   -2.604  5.548   1.00 13.62 ? 113  ASN A C   1 
ATOM   182  O O   . ASN A 1 25  ? 5.132   -1.720  5.069   1.00 12.17 ? 113  ASN A O   1 
ATOM   183  C CB  . ASN A 1 25  ? 5.689   -4.534  7.168   1.00 14.04 ? 113  ASN A CB  1 
ATOM   184  C CG  . ASN A 1 25  ? 7.041   -5.242  7.244   1.00 16.55 ? 113  ASN A CG  1 
ATOM   185  O OD1 . ASN A 1 25  ? 8.040   -4.783  6.689   1.00 17.48 ? 113  ASN A OD1 1 
ATOM   186  N ND2 . ASN A 1 25  ? 7.049   -6.421  7.906   1.00 22.66 ? 113  ASN A ND2 1 
ATOM   187  N N   . THR A 1 26  ? 6.799   -3.185  4.812   1.00 13.10 ? 114  THR A N   1 
ATOM   188  C CA  . THR A 1 26  ? 6.998   -2.772  3.448   1.00 13.05 ? 114  THR A CA  1 
ATOM   189  C C   . THR A 1 26  ? 5.863   -3.299  2.541   1.00 11.90 ? 114  THR A C   1 
ATOM   190  O O   . THR A 1 26  ? 5.107   -4.219  2.874   1.00 13.11 ? 114  THR A O   1 
ATOM   191  C CB  . THR A 1 26  ? 8.343   -3.335  2.886   1.00 11.83 ? 114  THR A CB  1 
ATOM   192  O OG1 . THR A 1 26  ? 8.227   -4.751  2.808   1.00 12.22 ? 114  THR A OG1 1 
ATOM   193  C CG2 . THR A 1 26  ? 9.548   -2.957  3.855   1.00 14.31 ? 114  THR A CG2 1 
ATOM   194  N N   . TRP A 1 27  ? 5.783   -2.737  1.363   1.00 13.95 ? 115  TRP A N   1 
ATOM   195  C CA  . TRP A 1 27  ? 4.744   -3.136  0.425   1.00 12.65 ? 115  TRP A CA  1 
ATOM   196  C C   . TRP A 1 27  ? 4.800   -4.649  0.165   1.00 13.46 ? 115  TRP A C   1 
ATOM   197  O O   . TRP A 1 27  ? 3.791   -5.320  0.098   1.00 11.90 ? 115  TRP A O   1 
ATOM   198  C CB  . TRP A 1 27  ? 4.833   -2.341  -0.866  1.00 12.59 ? 115  TRP A CB  1 
ATOM   199  C CG  . TRP A 1 27  ? 3.761   -2.633  -1.858  1.00 10.60 ? 115  TRP A CG  1 
ATOM   200  C CD1 . TRP A 1 27  ? 2.564   -1.950  -1.990  1.00 12.63 ? 115  TRP A CD1 1 
ATOM   201  C CD2 . TRP A 1 27  ? 3.762   -3.611  -2.926  1.00 12.35 ? 115  TRP A CD2 1 
ATOM   202  N NE1 . TRP A 1 27  ? 1.844   -2.448  -3.063  1.00 13.74 ? 115  TRP A NE1 1 
ATOM   203  C CE2 . TRP A 1 27  ? 2.546   -3.474  -3.630  1.00 13.98 ? 115  TRP A CE2 1 
ATOM   204  C CE3 . TRP A 1 27  ? 4.653   -4.587  -3.342  1.00 14.24 ? 115  TRP A CE3 1 
ATOM   205  C CZ2 . TRP A 1 27  ? 2.217   -4.292  -4.716  1.00 12.35 ? 115  TRP A CZ2 1 
ATOM   206  C CZ3 . TRP A 1 27  ? 4.352   -5.363  -4.425  1.00 15.64 ? 115  TRP A CZ3 1 
ATOM   207  C CH2 . TRP A 1 27  ? 3.119   -5.220  -5.108  1.00 13.44 ? 115  TRP A CH2 1 
ATOM   208  N N   . GLU A 1 28  ? 5.975   -5.153  -0.138  1.00 12.20 ? 116  GLU A N   1 
ATOM   209  C CA  . GLU A 1 28  ? 6.115   -6.580  -0.402  1.00 13.78 ? 116  GLU A CA  1 
ATOM   210  C C   . GLU A 1 28  ? 5.613   -7.466  0.743   1.00 12.70 ? 116  GLU A C   1 
ATOM   211  O O   . GLU A 1 28  ? 4.948   -8.482  0.489   1.00 13.31 ? 116  GLU A O   1 
ATOM   212  C CB  . GLU A 1 28  ? 7.579   -6.915  -0.649  1.00 13.06 ? 116  GLU A CB  1 
ATOM   213  C CG  . GLU A 1 28  ? 7.749   -8.383  -1.091  1.00 14.28 ? 116  GLU A CG  1 
ATOM   214  C CD  . GLU A 1 28  ? 9.173   -8.809  -1.422  1.00 14.88 ? 116  GLU A CD  1 
ATOM   215  O OE1 . GLU A 1 28  ? 10.132  -8.085  -1.110  1.00 18.84 ? 116  GLU A OE1 1 
ATOM   216  O OE2 . GLU A 1 28  ? 9.287   -9.985  -1.885  1.00 17.67 ? 116  GLU A OE2 1 
ATOM   217  N N   . GLU A 1 29  ? 5.951   -7.101  1.979   1.00 13.02 ? 117  GLU A N   1 
ATOM   218  C CA  . GLU A 1 29  ? 5.456   -7.869  3.111   1.00 15.02 ? 117  GLU A CA  1 
ATOM   219  C C   . GLU A 1 29  ? 3.928   -7.869  3.150   1.00 15.28 ? 117  GLU A C   1 
ATOM   220  O O   . GLU A 1 29  ? 3.313   -8.906  3.478   1.00 15.96 ? 117  GLU A O   1 
ATOM   221  C CB  . GLU A 1 29  ? 6.067   -7.441  4.433   1.00 16.37 ? 117  GLU A CB  1 
ATOM   222  C CG  . GLU A 1 29  ? 7.616   -7.507  4.469   1.00 18.10 ? 117  GLU A CG  1 
ATOM   223  C CD  . GLU A 1 29  ? 8.269   -8.789  3.990   1.00 23.78 ? 117  GLU A CD  1 
ATOM   224  O OE1 . GLU A 1 29  ? 7.615   -9.891  3.976   1.00 22.71 ? 117  GLU A OE1 1 
ATOM   225  O OE2 . GLU A 1 29  ? 9.438   -8.631  3.502   1.00 26.22 ? 117  GLU A OE2 1 
ATOM   226  N N   . GLY A 1 30  ? 3.312   -6.750  2.779   1.00 15.48 ? 118  GLY A N   1 
ATOM   227  C CA  . GLY A 1 30  ? 1.847   -6.703  2.628   1.00 16.83 ? 118  GLY A CA  1 
ATOM   228  C C   . GLY A 1 30  ? 1.301   -7.577  1.560   1.00 17.29 ? 118  GLY A C   1 
ATOM   229  O O   . GLY A 1 30  ? 0.357   -8.350  1.811   1.00 18.45 ? 118  GLY A O   1 
ATOM   230  N N   . LEU A 1 31  ? 1.871   -7.488  0.346   1.00 16.66 ? 119  LEU A N   1 
ATOM   231  C CA  A LEU A 1 31  ? 1.437   -8.340  -0.733  0.50 17.64 ? 119  LEU A CA  1 
ATOM   232  C CA  B LEU A 1 31  ? 1.496   -8.355  -0.788  0.50 16.68 ? 119  LEU A CA  1 
ATOM   233  C C   . LEU A 1 31  ? 1.507   -9.835  -0.353  1.00 17.57 ? 119  LEU A C   1 
ATOM   234  O O   . LEU A 1 31  ? 0.544   -10.568 -0.595  1.00 18.64 ? 119  LEU A O   1 
ATOM   235  C CB  A LEU A 1 31  ? 2.232   -8.057  -1.984  0.50 17.17 ? 119  LEU A CB  1 
ATOM   236  C CB  B LEU A 1 31  ? 2.413   -8.126  -2.017  0.50 16.25 ? 119  LEU A CB  1 
ATOM   237  C CG  A LEU A 1 31  ? 1.495   -8.162  -3.328  0.50 20.32 ? 119  LEU A CG  1 
ATOM   238  C CG  B LEU A 1 31  ? 2.365   -8.985  -3.337  0.50 13.21 ? 119  LEU A CG  1 
ATOM   239  C CD1 A LEU A 1 31  ? 2.408   -8.819  -4.287  0.50 14.12 ? 119  LEU A CD1 1 
ATOM   240  C CD1 B LEU A 1 31  ? 1.495   -8.387  -4.377  0.50 14.08 ? 119  LEU A CD1 1 
ATOM   241  C CD2 A LEU A 1 31  ? 0.132   -8.830  -3.288  0.50 13.36 ? 119  LEU A CD2 1 
ATOM   242  C CD2 B LEU A 1 31  ? 3.776   -8.996  -3.967  0.50 12.07 ? 119  LEU A CD2 1 
ATOM   243  N N   . VAL A 1 32  ? 2.620   -10.266 0.254   1.00 17.42 ? 120  VAL A N   1 
ATOM   244  C CA  . VAL A 1 32  ? 2.802   -11.692 0.686   1.00 19.50 ? 120  VAL A CA  1 
ATOM   245  C C   . VAL A 1 32  ? 1.810   -12.055 1.827   1.00 19.14 ? 120  VAL A C   1 
ATOM   246  O O   . VAL A 1 32  ? 1.252   -13.141 1.835   1.00 19.73 ? 120  VAL A O   1 
ATOM   247  C CB  . VAL A 1 32  ? 4.236   -11.979 1.066   1.00 20.80 ? 120  VAL A CB  1 
ATOM   248  C CG1 . VAL A 1 32  ? 4.390   -13.378 1.740   1.00 25.50 ? 120  VAL A CG1 1 
ATOM   249  C CG2 . VAL A 1 32  ? 5.124   -11.841 -0.211  1.00 18.27 ? 120  VAL A CG2 1 
ATOM   250  N N   . ASP A 1 33  ? 1.579   -11.105 2.723   1.00 19.43 ? 121  ASP A N   1 
ATOM   251  C CA  . ASP A 1 33  ? 0.633   -11.334 3.840   1.00 19.08 ? 121  ASP A CA  1 
ATOM   252  C C   . ASP A 1 33  ? -0.768  -11.591 3.292   1.00 18.50 ? 121  ASP A C   1 
ATOM   253  O O   . ASP A 1 33  ? -1.409  -12.532 3.712   1.00 18.94 ? 121  ASP A O   1 
ATOM   254  C CB  . ASP A 1 33  ? 0.642   -10.171 4.794   1.00 18.62 ? 121  ASP A CB  1 
ATOM   255  C CG  . ASP A 1 33  ? -0.385  -10.336 5.898   1.00 22.97 ? 121  ASP A CG  1 
ATOM   256  O OD1 . ASP A 1 33  ? -0.147  -11.178 6.776   1.00 24.39 ? 121  ASP A OD1 1 
ATOM   257  O OD2 . ASP A 1 33  ? -1.440  -9.711  5.800   1.00 22.56 ? 121  ASP A OD2 1 
ATOM   258  N N   . CYS A 1 34  ? -1.240  -10.736 2.383   1.00 18.95 ? 122  CYS A N   1 
ATOM   259  C CA  . CYS A 1 34  ? -2.583  -10.911 1.791   1.00 18.71 ? 122  CYS A CA  1 
ATOM   260  C C   . CYS A 1 34  ? -2.690  -12.213 1.052   1.00 20.14 ? 122  CYS A C   1 
ATOM   261  O O   . CYS A 1 34  ? -3.683  -12.919 1.201   1.00 19.63 ? 122  CYS A O   1 
ATOM   262  C CB  . CYS A 1 34  ? -3.027  -9.768  0.879   1.00 18.31 ? 122  CYS A CB  1 
ATOM   263  S SG  . CYS A 1 34  ? -3.079  -8.166  1.697   1.00 18.35 ? 122  CYS A SG  1 
ATOM   264  N N   . ASP A 1 35  ? -1.644  -12.594 0.308   1.00 19.75 ? 123  ASP A N   1 
ATOM   265  C CA  A ASP A 1 35  ? -1.634  -13.852 -0.384  0.50 19.77 ? 123  ASP A CA  1 
ATOM   266  C CA  B ASP A 1 35  ? -1.690  -13.845 -0.424  0.50 20.68 ? 123  ASP A CA  1 
ATOM   267  C C   . ASP A 1 35  ? -1.873  -15.015 0.552   1.00 19.68 ? 123  ASP A C   1 
ATOM   268  O O   . ASP A 1 35  ? -2.611  -15.916 0.233   1.00 20.73 ? 123  ASP A O   1 
ATOM   269  C CB  A ASP A 1 35  ? -0.293  -14.038 -1.084  0.50 19.81 ? 123  ASP A CB  1 
ATOM   270  C CB  B ASP A 1 35  ? -0.450  -14.033 -1.336  0.50 21.48 ? 123  ASP A CB  1 
ATOM   271  C CG  A ASP A 1 35  ? -0.139  -13.113 -2.245  0.50 19.05 ? 123  ASP A CG  1 
ATOM   272  C CG  B ASP A 1 35  ? -0.661  -15.113 -2.456  0.50 24.15 ? 123  ASP A CG  1 
ATOM   273  O OD1 A ASP A 1 35  ? -1.147  -12.563 -2.701  0.50 16.83 ? 123  ASP A OD1 1 
ATOM   274  O OD1 B ASP A 1 35  ? -1.796  -15.430 -2.849  0.50 27.25 ? 123  ASP A OD1 1 
ATOM   275  O OD2 A ASP A 1 35  ? 0.988   -12.924 -2.704  0.50 19.32 ? 123  ASP A OD2 1 
ATOM   276  O OD2 B ASP A 1 35  ? 0.336   -15.675 -2.955  0.50 29.57 ? 123  ASP A OD2 1 
ATOM   277  N N   . GLY A 1 36  ? -1.203  -14.976 1.691   1.00 19.96 ? 124  GLY A N   1 
ATOM   278  C CA  . GLY A 1 36  ? -1.227  -16.038 2.689   1.00 20.93 ? 124  GLY A CA  1 
ATOM   279  C C   . GLY A 1 36  ? -2.569  -16.149 3.384   1.00 22.51 ? 124  GLY A C   1 
ATOM   280  O O   . GLY A 1 36  ? -2.870  -17.180 4.037   1.00 23.95 ? 124  GLY A O   1 
ATOM   281  N N   . LYS A 1 37  ? -3.385  -15.120 3.225   1.00 22.59 ? 125  LYS A N   1 
ATOM   282  C CA  . LYS A 1 37  ? -4.760  -15.094 3.695   1.00 23.55 ? 125  LYS A CA  1 
ATOM   283  C C   . LYS A 1 37  ? -5.794  -15.492 2.651   1.00 23.70 ? 125  LYS A C   1 
ATOM   284  O O   . LYS A 1 37  ? -6.992  -15.333 2.886   1.00 23.84 ? 125  LYS A O   1 
ATOM   285  C CB  . LYS A 1 37  ? -5.063  -13.701 4.270   1.00 23.83 ? 125  LYS A CB  1 
ATOM   286  C CG  . LYS A 1 37  ? -4.409  -13.491 5.608   1.00 25.25 ? 125  LYS A CG  1 
ATOM   287  C CD  . LYS A 1 37  ? -4.421  -11.965 5.993   1.00 26.59 ? 125  LYS A CD  1 
ATOM   288  C CE  . LYS A 1 37  ? -3.959  -11.683 7.370   1.00 25.38 ? 125  LYS A CE  1 
ATOM   289  N NZ  . LYS A 1 37  ? -2.642  -12.111 7.933   1.00 29.02 ? 125  LYS A NZ  1 
ATOM   290  N N   . GLY A 1 38  ? -5.385  -15.957 1.472   1.00 23.99 ? 126  GLY A N   1 
ATOM   291  C CA  . GLY A 1 38  ? -6.294  -16.167 0.348   1.00 23.04 ? 126  GLY A CA  1 
ATOM   292  C C   . GLY A 1 38  ? -6.940  -14.892 -0.144  1.00 23.62 ? 126  GLY A C   1 
ATOM   293  O O   . GLY A 1 38  ? -8.132  -14.863 -0.404  1.00 24.40 ? 126  GLY A O   1 
ATOM   294  N N   . ALA A 1 39  ? -6.153  -13.814 -0.203  1.00 22.00 ? 127  ALA A N   1 
ATOM   295  C CA  . ALA A 1 39  ? -6.631  -12.506 -0.436  1.00 20.77 ? 127  ALA A CA  1 
ATOM   296  C C   . ALA A 1 39  ? -5.603  -11.789 -1.325  1.00 21.80 ? 127  ALA A C   1 
ATOM   297  O O   . ALA A 1 39  ? -4.597  -12.402 -1.750  1.00 22.72 ? 127  ALA A O   1 
ATOM   298  C CB  . ALA A 1 39  ? -6.835  -11.749 0.915   1.00 20.73 ? 127  ALA A CB  1 
ATOM   299  N N   . THR A 1 40  ? -5.879  -10.545 -1.652  1.00 22.07 ? 128  THR A N   1 
ATOM   300  C CA  . THR A 1 40  ? -4.872  -9.716  -2.315  1.00 22.06 ? 128  THR A CA  1 
ATOM   301  C C   . THR A 1 40  ? -4.855  -8.328  -1.678  1.00 20.22 ? 128  THR A C   1 
ATOM   302  O O   . THR A 1 40  ? -5.777  -7.935  -0.940  1.00 19.49 ? 128  THR A O   1 
ATOM   303  C CB  . THR A 1 40  ? -5.108  -9.594  -3.834  1.00 22.64 ? 128  THR A CB  1 
ATOM   304  O OG1 . THR A 1 40  ? -3.933  -8.988  -4.425  1.00 28.52 ? 128  THR A OG1 1 
ATOM   305  C CG2 . THR A 1 40  ? -6.294  -8.799  -4.163  1.00 22.78 ? 128  THR A CG2 1 
ATOM   306  N N   . LEU A 1 41  ? -3.810  -7.561  -1.940  1.00 17.96 ? 129  LEU A N   1 
ATOM   307  C CA  . LEU A 1 41  ? -3.876  -6.125  -1.604  1.00 17.01 ? 129  LEU A CA  1 
ATOM   308  C C   . LEU A 1 41  ? -5.099  -5.492  -2.308  1.00 17.62 ? 129  LEU A C   1 
ATOM   309  O O   . LEU A 1 41  ? -5.486  -5.880  -3.435  1.00 16.07 ? 129  LEU A O   1 
ATOM   310  C CB  . LEU A 1 41  ? -2.600  -5.369  -2.030  1.00 17.05 ? 129  LEU A CB  1 
ATOM   311  C CG  . LEU A 1 41  ? -1.378  -5.705  -1.207  1.00 15.97 ? 129  LEU A CG  1 
ATOM   312  C CD1 . LEU A 1 41  ? -0.071  -5.137  -1.955  1.00 16.08 ? 129  LEU A CD1 1 
ATOM   313  C CD2 . LEU A 1 41  ? -1.534  -5.057  0.191   1.00 14.22 ? 129  LEU A CD2 1 
ATOM   314  N N   . MET A 1 42  ? -5.676  -4.520  -1.632  1.00 17.53 ? 130  MET A N   1 
ATOM   315  C CA  . MET A 1 42  ? -6.867  -3.789  -2.117  1.00 19.00 ? 130  MET A CA  1 
ATOM   316  C C   . MET A 1 42  ? -6.661  -3.239  -3.508  1.00 19.44 ? 130  MET A C   1 
ATOM   317  O O   . MET A 1 42  ? -5.592  -2.695  -3.827  1.00 18.53 ? 130  MET A O   1 
ATOM   318  C CB  . MET A 1 42  ? -7.166  -2.606  -1.180  1.00 18.07 ? 130  MET A CB  1 
ATOM   319  C CG  . MET A 1 42  ? -8.456  -1.871  -1.620  1.00 22.89 ? 130  MET A CG  1 
ATOM   320  S SD  . MET A 1 42  ? -8.772  -0.617  -0.424  1.00 25.60 ? 130  MET A SD  1 
ATOM   321  C CE  . MET A 1 42  ? -10.381 0.024   -1.065  1.00 25.02 ? 130  MET A CE  1 
ATOM   322  N N   . LEU A 1 43  ? -7.659  -3.478  -4.352  1.00 19.45 ? 131  LEU A N   1 
ATOM   323  C CA  . LEU A 1 43  ? -7.769  -2.913  -5.672  1.00 22.43 ? 131  LEU A CA  1 
ATOM   324  C C   . LEU A 1 43  ? -8.993  -2.001  -5.594  1.00 24.20 ? 131  LEU A C   1 
ATOM   325  O O   . LEU A 1 43  ? -10.081 -2.487  -5.306  1.00 24.59 ? 131  LEU A O   1 
ATOM   326  C CB  . LEU A 1 43  ? -7.988  -4.018  -6.712  1.00 23.96 ? 131  LEU A CB  1 
ATOM   327  C CG  . LEU A 1 43  ? -7.017  -5.216  -6.593  1.00 21.54 ? 131  LEU A CG  1 
ATOM   328  C CD1 . LEU A 1 43  ? -7.232  -6.215  -7.733  1.00 27.70 ? 131  LEU A CD1 1 
ATOM   329  C CD2 . LEU A 1 43  ? -5.521  -4.682  -6.601  1.00 23.96 ? 131  LEU A CD2 1 
ATOM   330  N N   . ILE A 1 44  ? -8.823  -0.721  -5.845  1.00 25.56 ? 132  ILE A N   1 
ATOM   331  C CA  . ILE A 1 44  ? -9.908  0.222   -5.553  1.00 26.82 ? 132  ILE A CA  1 
ATOM   332  C C   . ILE A 1 44  ? -10.795 0.299   -6.776  1.00 28.82 ? 132  ILE A C   1 
ATOM   333  O O   . ILE A 1 44  ? -10.310 0.549   -7.881  1.00 27.41 ? 132  ILE A O   1 
ATOM   334  C CB  . ILE A 1 44  ? -9.372  1.593   -5.228  1.00 27.78 ? 132  ILE A CB  1 
ATOM   335  C CG1 . ILE A 1 44  ? -8.479  1.561   -3.972  1.00 26.68 ? 132  ILE A CG1 1 
ATOM   336  C CG2 . ILE A 1 44  ? -10.527 2.623   -5.013  1.00 26.24 ? 132  ILE A CG2 1 
ATOM   337  C CD1 . ILE A 1 44  ? -7.714  2.875   -3.822  1.00 23.86 ? 132  ILE A CD1 1 
ATOM   338  N N   . GLN A 1 45  ? -12.096 0.073   -6.593  1.00 31.69 ? 133  GLN A N   1 
ATOM   339  C CA  . GLN A 1 45  ? -13.018 0.165   -7.759  1.00 34.32 ? 133  GLN A CA  1 
ATOM   340  C C   . GLN A 1 45  ? -13.481 1.593   -7.981  1.00 34.50 ? 133  GLN A C   1 
ATOM   341  O O   . GLN A 1 45  ? -13.692 1.983   -9.106  1.00 36.22 ? 133  GLN A O   1 
ATOM   342  C CB  . GLN A 1 45  ? -14.226 -0.805  -7.667  1.00 35.80 ? 133  GLN A CB  1 
ATOM   343  C CG  . GLN A 1 45  ? -14.788 -1.036  -6.286  1.00 39.64 ? 133  GLN A CG  1 
ATOM   344  C CD  . GLN A 1 45  ? -16.071 -1.886  -6.236  1.00 45.03 ? 133  GLN A CD  1 
ATOM   345  O OE1 . GLN A 1 45  ? -16.599 -2.345  -7.252  1.00 49.03 ? 133  GLN A OE1 1 
ATOM   346  N NE2 . GLN A 1 45  ? -16.566 -2.098  -5.021  1.00 47.99 ? 133  GLN A NE2 1 
ATOM   347  N N   . ASP A 1 46  ? -13.644 2.368   -6.908  1.00 34.08 ? 134  ASP A N   1 
ATOM   348  C CA  . ASP A 1 46  ? -14.043 3.771   -7.021  1.00 34.82 ? 134  ASP A CA  1 
ATOM   349  C C   . ASP A 1 46  ? -13.807 4.506   -5.713  1.00 34.09 ? 134  ASP A C   1 
ATOM   350  O O   . ASP A 1 46  ? -13.519 3.889   -4.679  1.00 34.59 ? 134  ASP A O   1 
ATOM   351  C CB  . ASP A 1 46  ? -15.539 3.870   -7.428  1.00 35.21 ? 134  ASP A CB  1 
ATOM   352  C CG  . ASP A 1 46  ? -16.439 2.945   -6.615  1.00 37.98 ? 134  ASP A CG  1 
ATOM   353  O OD1 . ASP A 1 46  ? -16.433 2.985   -5.355  1.00 39.51 ? 134  ASP A OD1 1 
ATOM   354  O OD2 . ASP A 1 46  ? -17.197 2.153   -7.216  1.00 42.30 ? 134  ASP A OD2 1 
ATOM   355  N N   . GLN A 1 47  ? -13.968 5.825   -5.745  1.00 33.86 ? 135  GLN A N   1 
ATOM   356  C CA  . GLN A 1 47  ? -13.710 6.668   -4.577  1.00 34.15 ? 135  GLN A CA  1 
ATOM   357  C C   . GLN A 1 47  ? -14.614 6.361   -3.389  1.00 33.58 ? 135  GLN A C   1 
ATOM   358  O O   . GLN A 1 47  ? -14.209 6.505   -2.235  1.00 33.44 ? 135  GLN A O   1 
ATOM   359  C CB  . GLN A 1 47  ? -13.787 8.130   -4.956  1.00 34.55 ? 135  GLN A CB  1 
ATOM   360  C CG  . GLN A 1 47  ? -12.835 8.512   -6.092  1.00 37.63 ? 135  GLN A CG  1 
ATOM   361  C CD  . GLN A 1 47  ? -12.788 10.008  -6.380  1.00 40.40 ? 135  GLN A CD  1 
ATOM   362  O OE1 . GLN A 1 47  ? -12.768 10.845  -5.453  1.00 44.26 ? 135  GLN A OE1 1 
ATOM   363  N NE2 . GLN A 1 47  ? -12.740 10.354  -7.665  1.00 41.22 ? 135  GLN A NE2 1 
ATOM   364  N N   . GLU A 1 48  ? -15.807 5.868   -3.640  1.00 33.48 ? 136  GLU A N   1 
ATOM   365  C CA  . GLU A 1 48  ? -16.711 5.561   -2.542  1.00 34.22 ? 136  GLU A CA  1 
ATOM   366  C C   . GLU A 1 48  ? -16.119 4.495   -1.621  1.00 33.83 ? 136  GLU A C   1 
ATOM   367  O O   . GLU A 1 48  ? -16.290 4.504   -0.391  1.00 33.93 ? 136  GLU A O   1 
ATOM   368  C CB  . GLU A 1 48  ? -18.045 5.053   -3.065  1.00 34.56 ? 136  GLU A CB  1 
ATOM   369  C CG  . GLU A 1 48  ? -19.067 4.977   -1.999  1.00 35.31 ? 136  GLU A CG  1 
ATOM   370  C CD  . GLU A 1 48  ? -19.082 3.683   -1.196  1.00 37.26 ? 136  GLU A CD  1 
ATOM   371  O OE1 . GLU A 1 48  ? -18.502 2.661   -1.615  1.00 36.45 ? 136  GLU A OE1 1 
ATOM   372  O OE2 . GLU A 1 48  ? -19.682 3.713   -0.107  1.00 39.27 ? 136  GLU A OE2 1 
ATOM   373  N N   . GLU A 1 49  ? -15.458 3.540   -2.255  1.00 33.85 ? 137  GLU A N   1 
ATOM   374  C CA  . GLU A 1 49  ? -14.922 2.409   -1.544  1.00 34.28 ? 137  GLU A CA  1 
ATOM   375  C C   . GLU A 1 49  ? -13.810 2.915   -0.619  1.00 34.12 ? 137  GLU A C   1 
ATOM   376  O O   . GLU A 1 49  ? -13.727 2.570   0.592   1.00 34.20 ? 137  GLU A O   1 
ATOM   377  C CB  . GLU A 1 49  ? -14.418 1.390   -2.575  1.00 33.98 ? 137  GLU A CB  1 
ATOM   378  C CG  . GLU A 1 49  ? -14.058 0.058   -2.025  1.00 35.26 ? 137  GLU A CG  1 
ATOM   379  C CD  . GLU A 1 49  ? -13.705 -0.914  -3.140  1.00 36.03 ? 137  GLU A CD  1 
ATOM   380  O OE1 . GLU A 1 49  ? -12.778 -0.637  -3.911  1.00 42.36 ? 137  GLU A OE1 1 
ATOM   381  O OE2 . GLU A 1 49  ? -14.374 -1.937  -3.267  1.00 36.13 ? 137  GLU A OE2 1 
ATOM   382  N N   . LEU A 1 50  ? -12.991 3.760   -1.212  1.00 34.82 ? 138  LEU A N   1 
ATOM   383  C CA  . LEU A 1 50  ? -11.898 4.381   -0.555  1.00 35.68 ? 138  LEU A CA  1 
ATOM   384  C C   . LEU A 1 50  ? -12.429 5.138   0.632   1.00 36.75 ? 138  LEU A C   1 
ATOM   385  O O   . LEU A 1 50  ? -11.968 4.913   1.754   1.00 37.64 ? 138  LEU A O   1 
ATOM   386  C CB  . LEU A 1 50  ? -11.130 5.289   -1.531  1.00 35.84 ? 138  LEU A CB  1 
ATOM   387  C CG  . LEU A 1 50  ? -9.886  5.955   -0.959  1.00 35.20 ? 138  LEU A CG  1 
ATOM   388  C CD1 . LEU A 1 50  ? -9.160  4.796   -0.296  1.00 38.18 ? 138  LEU A CD1 1 
ATOM   389  C CD2 . LEU A 1 50  ? -9.031  6.677   -2.007  1.00 34.16 ? 138  LEU A CD2 1 
ATOM   390  N N   . ARG A 1 51  ? -13.469 5.962   0.433   1.00 37.25 ? 139  ARG A N   1 
ATOM   391  C CA  . ARG A 1 51  ? -14.068 6.721   1.552   1.00 37.43 ? 139  ARG A CA  1 
ATOM   392  C C   . ARG A 1 51  ? -14.673 5.857   2.657   1.00 37.17 ? 139  ARG A C   1 
ATOM   393  O O   . ARG A 1 51  ? -14.615 6.210   3.848   1.00 37.43 ? 139  ARG A O   1 
ATOM   394  C CB  . ARG A 1 51  ? -15.164 7.684   1.066   1.00 38.25 ? 139  ARG A CB  1 
ATOM   395  C CG  . ARG A 1 51  ? -14.663 8.817   0.179   0.50 38.97 ? 139  ARG A CG  1 
ATOM   396  C CD  . ARG A 1 51  ? -15.755 9.853   -0.090  0.50 39.60 ? 139  ARG A CD  1 
ATOM   397  N NE  . ARG A 1 51  ? -17.061 9.251   -0.385  0.50 41.75 ? 139  ARG A NE  1 
ATOM   398  C CZ  . ARG A 1 51  ? -17.566 9.138   -1.607  0.50 39.64 ? 139  ARG A CZ  1 
ATOM   399  N NH1 . ARG A 1 51  ? -18.750 8.587   -1.779  0.50 39.78 ? 139  ARG A NH1 1 
ATOM   400  N NH2 . ARG A 1 51  ? -16.883 9.584   -2.654  0.50 40.01 ? 139  ARG A NH2 1 
ATOM   401  N N   . PHE A 1 52  ? -15.281 4.748   2.278   1.00 35.81 ? 140  PHE A N   1 
ATOM   402  C CA  . PHE A 1 52  ? -15.890 3.884   3.242   1.00 36.27 ? 140  PHE A CA  1 
ATOM   403  C C   . PHE A 1 52  ? -14.851 3.284   4.208   1.00 35.55 ? 140  PHE A C   1 
ATOM   404  O O   . PHE A 1 52  ? -15.030 3.281   5.427   1.00 32.44 ? 140  PHE A O   1 
ATOM   405  C CB  . PHE A 1 52  ? -16.659 2.754   2.558   1.00 37.15 ? 140  PHE A CB  1 
ATOM   406  C CG  . PHE A 1 52  ? -17.246 1.812   3.516   1.00 39.79 ? 140  PHE A CG  1 
ATOM   407  C CD1 . PHE A 1 52  ? -18.547 2.030   4.003   1.00 42.74 ? 140  PHE A CD1 1 
ATOM   408  C CD2 . PHE A 1 52  ? -16.486 0.769   4.032   1.00 40.89 ? 140  PHE A CD2 1 
ATOM   409  C CE1 . PHE A 1 52  ? -19.093 1.170   4.953   1.00 43.64 ? 140  PHE A CE1 1 
ATOM   410  C CE2 . PHE A 1 52  ? -17.023 -0.086  4.998   1.00 42.97 ? 140  PHE A CE2 1 
ATOM   411  C CZ  . PHE A 1 52  ? -18.314 0.101   5.446   1.00 44.13 ? 140  PHE A CZ  1 
ATOM   412  N N   . LEU A 1 53  ? -13.791 2.738   3.619   1.00 36.32 ? 141  LEU A N   1 
ATOM   413  C CA  . LEU A 1 53  ? -12.659 2.192   4.368   1.00 37.25 ? 141  LEU A CA  1 
ATOM   414  C C   . LEU A 1 53  ? -12.089 3.196   5.314   1.00 37.08 ? 141  LEU A C   1 
ATOM   415  O O   . LEU A 1 53  ? -11.951 2.944   6.503   1.00 38.08 ? 141  LEU A O   1 
ATOM   416  C CB  . LEU A 1 53  ? -11.523 1.805   3.423   1.00 37.47 ? 141  LEU A CB  1 
ATOM   417  C CG  . LEU A 1 53  ? -11.404 0.341   3.110   1.00 38.63 ? 141  LEU A CG  1 
ATOM   418  C CD1 . LEU A 1 53  ? -10.159 0.204   2.284   1.00 41.03 ? 141  LEU A CD1 1 
ATOM   419  C CD2 . LEU A 1 53  ? -11.294 -0.466  4.373   1.00 39.94 ? 141  LEU A CD2 1 
ATOM   420  N N   . LEU A 1 54  ? -11.719 4.331   4.777   1.00 37.94 ? 142  LEU A N   1 
ATOM   421  C CA  . LEU A 1 54  ? -11.033 5.335   5.559   1.00 38.94 ? 142  LEU A CA  1 
ATOM   422  C C   . LEU A 1 54  ? -11.900 5.832   6.697   1.00 38.53 ? 142  LEU A C   1 
ATOM   423  O O   . LEU A 1 54  ? -11.415 6.087   7.816   1.00 39.00 ? 142  LEU A O   1 
ATOM   424  C CB  . LEU A 1 54  ? -10.579 6.485   4.669   1.00 39.85 ? 142  LEU A CB  1 
ATOM   425  C CG  . LEU A 1 54  ? -9.518  6.005   3.676   1.00 40.80 ? 142  LEU A CG  1 
ATOM   426  C CD1 . LEU A 1 54  ? -9.292  7.072   2.686   1.00 43.68 ? 142  LEU A CD1 1 
ATOM   427  C CD2 . LEU A 1 54  ? -8.206  5.598   4.425   1.00 41.07 ? 142  LEU A CD2 1 
ATOM   428  N N   . ASP A 1 55  ? -13.192 5.885   6.454   1.00 37.17 ? 143  ASP A N   1 
ATOM   429  C CA  . ASP A 1 55  ? -14.112 6.295   7.502   1.00 36.38 ? 143  ASP A CA  1 
ATOM   430  C C   . ASP A 1 55  ? -14.424 5.195   8.521   1.00 34.16 ? 143  ASP A C   1 
ATOM   431  O O   . ASP A 1 55  ? -14.692 5.509   9.667   1.00 34.33 ? 143  ASP A O   1 
ATOM   432  C CB  . ASP A 1 55  ? -15.360 6.928   6.886   1.00 37.62 ? 143  ASP A CB  1 
ATOM   433  C CG  . ASP A 1 55  ? -15.041 8.272   6.178   0.50 38.36 ? 143  ASP A CG  1 
ATOM   434  O OD1 . ASP A 1 55  ? -14.081 8.966   6.600   0.50 40.74 ? 143  ASP A OD1 1 
ATOM   435  O OD2 . ASP A 1 55  ? -15.742 8.631   5.202   0.50 40.02 ? 143  ASP A OD2 1 
ATOM   436  N N   . SER A 1 56  ? -14.322 3.925   8.140   1.00 31.54 ? 144  SER A N   1 
ATOM   437  C CA  . SER A 1 56  ? -14.470 2.824   9.110   1.00 30.68 ? 144  SER A CA  1 
ATOM   438  C C   . SER A 1 56  ? -13.208 2.635   9.971   1.00 29.56 ? 144  SER A C   1 
ATOM   439  O O   . SER A 1 56  ? -13.279 2.181   11.134  1.00 30.31 ? 144  SER A O   1 
ATOM   440  C CB  . SER A 1 56  ? -14.834 1.508   8.397   1.00 31.43 ? 144  SER A CB  1 
ATOM   441  O OG  . SER A 1 56  ? -13.670 1.009   7.762   1.00 35.98 ? 144  SER A OG  1 
ATOM   442  N N   . ILE A 1 57  ? -12.055 2.979   9.414   1.00 26.76 ? 145  ILE A N   1 
ATOM   443  C CA  . ILE A 1 57  ? -10.770 2.805   10.119  1.00 26.82 ? 145  ILE A CA  1 
ATOM   444  C C   . ILE A 1 57  ? -10.452 3.942   11.054  1.00 26.15 ? 145  ILE A C   1 
ATOM   445  O O   . ILE A 1 57  ? -9.794  3.717   12.071  1.00 23.83 ? 145  ILE A O   1 
ATOM   446  C CB  . ILE A 1 57  ? -9.586  2.658   9.106   1.00 25.16 ? 145  ILE A CB  1 
ATOM   447  C CG1 . ILE A 1 57  ? -9.783  1.490   8.191   1.00 26.43 ? 145  ILE A CG1 1 
ATOM   448  C CG2 . ILE A 1 57  ? -8.239  2.449   9.835   1.00 29.02 ? 145  ILE A CG2 1 
ATOM   449  C CD1 . ILE A 1 57  ? -8.712  1.514   7.087   1.00 26.45 ? 145  ILE A CD1 1 
ATOM   450  N N   . LYS A 1 58  ? -10.870 5.161   10.658  1.00 26.85 ? 146  LYS A N   1 
ATOM   451  C CA  . LYS A 1 58  ? -10.627 6.418   11.381  1.00 26.73 ? 146  LYS A CA  1 
ATOM   452  C C   . LYS A 1 58  ? -9.152  6.740   11.558  1.00 29.28 ? 146  LYS A C   1 
ATOM   453  O O   . LYS A 1 58  ? -8.685  7.074   12.657  1.00 27.40 ? 146  LYS A O   1 
ATOM   454  C CB  . LYS A 1 58  ? -11.359 6.462   12.741  1.00 27.52 ? 146  LYS A CB  1 
ATOM   455  C CG  . LYS A 1 58  ? -12.847 6.341   12.685  1.00 26.84 ? 146  LYS A CG  1 
ATOM   456  C CD  . LYS A 1 58  ? -13.500 6.400   14.078  1.00 28.61 ? 146  LYS A CD  1 
ATOM   457  C CE  . LYS A 1 58  ? -15.003 6.293   13.972  1.00 31.25 ? 146  LYS A CE  1 
ATOM   458  N NZ  . LYS A 1 58  ? -15.388 4.975   13.469  1.00 34.85 ? 146  LYS A NZ  1 
ATOM   459  N N   . GLU A 1 59  ? -8.415  6.608   10.462  1.00 31.06 ? 147  GLU A N   1 
ATOM   460  C CA  . GLU A 1 59  ? -7.040  7.036   10.369  1.00 34.93 ? 147  GLU A CA  1 
ATOM   461  C C   . GLU A 1 59  ? -6.867  7.709   8.992   1.00 37.59 ? 147  GLU A C   1 
ATOM   462  O O   . GLU A 1 59  ? -6.203  7.149   8.096   1.00 38.71 ? 147  GLU A O   1 
ATOM   463  C CB  . GLU A 1 59  ? -6.128  5.813   10.481  1.00 35.21 ? 147  GLU A CB  1 
ATOM   464  C CG  . GLU A 1 59  ? -6.177  5.171   11.860  1.00 34.85 ? 147  GLU A CG  1 
ATOM   465  C CD  . GLU A 1 59  ? -5.615  3.781   11.896  1.00 36.89 ? 147  GLU A CD  1 
ATOM   466  O OE1 . GLU A 1 59  ? -6.164  2.930   12.695  1.00 28.87 ? 147  GLU A OE1 1 
ATOM   467  O OE2 . GLU A 1 59  ? -4.635  3.551   11.100  1.00 28.06 ? 147  GLU A OE2 1 
ATOM   468  N N   . LYS A 1 60  ? -7.477  8.884   8.811   1.00 39.84 ? 148  LYS A N   1 
ATOM   469  C CA  . LYS A 1 60  ? -7.562  9.510   7.468   1.00 41.57 ? 148  LYS A CA  1 
ATOM   470  C C   . LYS A 1 60  ? -6.209  10.053  6.946   1.00 42.23 ? 148  LYS A C   1 
ATOM   471  O O   . LYS A 1 60  ? -5.996  10.180  5.731   1.00 43.48 ? 148  LYS A O   1 
ATOM   472  C CB  . LYS A 1 60  ? -8.629  10.627  7.461   1.00 41.92 ? 148  LYS A CB  1 
ATOM   473  C CG  . LYS A 1 60  ? -9.109  11.017  6.056   1.00 43.41 ? 148  LYS A CG  1 
ATOM   474  C CD  . LYS A 1 60  ? -10.301 11.974  6.097   0.10 43.06 ? 148  LYS A CD  1 
ATOM   475  C CE  . LYS A 1 60  ? -11.575 11.298  6.593   0.10 43.04 ? 148  LYS A CE  1 
ATOM   476  N NZ  . LYS A 1 60  ? -12.759 12.197  6.495   0.10 42.92 ? 148  LYS A NZ  1 
ATOM   477  N N   . TYR A 1 61  ? -5.310  10.362  7.872   1.00 42.63 ? 149  TYR A N   1 
ATOM   478  C CA  . TYR A 1 61  ? -3.942  10.809  7.571   1.00 43.00 ? 149  TYR A CA  1 
ATOM   479  C C   . TYR A 1 61  ? -3.027  9.687   7.103   1.00 41.02 ? 149  TYR A C   1 
ATOM   480  O O   . TYR A 1 61  ? -2.205  9.908   6.212   1.00 42.29 ? 149  TYR A O   1 
ATOM   481  C CB  . TYR A 1 61  ? -3.311  11.436  8.820   1.00 44.14 ? 149  TYR A CB  1 
ATOM   482  C CG  . TYR A 1 61  ? -3.504  10.602  10.087  1.00 49.35 ? 149  TYR A CG  1 
ATOM   483  C CD1 . TYR A 1 61  ? -2.542  9.679   10.506  1.00 53.68 ? 149  TYR A CD1 1 
ATOM   484  C CD2 . TYR A 1 61  ? -4.661  10.737  10.856  1.00 53.35 ? 149  TYR A CD2 1 
ATOM   485  C CE1 . TYR A 1 61  ? -2.732  8.916   11.657  1.00 56.27 ? 149  TYR A CE1 1 
ATOM   486  C CE2 . TYR A 1 61  ? -4.861  9.988   11.998  1.00 55.88 ? 149  TYR A CE2 1 
ATOM   487  C CZ  . TYR A 1 61  ? -3.900  9.083   12.399  1.00 57.63 ? 149  TYR A CZ  1 
ATOM   488  O OH  . TYR A 1 61  ? -4.112  8.351   13.551  1.00 60.28 ? 149  TYR A OH  1 
ATOM   489  N N   . ASN A 1 62  ? -3.169  8.502   7.712   1.00 38.01 ? 150  ASN A N   1 
ATOM   490  C CA  . ASN A 1 62  ? -2.209  7.372   7.555   1.00 35.87 ? 150  ASN A CA  1 
ATOM   491  C C   . ASN A 1 62  ? -2.182  6.883   6.129   1.00 31.73 ? 150  ASN A C   1 
ATOM   492  O O   . ASN A 1 62  ? -3.100  7.135   5.379   1.00 31.80 ? 150  ASN A O   1 
ATOM   493  C CB  . ASN A 1 62  ? -2.599  6.187   8.448   1.00 36.35 ? 150  ASN A CB  1 
ATOM   494  C CG  . ASN A 1 62  ? -1.534  5.819   9.510   1.00 40.10 ? 150  ASN A CG  1 
ATOM   495  O OD1 . ASN A 1 62  ? -0.948  6.682   10.219  1.00 44.01 ? 150  ASN A OD1 1 
ATOM   496  N ND2 . ASN A 1 62  ? -1.318  4.488   9.664   1.00 45.76 ? 150  ASN A ND2 1 
ATOM   497  N N   . SER A 1 63  ? -1.132  6.135   5.785   1.00 29.10 ? 151  SER A N   1 
ATOM   498  C CA  . SER A 1 63  ? -1.027  5.538   4.487   1.00 24.62 ? 151  SER A CA  1 
ATOM   499  C C   . SER A 1 63  ? -1.247  4.024   4.603   1.00 20.56 ? 151  SER A C   1 
ATOM   500  O O   . SER A 1 63  ? -0.707  3.364   5.475   1.00 19.00 ? 151  SER A O   1 
ATOM   501  C CB  . SER A 1 63  ? 0.352   5.838   3.922   1.00 25.14 ? 151  SER A CB  1 
ATOM   502  O OG  . SER A 1 63  ? 0.487   7.192   3.598   1.00 26.52 ? 151  SER A OG  1 
ATOM   503  N N   . PHE A 1 64  ? -2.036  3.498   3.675   1.00 16.27 ? 152  PHE A N   1 
ATOM   504  C CA  . PHE A 1 64  ? -2.275  2.064   3.608   1.00 15.71 ? 152  PHE A CA  1 
ATOM   505  C C   . PHE A 1 64  ? -1.874  1.568   2.219   1.00 13.02 ? 152  PHE A C   1 
ATOM   506  O O   . PHE A 1 64  ? -2.366  2.050   1.203   1.00 14.98 ? 152  PHE A O   1 
ATOM   507  C CB  . PHE A 1 64  ? -3.742  1.808   3.811   1.00 15.46 ? 152  PHE A CB  1 
ATOM   508  C CG  . PHE A 1 64  ? -4.216  2.249   5.158   1.00 15.68 ? 152  PHE A CG  1 
ATOM   509  C CD1 . PHE A 1 64  ? -4.097  1.407   6.231   1.00 19.66 ? 152  PHE A CD1 1 
ATOM   510  C CD2 . PHE A 1 64  ? -4.709  3.516   5.336   1.00 19.38 ? 152  PHE A CD2 1 
ATOM   511  C CE1 . PHE A 1 64  ? -4.482  1.796   7.481   1.00 22.31 ? 152  PHE A CE1 1 
ATOM   512  C CE2 . PHE A 1 64  ? -5.133  3.936   6.635   1.00 19.98 ? 152  PHE A CE2 1 
ATOM   513  C CZ  . PHE A 1 64  ? -5.002  3.069   7.681   1.00 19.45 ? 152  PHE A CZ  1 
ATOM   514  N N   . TRP A 1 65  ? -1.003  0.557   2.168   1.00 13.88 ? 153  TRP A N   1 
ATOM   515  C CA  . TRP A 1 65  ? -0.672  -0.020  0.893   1.00 12.72 ? 153  TRP A CA  1 
ATOM   516  C C   . TRP A 1 65  ? -1.861  -0.656  0.170   1.00 12.19 ? 153  TRP A C   1 
ATOM   517  O O   . TRP A 1 65  ? -2.729  -1.290  0.757   1.00 13.16 ? 153  TRP A O   1 
ATOM   518  C CB  . TRP A 1 65  ? 0.386   -1.139  1.063   1.00 12.46 ? 153  TRP A CB  1 
ATOM   519  C CG  . TRP A 1 65  ? 1.733   -0.750  1.599   1.00 12.95 ? 153  TRP A CG  1 
ATOM   520  C CD1 . TRP A 1 65  ? 2.394   -1.346  2.629   1.00 11.22 ? 153  TRP A CD1 1 
ATOM   521  C CD2 . TRP A 1 65  ? 2.657   0.190   1.025   1.00 11.49 ? 153  TRP A CD2 1 
ATOM   522  N NE1 . TRP A 1 65  ? 3.647   -0.842  2.725   1.00 12.03 ? 153  TRP A NE1 1 
ATOM   523  C CE2 . TRP A 1 65  ? 3.824   0.128   1.783   1.00 14.30 ? 153  TRP A CE2 1 
ATOM   524  C CE3 . TRP A 1 65  ? 2.564   1.167   -0.003  1.00 11.21 ? 153  TRP A CE3 1 
ATOM   525  C CZ2 . TRP A 1 65  ? 4.932   0.919   1.518   1.00 14.05 ? 153  TRP A CZ2 1 
ATOM   526  C CZ3 . TRP A 1 65  ? 3.716   1.954   -0.248  1.00 14.45 ? 153  TRP A CZ3 1 
ATOM   527  C CH2 . TRP A 1 65  ? 4.871   1.772   0.505   1.00 13.36 ? 153  TRP A CH2 1 
ATOM   528  N N   . ILE A 1 66  ? -1.868  -0.466  -1.148  1.00 12.87 ? 154  ILE A N   1 
ATOM   529  C CA  . ILE A 1 66  ? -2.797  -1.069  -2.026  1.00 13.35 ? 154  ILE A CA  1 
ATOM   530  C C   . ILE A 1 66  ? -2.046  -1.785  -3.165  1.00 14.90 ? 154  ILE A C   1 
ATOM   531  O O   . ILE A 1 66  ? -0.835  -1.568  -3.363  1.00 15.26 ? 154  ILE A O   1 
ATOM   532  C CB  . ILE A 1 66  ? -3.846  -0.067  -2.553  1.00 13.13 ? 154  ILE A CB  1 
ATOM   533  C CG1 . ILE A 1 66  ? -3.198  0.990   -3.438  1.00 13.35 ? 154  ILE A CG1 1 
ATOM   534  C CG2 . ILE A 1 66  ? -4.605  0.590   -1.370  1.00 14.69 ? 154  ILE A CG2 1 
ATOM   535  C CD1 . ILE A 1 66  ? -4.270  1.996   -4.081  1.00 16.26 ? 154  ILE A CD1 1 
ATOM   536  N N   . GLY A 1 67  ? -2.787  -2.510  -3.986  1.00 14.46 ? 155  GLY A N   1 
ATOM   537  C CA  . GLY A 1 67  ? -2.201  -3.379  -5.003  1.00 16.10 ? 155  GLY A CA  1 
ATOM   538  C C   . GLY A 1 67  ? -1.801  -2.743  -6.302  1.00 15.28 ? 155  GLY A C   1 
ATOM   539  O O   . GLY A 1 67  ? -2.262  -3.153  -7.330  1.00 17.26 ? 155  GLY A O   1 
ATOM   540  N N   . LEU A 1 68  ? -0.884  -1.777  -6.258  1.00 15.52 ? 156  LEU A N   1 
ATOM   541  C CA  . LEU A 1 68  ? -0.432  -1.071  -7.412  1.00 16.23 ? 156  LEU A CA  1 
ATOM   542  C C   . LEU A 1 68  ? 1.019   -0.670  -7.191  1.00 16.51 ? 156  LEU A C   1 
ATOM   543  O O   . LEU A 1 68  ? 1.343   -0.082  -6.151  1.00 16.72 ? 156  LEU A O   1 
ATOM   544  C CB  . LEU A 1 68  ? -1.325  0.182   -7.620  1.00 16.70 ? 156  LEU A CB  1 
ATOM   545  C CG  . LEU A 1 68  ? -0.941  1.184   -8.661  1.00 19.15 ? 156  LEU A CG  1 
ATOM   546  C CD1 . LEU A 1 68  ? -0.857  0.536   -10.023 1.00 20.74 ? 156  LEU A CD1 1 
ATOM   547  C CD2 . LEU A 1 68  ? -1.929  2.368   -8.670  1.00 19.08 ? 156  LEU A CD2 1 
ATOM   548  N N   . ARG A 1 69  ? 1.874   -0.950  -8.176  1.00 15.95 ? 157  ARG A N   1 
ATOM   549  C CA  . ARG A 1 69  ? 3.296   -0.740  -8.068  1.00 17.18 ? 157  ARG A CA  1 
ATOM   550  C C   . ARG A 1 69  ? 3.955   -0.559  -9.453  1.00 18.26 ? 157  ARG A C   1 
ATOM   551  O O   . ARG A 1 69  ? 3.520   -1.176  -10.406 1.00 19.16 ? 157  ARG A O   1 
ATOM   552  C CB  . ARG A 1 69  ? 3.926   -1.953  -7.428  1.00 17.95 ? 157  ARG A CB  1 
ATOM   553  C CG  . ARG A 1 69  ? 5.411   -2.011  -7.410  1.00 16.33 ? 157  ARG A CG  1 
ATOM   554  C CD  . ARG A 1 69  ? 5.853   -3.243  -6.610  1.00 18.58 ? 157  ARG A CD  1 
ATOM   555  N NE  . ARG A 1 69  ? 7.298   -3.446  -6.516  1.00 18.59 ? 157  ARG A NE  1 
ATOM   556  C CZ  . ARG A 1 69  ? 8.043   -4.126  -7.417  1.00 18.69 ? 157  ARG A CZ  1 
ATOM   557  N NH1 . ARG A 1 69  ? 7.491   -4.679  -8.502  1.00 17.67 ? 157  ARG A NH1 1 
ATOM   558  N NH2 . ARG A 1 69  ? 9.363   -4.267  -7.217  1.00 18.44 ? 157  ARG A NH2 1 
ATOM   559  N N   . TYR A 1 70  ? 5.003   0.240   -9.505  1.00 18.81 ? 158  TYR A N   1 
ATOM   560  C CA  . TYR A 1 70  ? 5.862   0.355   -10.697 1.00 21.39 ? 158  TYR A CA  1 
ATOM   561  C C   . TYR A 1 70  ? 7.323   0.297   -10.317 1.00 20.72 ? 158  TYR A C   1 
ATOM   562  O O   . TYR A 1 70  ? 7.741   0.687   -9.212  1.00 20.01 ? 158  TYR A O   1 
ATOM   563  C CB  . TYR A 1 70  ? 5.523   1.668   -11.513 1.00 20.44 ? 158  TYR A CB  1 
ATOM   564  C CG  . TYR A 1 70  ? 5.906   2.984   -10.880 1.00 23.67 ? 158  TYR A CG  1 
ATOM   565  C CD1 . TYR A 1 70  ? 7.208   3.456   -10.915 1.00 23.56 ? 158  TYR A CD1 1 
ATOM   566  C CD2 . TYR A 1 70  ? 4.927   3.816   -10.272 1.00 23.70 ? 158  TYR A CD2 1 
ATOM   567  C CE1 . TYR A 1 70  ? 7.563   4.728   -10.305 1.00 25.34 ? 158  TYR A CE1 1 
ATOM   568  C CE2 . TYR A 1 70  ? 5.262   5.068   -9.696  1.00 26.87 ? 158  TYR A CE2 1 
ATOM   569  C CZ  . TYR A 1 70  ? 6.580   5.520   -9.701  1.00 24.74 ? 158  TYR A CZ  1 
ATOM   570  O OH  . TYR A 1 70  ? 6.973   6.727   -9.085  1.00 28.29 ? 158  TYR A OH  1 
ATOM   571  N N   . THR A 1 71  ? 8.138   -0.229  -11.253 1.00 23.40 ? 159  THR A N   1 
ATOM   572  C CA  . THR A 1 71  ? 9.592   -0.201  -11.075 1.00 25.87 ? 159  THR A CA  1 
ATOM   573  C C   . THR A 1 71  ? 10.235  0.816   -12.036 1.00 27.18 ? 159  THR A C   1 
ATOM   574  O O   . THR A 1 71  ? 9.656   1.195   -13.068 1.00 26.06 ? 159  THR A O   1 
ATOM   575  C CB  . THR A 1 71  ? 10.216  -1.577  -11.341 1.00 27.26 ? 159  THR A CB  1 
ATOM   576  O OG1 . THR A 1 71  ? 10.005  -1.916  -12.715 1.00 27.75 ? 159  THR A OG1 1 
ATOM   577  C CG2 . THR A 1 71  ? 9.542   -2.634  -10.471 1.00 28.92 ? 159  THR A CG2 1 
ATOM   578  N N   . LEU A 1 72  ? 11.403  1.285   -11.635 1.00 29.75 ? 160  LEU A N   1 
ATOM   579  C CA  . LEU A 1 72  ? 12.186  2.199   -12.447 1.00 33.43 ? 160  LEU A CA  1 
ATOM   580  C C   . LEU A 1 72  ? 13.526  1.595   -12.816 1.00 35.84 ? 160  LEU A C   1 
ATOM   581  O O   . LEU A 1 72  ? 14.185  0.923   -11.984 1.00 35.41 ? 160  LEU A O   1 
ATOM   582  C CB  . LEU A 1 72  ? 12.436  3.507   -11.688 1.00 33.80 ? 160  LEU A CB  1 
ATOM   583  C CG  . LEU A 1 72  ? 11.188  4.396   -11.518 1.00 36.39 ? 160  LEU A CG  1 
ATOM   584  C CD1 . LEU A 1 72  ? 11.559  5.770   -10.905 1.00 38.80 ? 160  LEU A CD1 1 
ATOM   585  C CD2 . LEU A 1 72  ? 10.451  4.585   -12.824 1.00 36.40 ? 160  LEU A CD2 1 
ATOM   586  N N   . PRO A 1 73  ? 13.989  1.916   -14.034 1.00 39.65 ? 161  PRO A N   1 
ATOM   587  C CA  . PRO A 1 73  ? 15.365  1.584   -14.313 1.00 41.58 ? 161  PRO A CA  1 
ATOM   588  C C   . PRO A 1 73  ? 16.301  2.258   -13.331 1.00 43.54 ? 161  PRO A C   1 
ATOM   589  O O   . PRO A 1 73  ? 15.952  3.311   -12.725 1.00 44.26 ? 161  PRO A O   1 
ATOM   590  C CB  . PRO A 1 73  ? 15.588  2.130   -15.737 1.00 41.69 ? 161  PRO A CB  1 
ATOM   591  C CG  . PRO A 1 73  ? 14.536  3.212   -15.924 1.00 41.16 ? 161  PRO A CG  1 
ATOM   592  C CD  . PRO A 1 73  ? 13.375  2.767   -15.075 1.00 39.54 ? 161  PRO A CD  1 
ATOM   593  N N   . ASP A 1 74  ? 17.473  1.636   -13.173 1.00 45.41 ? 162  ASP A N   1 
ATOM   594  C CA  . ASP A 1 74  ? 18.634  2.211   -12.484 1.00 46.45 ? 162  ASP A CA  1 
ATOM   595  C C   . ASP A 1 74  ? 18.758  3.712   -12.797 1.00 47.07 ? 162  ASP A C   1 
ATOM   596  O O   . ASP A 1 74  ? 18.553  4.161   -13.944 1.00 47.26 ? 162  ASP A O   1 
ATOM   597  C CB  . ASP A 1 74  ? 19.945  1.423   -12.798 1.00 46.99 ? 162  ASP A CB  1 
ATOM   598  C CG  . ASP A 1 74  ? 19.952  0.748   -14.189 0.50 47.13 ? 162  ASP A CG  1 
ATOM   599  O OD1 . ASP A 1 74  ? 18.868  0.487   -14.777 0.50 47.53 ? 162  ASP A OD1 1 
ATOM   600  O OD2 . ASP A 1 74  ? 21.068  0.456   -14.689 0.50 46.62 ? 162  ASP A OD2 1 
ATOM   601  N N   . MET A 1 75  ? 18.982  4.511   -11.761 1.00 47.69 ? 163  MET A N   1 
ATOM   602  C CA  . MET A 1 75  ? 19.021  5.959   -11.986 1.00 48.25 ? 163  MET A CA  1 
ATOM   603  C C   . MET A 1 75  ? 20.194  6.627   -11.277 1.00 47.07 ? 163  MET A C   1 
ATOM   604  O O   . MET A 1 75  ? 20.556  6.278   -10.153 1.00 46.61 ? 163  MET A O   1 
ATOM   605  C CB  . MET A 1 75  ? 17.685  6.613   -11.591 1.00 49.32 ? 163  MET A CB  1 
ATOM   606  C CG  . MET A 1 75  ? 16.626  6.650   -12.729 1.00 51.59 ? 163  MET A CG  1 
ATOM   607  S SD  . MET A 1 75  ? 14.970  7.016   -12.085 1.00 58.21 ? 163  MET A SD  1 
ATOM   608  C CE  . MET A 1 75  ? 13.922  7.071   -13.554 1.00 57.04 ? 163  MET A CE  1 
ATOM   609  N N   . ASN A 1 76  ? 20.778  7.599   -11.964 1.00 45.74 ? 164  ASN A N   1 
ATOM   610  C CA  . ASN A 1 76  ? 21.832  8.416   -11.380 1.00 44.81 ? 164  ASN A CA  1 
ATOM   611  C C   . ASN A 1 76  ? 21.093  9.597   -10.724 1.00 42.58 ? 164  ASN A C   1 
ATOM   612  O O   . ASN A 1 76  ? 20.626  10.517  -11.416 1.00 43.47 ? 164  ASN A O   1 
ATOM   613  C CB  . ASN A 1 76  ? 22.840  8.851   -12.460 1.00 44.65 ? 164  ASN A CB  1 
ATOM   614  C CG  . ASN A 1 76  ? 24.227  9.154   -11.896 0.50 45.28 ? 164  ASN A CG  1 
ATOM   615  O OD1 . ASN A 1 76  ? 24.446  9.125   -10.679 0.50 44.15 ? 164  ASN A OD1 1 
ATOM   616  N ND2 . ASN A 1 76  ? 25.173  9.441   -12.791 0.50 45.33 ? 164  ASN A ND2 1 
ATOM   617  N N   . TRP A 1 77  ? 20.883  9.494   -9.407  1.00 40.23 ? 165  TRP A N   1 
ATOM   618  C CA  . TRP A 1 77  ? 20.132  10.528  -8.664  1.00 37.89 ? 165  TRP A CA  1 
ATOM   619  C C   . TRP A 1 77  ? 20.959  11.793  -8.579  1.00 34.51 ? 165  TRP A C   1 
ATOM   620  O O   . TRP A 1 77  ? 22.094  11.724  -8.081  1.00 35.57 ? 165  TRP A O   1 
ATOM   621  C CB  . TRP A 1 77  ? 19.849  10.085  -7.215  1.00 37.79 ? 165  TRP A CB  1 
ATOM   622  C CG  . TRP A 1 77  ? 18.895  8.925   -7.026  1.00 39.41 ? 165  TRP A CG  1 
ATOM   623  C CD1 . TRP A 1 77  ? 19.078  7.829   -6.222  1.00 40.08 ? 165  TRP A CD1 1 
ATOM   624  C CD2 . TRP A 1 77  ? 17.616  8.771   -7.625  1.00 38.09 ? 165  TRP A CD2 1 
ATOM   625  N NE1 . TRP A 1 77  ? 17.987  7.004   -6.289  1.00 42.28 ? 165  TRP A NE1 1 
ATOM   626  C CE2 . TRP A 1 77  ? 17.078  7.553   -7.156  1.00 39.88 ? 165  TRP A CE2 1 
ATOM   627  C CE3 . TRP A 1 77  ? 16.871  9.543   -8.506  1.00 37.93 ? 165  TRP A CE3 1 
ATOM   628  C CZ2 . TRP A 1 77  ? 15.829  7.092   -7.544  1.00 41.58 ? 165  TRP A CZ2 1 
ATOM   629  C CZ3 . TRP A 1 77  ? 15.635  9.075   -8.906  1.00 38.33 ? 165  TRP A CZ3 1 
ATOM   630  C CH2 . TRP A 1 77  ? 15.120  7.866   -8.416  1.00 39.91 ? 165  TRP A CH2 1 
ATOM   631  N N   . LYS A 1 78  ? 20.400  12.933  -9.000  1.00 30.84 ? 166  LYS A N   1 
ATOM   632  C CA  . LYS A 1 78  ? 21.008  14.235  -8.717  1.00 28.14 ? 166  LYS A CA  1 
ATOM   633  C C   . LYS A 1 78  ? 20.068  15.208  -8.010  1.00 26.13 ? 166  LYS A C   1 
ATOM   634  O O   . LYS A 1 78  ? 18.893  15.232  -8.303  1.00 24.72 ? 166  LYS A O   1 
ATOM   635  C CB  . LYS A 1 78  ? 21.495  14.923  -9.993  1.00 28.35 ? 166  LYS A CB  1 
ATOM   636  C CG  . LYS A 1 78  ? 22.444  14.044  -10.814 1.00 33.23 ? 166  LYS A CG  1 
ATOM   637  C CD  . LYS A 1 78  ? 23.148  14.823  -11.893 1.00 36.41 ? 166  LYS A CD  1 
ATOM   638  C CE  . LYS A 1 78  ? 24.202  13.931  -12.589 1.00 39.27 ? 166  LYS A CE  1 
ATOM   639  N NZ  . LYS A 1 78  ? 24.441  14.438  -13.965 1.00 40.93 ? 166  LYS A NZ  1 
ATOM   640  N N   . TRP A 1 79  ? 20.653  16.021  -7.133  1.00 23.14 ? 167  TRP A N   1 
ATOM   641  C CA  . TRP A 1 79  ? 19.965  17.114  -6.465  1.00 21.49 ? 167  TRP A CA  1 
ATOM   642  C C   . TRP A 1 79  ? 19.465  18.114  -7.500  1.00 20.95 ? 167  TRP A C   1 
ATOM   643  O O   . TRP A 1 79  ? 19.917  18.137  -8.629  1.00 18.78 ? 167  TRP A O   1 
ATOM   644  C CB  . TRP A 1 79  ? 20.829  17.815  -5.438  1.00 20.07 ? 167  TRP A CB  1 
ATOM   645  C CG  . TRP A 1 79  ? 21.261  16.911  -4.299  1.00 22.05 ? 167  TRP A CG  1 
ATOM   646  C CD1 . TRP A 1 79  ? 22.528  16.446  -4.079  1.00 24.38 ? 167  TRP A CD1 1 
ATOM   647  C CD2 . TRP A 1 79  ? 20.442  16.380  -3.253  1.00 21.70 ? 167  TRP A CD2 1 
ATOM   648  N NE1 . TRP A 1 79  ? 22.549  15.631  -2.959  1.00 26.17 ? 167  TRP A NE1 1 
ATOM   649  C CE2 . TRP A 1 79  ? 21.285  15.567  -2.432  1.00 23.58 ? 167  TRP A CE2 1 
ATOM   650  C CE3 . TRP A 1 79  ? 19.068  16.449  -2.950  1.00 21.85 ? 167  TRP A CE3 1 
ATOM   651  C CZ2 . TRP A 1 79  ? 20.817  14.902  -1.330  1.00 22.82 ? 167  TRP A CZ2 1 
ATOM   652  C CZ3 . TRP A 1 79  ? 18.606  15.790  -1.840  1.00 19.51 ? 167  TRP A CZ3 1 
ATOM   653  C CH2 . TRP A 1 79  ? 19.471  15.016  -1.035  1.00 20.89 ? 167  TRP A CH2 1 
ATOM   654  N N   . ILE A 1 80  ? 18.543  18.954  -7.118  1.00 19.58 ? 168  ILE A N   1 
ATOM   655  C CA  . ILE A 1 80  ? 17.988  19.907  -8.079  1.00 19.72 ? 168  ILE A CA  1 
ATOM   656  C C   . ILE A 1 80  ? 19.011  20.903  -8.640  1.00 21.27 ? 168  ILE A C   1 
ATOM   657  O O   . ILE A 1 80  ? 18.791  21.460  -9.697  1.00 20.10 ? 168  ILE A O   1 
ATOM   658  C CB  . ILE A 1 80  ? 16.786  20.656  -7.570  1.00 20.28 ? 168  ILE A CB  1 
ATOM   659  C CG1 . ILE A 1 80  ? 17.023  21.344  -6.223  1.00 21.18 ? 168  ILE A CG1 1 
ATOM   660  C CG2 . ILE A 1 80  ? 15.601  19.614  -7.528  1.00 18.55 ? 168  ILE A CG2 1 
ATOM   661  C CD1 . ILE A 1 80  ? 15.897  22.327  -5.792  1.00 21.09 ? 168  ILE A CD1 1 
ATOM   662  N N   . ASN A 1 81  ? 20.109  21.110  -7.895  1.00 22.86 ? 169  ASN A N   1 
ATOM   663  C CA  . ASN A 1 81  ? 21.195  21.973  -8.384  1.00 24.01 ? 169  ASN A CA  1 
ATOM   664  C C   . ASN A 1 81  ? 22.168  21.240  -9.340  1.00 24.64 ? 169  ASN A C   1 
ATOM   665  O O   . ASN A 1 81  ? 23.119  21.851  -9.811  1.00 25.03 ? 169  ASN A O   1 
ATOM   666  C CB  . ASN A 1 81  ? 21.905  22.612  -7.190  1.00 24.52 ? 169  ASN A CB  1 
ATOM   667  C CG  . ASN A 1 81  ? 22.793  21.629  -6.460  1.00 24.43 ? 169  ASN A CG  1 
ATOM   668  O OD1 . ASN A 1 81  ? 22.671  20.411  -6.628  1.00 21.91 ? 169  ASN A OD1 1 
ATOM   669  N ND2 . ASN A 1 81  ? 23.744  22.164  -5.687  1.00 29.20 ? 169  ASN A ND2 1 
ATOM   670  N N   . GLY A 1 82  ? 21.923  19.958  -9.628  1.00 25.27 ? 170  GLY A N   1 
ATOM   671  C CA  . GLY A 1 82  ? 22.755  19.169  -10.559 1.00 27.57 ? 170  GLY A CA  1 
ATOM   672  C C   . GLY A 1 82  ? 23.878  18.387  -9.884  1.00 28.51 ? 170  GLY A C   1 
ATOM   673  O O   . GLY A 1 82  ? 24.571  17.631  -10.530 1.00 29.30 ? 170  GLY A O   1 
ATOM   674  N N   . SER A 1 83  ? 24.072  18.579  -8.590  1.00 29.12 ? 171  SER A N   1 
ATOM   675  C CA  . SER A 1 83  ? 25.099  17.827  -7.890  1.00 30.40 ? 171  SER A CA  1 
ATOM   676  C C   . SER A 1 83  ? 24.613  16.413  -7.604  1.00 31.25 ? 171  SER A C   1 
ATOM   677  O O   . SER A 1 83  ? 23.430  16.161  -7.405  1.00 30.36 ? 171  SER A O   1 
ATOM   678  C CB  . SER A 1 83  ? 25.562  18.572  -6.635  1.00 30.66 ? 171  SER A CB  1 
ATOM   679  O OG  . SER A 1 83  ? 24.533  18.642  -5.658  1.00 31.37 ? 171  SER A OG  1 
ATOM   680  N N   . THR A 1 84  ? 25.546  15.467  -7.615  1.00 32.03 ? 172  THR A N   1 
ATOM   681  C CA  . THR A 1 84  ? 25.256  14.059  -7.445  1.00 32.84 ? 172  THR A CA  1 
ATOM   682  C C   . THR A 1 84  ? 25.076  13.798  -5.952  1.00 32.66 ? 172  THR A C   1 
ATOM   683  O O   . THR A 1 84  ? 25.646  14.495  -5.103  1.00 32.26 ? 172  THR A O   1 
ATOM   684  C CB  . THR A 1 84  ? 26.461  13.249  -7.987  1.00 34.36 ? 172  THR A CB  1 
ATOM   685  O OG1 . THR A 1 84  ? 27.663  13.924  -7.573  1.00 37.47 ? 172  THR A OG1 1 
ATOM   686  C CG2 . THR A 1 84  ? 26.436  13.237  -9.489  1.00 33.50 ? 172  THR A CG2 1 
ATOM   687  N N   . LEU A 1 85  ? 24.221  12.857  -5.619  1.00 33.31 ? 173  LEU A N   1 
ATOM   688  C CA  . LEU A 1 85  ? 24.068  12.480  -4.236  1.00 34.55 ? 173  LEU A CA  1 
ATOM   689  C C   . LEU A 1 85  ? 25.298  11.675  -3.877  1.00 36.52 ? 173  LEU A C   1 
ATOM   690  O O   . LEU A 1 85  ? 25.709  10.785  -4.639  1.00 36.68 ? 173  LEU A O   1 
ATOM   691  C CB  . LEU A 1 85  ? 22.876  11.579  -4.022  1.00 34.21 ? 173  LEU A CB  1 
ATOM   692  C CG  . LEU A 1 85  ? 21.582  12.251  -3.626  1.00 32.79 ? 173  LEU A CG  1 
ATOM   693  C CD1 . LEU A 1 85  ? 21.156  13.219  -4.736  1.00 29.35 ? 173  LEU A CD1 1 
ATOM   694  C CD2 . LEU A 1 85  ? 20.582  11.149  -3.399  1.00 31.31 ? 173  LEU A CD2 1 
ATOM   695  N N   . ASN A 1 86  ? 25.840  11.960  -2.714  1.00 38.38 ? 174  ASN A N   1 
ATOM   696  C CA  . ASN A 1 86  ? 27.023  11.228  -2.298  1.00 40.44 ? 174  ASN A CA  1 
ATOM   697  C C   . ASN A 1 86  ? 26.664  9.914   -1.660  1.00 41.49 ? 174  ASN A C   1 
ATOM   698  O O   . ASN A 1 86  ? 25.493  9.652   -1.352  1.00 42.15 ? 174  ASN A O   1 
ATOM   699  C CB  . ASN A 1 86  ? 27.882  12.073  -1.382  1.00 40.98 ? 174  ASN A CB  1 
ATOM   700  C CG  . ASN A 1 86  ? 27.277  12.275  -0.033  1.00 40.02 ? 174  ASN A CG  1 
ATOM   701  O OD1 . ASN A 1 86  ? 26.712  11.359  0.556   1.00 44.13 ? 174  ASN A OD1 1 
ATOM   702  N ND2 . ASN A 1 86  ? 27.418  13.487  0.484   1.00 40.52 ? 174  ASN A ND2 1 
ATOM   703  N N   . SER A 1 87  ? 27.690  9.092   -1.467  1.00 41.71 ? 175  SER A N   1 
ATOM   704  C CA  . SER A 1 87  ? 27.558  7.733   -0.949  1.00 41.64 ? 175  SER A CA  1 
ATOM   705  C C   . SER A 1 87  ? 26.707  7.632   0.293   1.00 40.54 ? 175  SER A C   1 
ATOM   706  O O   . SER A 1 87  ? 25.842  6.755   0.376   1.00 40.80 ? 175  SER A O   1 
ATOM   707  C CB  . SER A 1 87  ? 28.954  7.172   -0.612  1.00 41.58 ? 175  SER A CB  1 
ATOM   708  O OG  . SER A 1 87  ? 29.727  7.092   -1.790  1.00 45.52 ? 175  SER A OG  1 
ATOM   709  N N   . ASP A 1 88  ? 26.971  8.519   1.251   1.00 39.88 ? 176  ASP A N   1 
ATOM   710  C CA  . ASP A 1 88  ? 26.330  8.459   2.574   1.00 39.81 ? 176  ASP A CA  1 
ATOM   711  C C   . ASP A 1 88  ? 24.818  8.646   2.431   1.00 38.80 ? 176  ASP A C   1 
ATOM   712  O O   . ASP A 1 88  ? 24.042  7.967   3.078   1.00 38.72 ? 176  ASP A O   1 
ATOM   713  C CB  . ASP A 1 88  ? 26.926  9.510   3.523   1.00 40.28 ? 176  ASP A CB  1 
ATOM   714  C CG  . ASP A 1 88  ? 26.529  9.288   5.010   1.00 42.76 ? 176  ASP A CG  1 
ATOM   715  O OD1 . ASP A 1 88  ? 26.221  10.288  5.711   1.00 45.21 ? 176  ASP A OD1 1 
ATOM   716  O OD2 . ASP A 1 88  ? 26.541  8.130   5.486   1.00 44.80 ? 176  ASP A OD2 1 
ATOM   717  N N   . VAL A 1 89  ? 24.411  9.552   1.545   1.00 37.45 ? 177  VAL A N   1 
ATOM   718  C CA  . VAL A 1 89  ? 23.001  9.822   1.385   1.00 36.94 ? 177  VAL A CA  1 
ATOM   719  C C   . VAL A 1 89  ? 22.316  8.725   0.542   1.00 36.89 ? 177  VAL A C   1 
ATOM   720  O O   . VAL A 1 89  ? 21.212  8.308   0.859   1.00 36.86 ? 177  VAL A O   1 
ATOM   721  C CB  . VAL A 1 89  ? 22.780  11.252  0.836   1.00 36.33 ? 177  VAL A CB  1 
ATOM   722  C CG1 . VAL A 1 89  ? 21.273  11.529  0.684   1.00 35.23 ? 177  VAL A CG1 1 
ATOM   723  C CG2 . VAL A 1 89  ? 23.396  12.266  1.789   1.00 33.58 ? 177  VAL A CG2 1 
ATOM   724  N N   . LEU A 1 90  ? 22.986  8.220   -0.488  1.00 38.08 ? 178  LEU A N   1 
ATOM   725  C CA  . LEU A 1 90  ? 22.447  7.110   -1.302  1.00 39.01 ? 178  LEU A CA  1 
ATOM   726  C C   . LEU A 1 90  ? 22.102  5.871   -0.467  1.00 39.48 ? 178  LEU A C   1 
ATOM   727  O O   . LEU A 1 90  ? 21.145  5.172   -0.772  1.00 40.59 ? 178  LEU A O   1 
ATOM   728  C CB  . LEU A 1 90  ? 23.433  6.704   -2.423  1.00 39.35 ? 178  LEU A CB  1 
ATOM   729  C CG  . LEU A 1 90  ? 23.546  7.665   -3.613  1.00 40.05 ? 178  LEU A CG  1 
ATOM   730  C CD1 . LEU A 1 90  ? 24.731  7.337   -4.507  1.00 39.55 ? 178  LEU A CD1 1 
ATOM   731  C CD2 . LEU A 1 90  ? 22.261  7.687   -4.439  1.00 38.90 ? 178  LEU A CD2 1 
ATOM   732  N N   . LYS A 1 91  ? 22.867  5.635   0.597   1.00 39.56 ? 179  LYS A N   1 
ATOM   733  C CA  . LYS A 1 91  ? 22.600  4.532   1.548   1.00 39.77 ? 179  LYS A CA  1 
ATOM   734  C C   . LYS A 1 91  ? 21.216  4.591   2.178   1.00 38.80 ? 179  LYS A C   1 
ATOM   735  O O   . LYS A 1 91  ? 20.770  3.595   2.702   1.00 38.72 ? 179  LYS A O   1 
ATOM   736  C CB  . LYS A 1 91  ? 23.621  4.521   2.719   1.00 39.54 ? 179  LYS A CB  1 
ATOM   737  C CG  . LYS A 1 91  ? 25.009  4.028   2.365   1.00 41.76 ? 179  LYS A CG  1 
ATOM   738  C CD  . LYS A 1 91  ? 25.915  3.841   3.601   0.50 42.06 ? 179  LYS A CD  1 
ATOM   739  C CE  . LYS A 1 91  ? 26.852  5.010   3.831   0.50 42.09 ? 179  LYS A CE  1 
ATOM   740  N NZ  . LYS A 1 91  ? 28.063  4.629   4.617   0.50 43.37 ? 179  LYS A NZ  1 
ATOM   741  N N   . ILE A 1 92  ? 20.564  5.755   2.188   1.00 37.23 ? 180  ILE A N   1 
ATOM   742  C CA  . ILE A 1 92  ? 19.258  5.856   2.841   1.00 36.72 ? 180  ILE A CA  1 
ATOM   743  C C   . ILE A 1 92  ? 18.187  6.432   1.929   1.00 35.67 ? 180  ILE A C   1 
ATOM   744  O O   . ILE A 1 92  ? 17.117  6.800   2.385   1.00 34.56 ? 180  ILE A O   1 
ATOM   745  C CB  . ILE A 1 92  ? 19.353  6.696   4.139   1.00 36.46 ? 180  ILE A CB  1 
ATOM   746  C CG1 . ILE A 1 92  ? 19.916  8.094   3.828   1.00 37.61 ? 180  ILE A CG1 1 
ATOM   747  C CG2 . ILE A 1 92  ? 20.193  5.888   5.222   1.00 37.88 ? 180  ILE A CG2 1 
ATOM   748  C CD1 . ILE A 1 92  ? 19.473  9.176   4.776   1.00 37.55 ? 180  ILE A CD1 1 
ATOM   749  N N   . THR A 1 93  ? 18.486  6.482   0.637   1.00 34.92 ? 181  THR A N   1 
ATOM   750  C CA  . THR A 1 93  ? 17.596  7.091   -0.344  1.00 35.29 ? 181  THR A CA  1 
ATOM   751  C C   . THR A 1 93  ? 16.940  6.002   -1.197  1.00 36.29 ? 181  THR A C   1 
ATOM   752  O O   . THR A 1 93  ? 17.620  5.220   -1.874  1.00 35.79 ? 181  THR A O   1 
ATOM   753  C CB  . THR A 1 93  ? 18.387  8.073   -1.174  1.00 34.41 ? 181  THR A CB  1 
ATOM   754  O OG1 . THR A 1 93  ? 18.901  9.064   -0.284  1.00 31.58 ? 181  THR A OG1 1 
ATOM   755  C CG2 . THR A 1 93  ? 17.516  8.733   -2.272  1.00 36.98 ? 181  THR A CG2 1 
ATOM   756  N N   . GLY A 1 94  ? 15.620  5.940   -1.090  1.00 37.15 ? 182  GLY A N   1 
ATOM   757  C CA  . GLY A 1 94  ? 14.806  4.926   -1.721  1.00 37.66 ? 182  GLY A CA  1 
ATOM   758  C C   . GLY A 1 94  ? 15.212  3.530   -1.316  1.00 37.40 ? 182  GLY A C   1 
ATOM   759  O O   . GLY A 1 94  ? 15.499  3.267   -0.166  1.00 36.47 ? 182  GLY A O   1 
ATOM   760  N N   . ASP A 1 95  ? 15.271  2.664   -2.312  1.00 38.10 ? 183  ASP A N   1 
ATOM   761  C CA  . ASP A 1 95  ? 15.477  1.258   -2.119  1.00 39.05 ? 183  ASP A CA  1 
ATOM   762  C C   . ASP A 1 95  ? 16.316  0.846   -3.334  1.00 39.48 ? 183  ASP A C   1 
ATOM   763  O O   . ASP A 1 95  ? 16.344  1.569   -4.353  1.00 37.52 ? 183  ASP A O   1 
ATOM   764  C CB  . ASP A 1 95  ? 14.117  0.530   -1.989  1.00 38.80 ? 183  ASP A CB  1 
ATOM   765  C CG  . ASP A 1 95  ? 13.111  0.892   -3.104  1.00 40.16 ? 183  ASP A CG  1 
ATOM   766  O OD1 . ASP A 1 95  ? 13.463  0.715   -4.273  1.00 29.27 ? 183  ASP A OD1 1 
ATOM   767  O OD2 . ASP A 1 95  ? 11.953  1.371   -2.833  1.00 41.85 ? 183  ASP A OD2 1 
ATOM   768  N N   . THR A 1 96  ? 17.039  -0.270  -3.217  1.00 40.51 ? 184  THR A N   1 
ATOM   769  C CA  . THR A 1 96  ? 17.852  -0.761  -4.341  1.00 41.94 ? 184  THR A CA  1 
ATOM   770  C C   . THR A 1 96  ? 16.946  -1.100  -5.524  1.00 41.43 ? 184  THR A C   1 
ATOM   771  O O   . THR A 1 96  ? 17.301  -0.863  -6.674  1.00 42.61 ? 184  THR A O   1 
ATOM   772  C CB  . THR A 1 96  ? 18.657  -2.027  -3.973  1.00 41.84 ? 184  THR A CB  1 
ATOM   773  O OG1 . THR A 1 96  ? 19.467  -1.756  -2.819  1.00 44.12 ? 184  THR A OG1 1 
ATOM   774  C CG2 . THR A 1 96  ? 19.548  -2.453  -5.161  1.00 43.80 ? 184  THR A CG2 1 
ATOM   775  N N   . GLU A 1 97  ? 15.764  -1.624  -5.210  1.00 40.74 ? 185  GLU A N   1 
ATOM   776  C CA  . GLU A 1 97  ? 14.800  -2.144  -6.190  1.00 40.35 ? 185  GLU A CA  1 
ATOM   777  C C   . GLU A 1 97  ? 14.251  -1.052  -7.095  1.00 39.16 ? 185  GLU A C   1 
ATOM   778  O O   . GLU A 1 97  ? 13.722  -1.318  -8.174  1.00 39.95 ? 185  GLU A O   1 
ATOM   779  C CB  . GLU A 1 97  ? 13.671  -2.841  -5.454  1.00 40.44 ? 185  GLU A CB  1 
ATOM   780  C CG  . GLU A 1 97  ? 14.112  -4.120  -4.678  1.00 42.73 ? 185  GLU A CG  1 
ATOM   781  C CD  . GLU A 1 97  ? 15.050  -3.854  -3.464  1.00 44.71 ? 185  GLU A CD  1 
ATOM   782  O OE1 . GLU A 1 97  ? 14.840  -2.861  -2.714  1.00 43.29 ? 185  GLU A OE1 1 
ATOM   783  O OE2 . GLU A 1 97  ? 16.012  -4.646  -3.278  1.00 46.50 ? 185  GLU A OE2 1 
ATOM   784  N N   . ASN A 1 98  ? 14.402  0.172   -6.618  1.00 37.58 ? 186  ASN A N   1 
ATOM   785  C CA  . ASN A 1 98  ? 13.866  1.352   -7.225  1.00 36.17 ? 186  ASN A CA  1 
ATOM   786  C C   . ASN A 1 98  ? 12.420  1.250   -7.663  1.00 33.17 ? 186  ASN A C   1 
ATOM   787  O O   . ASN A 1 98  ? 12.056  1.429   -8.852  1.00 33.43 ? 186  ASN A O   1 
ATOM   788  C CB  . ASN A 1 98  ? 14.763  1.866   -8.302  1.00 37.68 ? 186  ASN A CB  1 
ATOM   789  C CG  . ASN A 1 98  ? 15.319  3.159   -7.907  1.00 40.99 ? 186  ASN A CG  1 
ATOM   790  O OD1 . ASN A 1 98  ? 14.614  4.149   -7.992  1.00 45.77 ? 186  ASN A OD1 1 
ATOM   791  N ND2 . ASN A 1 98  ? 16.530  3.160   -7.306  1.00 44.33 ? 186  ASN A ND2 1 
ATOM   792  N N   . ASP A 1 99  ? 11.612  0.907   -6.678  1.00 28.02 ? 187  ASP A N   1 
ATOM   793  C CA  . ASP A 1 99  ? 10.182  0.777   -6.931  1.00 25.47 ? 187  ASP A CA  1 
ATOM   794  C C   . ASP A 1 99  ? 9.397   1.784   -6.121  1.00 24.03 ? 187  ASP A C   1 
ATOM   795  O O   . ASP A 1 99  ? 9.773   2.175   -4.978  1.00 23.71 ? 187  ASP A O   1 
ATOM   796  C CB  . ASP A 1 99  ? 9.671   -0.649  -6.714  1.00 24.48 ? 187  ASP A CB  1 
ATOM   797  C CG  . ASP A 1 99  ? 10.113  -1.267  -5.394  1.00 20.22 ? 187  ASP A CG  1 
ATOM   798  O OD1 . ASP A 1 99  ? 10.724  -0.620  -4.567  1.00 21.20 ? 187  ASP A OD1 1 
ATOM   799  O OD2 . ASP A 1 99  ? 9.771   -2.437  -5.191  1.00 21.15 ? 187  ASP A OD2 1 
ATOM   800  N N   . SER A 1 100 ? 8.245   2.109   -6.666  1.00 23.11 ? 188  SER A N   1 
ATOM   801  C CA  . SER A 1 100 ? 7.287   2.900   -5.919  1.00 21.72 ? 188  SER A CA  1 
ATOM   802  C C   . SER A 1 100 ? 5.931   2.163   -5.937  1.00 18.05 ? 188  SER A C   1 
ATOM   803  O O   . SER A 1 100 ? 5.569   1.486   -6.866  1.00 16.83 ? 188  SER A O   1 
ATOM   804  C CB  . SER A 1 100 ? 7.199   4.335   -6.457  1.00 24.63 ? 188  SER A CB  1 
ATOM   805  O OG  . SER A 1 100 ? 8.040   5.206   -5.629  1.00 31.09 ? 188  SER A OG  1 
ATOM   806  N N   . CYS A 1 101 ? 5.206   2.339   -4.865  1.00 15.95 ? 189  CYS A N   1 
ATOM   807  C CA  . CYS A 1 101 ? 4.052   1.558   -4.557  1.00 15.06 ? 189  CYS A CA  1 
ATOM   808  C C   . CYS A 1 101 ? 2.936   2.532   -4.139  1.00 15.93 ? 189  CYS A C   1 
ATOM   809  O O   . CYS A 1 101 ? 3.187   3.521   -3.437  1.00 15.89 ? 189  CYS A O   1 
ATOM   810  C CB  . CYS A 1 101 ? 4.410   0.635   -3.410  1.00 16.11 ? 189  CYS A CB  1 
ATOM   811  S SG  . CYS A 1 101 ? 5.466   -0.767  -3.916  1.00 16.39 ? 189  CYS A SG  1 
ATOM   812  N N   . ALA A 1 102 ? 1.725   2.190   -4.499  1.00 14.35 ? 190  ALA A N   1 
ATOM   813  C CA  . ALA A 1 102 ? 0.562   3.033   -4.183  1.00 15.48 ? 190  ALA A CA  1 
ATOM   814  C C   . ALA A 1 102 ? 0.056   2.808   -2.781  1.00 15.89 ? 190  ALA A C   1 
ATOM   815  O O   . ALA A 1 102 ? 0.053   1.700   -2.283  1.00 13.61 ? 190  ALA A O   1 
ATOM   816  C CB  . ALA A 1 102 ? -0.582  2.828   -5.181  1.00 17.28 ? 190  ALA A CB  1 
ATOM   817  N N   . ALA A 1 103 ? -0.361  3.900   -2.156  1.00 16.52 ? 191  ALA A N   1 
ATOM   818  C CA  . ALA A 1 103 ? -0.962  3.811   -0.858  1.00 18.06 ? 191  ALA A CA  1 
ATOM   819  C C   . ALA A 1 103 ? -2.144  4.781   -0.816  1.00 20.77 ? 191  ALA A C   1 
ATOM   820  O O   . ALA A 1 103 ? -2.089  5.844   -1.442  1.00 21.80 ? 191  ALA A O   1 
ATOM   821  C CB  . ALA A 1 103 ? 0.048   4.175   0.257   1.00 17.22 ? 191  ALA A CB  1 
ATOM   822  N N   . ILE A 1 104 ? -3.182  4.390   -0.090  1.00 22.15 ? 192  ILE A N   1 
ATOM   823  C CA  . ILE A 1 104 ? -4.312  5.275   0.161   1.00 25.89 ? 192  ILE A CA  1 
ATOM   824  C C   . ILE A 1 104 ? -3.929  6.186   1.265   1.00 27.63 ? 192  ILE A C   1 
ATOM   825  O O   . ILE A 1 104 ? -3.333  5.775   2.263   1.00 25.97 ? 192  ILE A O   1 
ATOM   826  C CB  . ILE A 1 104 ? -5.529  4.472   0.638   1.00 25.85 ? 192  ILE A CB  1 
ATOM   827  C CG1 . ILE A 1 104 ? -6.204  3.800   -0.505  1.00 29.48 ? 192  ILE A CG1 1 
ATOM   828  C CG2 . ILE A 1 104 ? -6.521  5.426   1.420   1.00 30.39 ? 192  ILE A CG2 1 
ATOM   829  C CD1 . ILE A 1 104 ? -7.257  2.703   -0.005  1.00 31.18 ? 192  ILE A CD1 1 
ATOM   830  N N   . SER A 1 105 ? -4.295  7.450   1.106   1.00 30.73 ? 193  SER A N   1 
ATOM   831  C CA  . SER A 1 105 ? -4.141  8.425   2.146   1.00 33.49 ? 193  SER A CA  1 
ATOM   832  C C   . SER A 1 105 ? -5.153  9.550   1.958   1.00 34.06 ? 193  SER A C   1 
ATOM   833  O O   . SER A 1 105 ? -5.168  10.198  0.914   1.00 33.72 ? 193  SER A O   1 
ATOM   834  C CB  . SER A 1 105 ? -2.771  9.036   2.097   1.00 34.15 ? 193  SER A CB  1 
ATOM   835  O OG  . SER A 1 105 ? -2.772  10.078  3.030   1.00 37.66 ? 193  SER A OG  1 
ATOM   836  N N   . GLY A 1 106 ? -5.985  9.757   2.974   1.00 35.69 ? 194  GLY A N   1 
ATOM   837  C CA  . GLY A 1 106 ? -6.976  10.783  2.888   1.00 37.74 ? 194  GLY A CA  1 
ATOM   838  C C   . GLY A 1 106 ? -7.973  10.193  1.944   1.00 38.32 ? 194  GLY A C   1 
ATOM   839  O O   . GLY A 1 106 ? -8.475  9.112   2.171   1.00 40.69 ? 194  GLY A O   1 
ATOM   840  N N   . ASP A 1 107 ? -8.203  10.871  0.847   1.00 38.36 ? 195  ASP A N   1 
ATOM   841  C CA  . ASP A 1 107 ? -9.072  10.354  -0.158  1.00 37.81 ? 195  ASP A CA  1 
ATOM   842  C C   . ASP A 1 107 ? -8.289  10.405  -1.451  1.00 36.41 ? 195  ASP A C   1 
ATOM   843  O O   . ASP A 1 107 ? -8.851  10.643  -2.530  1.00 38.12 ? 195  ASP A O   1 
ATOM   844  C CB  . ASP A 1 107 ? -10.367 11.200  -0.214  1.00 38.99 ? 195  ASP A CB  1 
ATOM   845  C CG  . ASP A 1 107 ? -10.103 12.676  -0.062  0.50 38.95 ? 195  ASP A CG  1 
ATOM   846  O OD1 . ASP A 1 107 ? -9.150  13.171  -0.700  0.50 40.35 ? 195  ASP A OD1 1 
ATOM   847  O OD2 . ASP A 1 107 ? -10.834 13.333  0.708   0.50 42.45 ? 195  ASP A OD2 1 
ATOM   848  N N   . LYS A 1 108 ? -6.968  10.265  -1.347  1.00 34.08 ? 196  LYS A N   1 
ATOM   849  C CA  . LYS A 1 108 ? -6.132  10.151  -2.540  1.00 32.01 ? 196  LYS A CA  1 
ATOM   850  C C   . LYS A 1 108 ? -5.286  8.888   -2.483  1.00 29.68 ? 196  LYS A C   1 
ATOM   851  O O   . LYS A 1 108 ? -5.168  8.264   -1.433  1.00 29.07 ? 196  LYS A O   1 
ATOM   852  C CB  . LYS A 1 108 ? -5.245  11.391  -2.816  1.00 32.60 ? 196  LYS A CB  1 
ATOM   853  C CG  . LYS A 1 108 ? -4.159  11.794  -1.827  1.00 34.59 ? 196  LYS A CG  1 
ATOM   854  C CD  . LYS A 1 108 ? -3.252  12.934  -2.408  1.00 35.60 ? 196  LYS A CD  1 
ATOM   855  C CE  . LYS A 1 108 ? -2.781  13.959  -1.354  0.50 35.31 ? 196  LYS A CE  1 
ATOM   856  N NZ  . LYS A 1 108 ? -2.611  15.388  -1.893  0.50 32.48 ? 196  LYS A NZ  1 
ATOM   857  N N   . VAL A 1 109 ? -4.778  8.548   -3.653  1.00 27.89 ? 197  VAL A N   1 
ATOM   858  C CA  . VAL A 1 109 ? -3.813  7.497   -3.850  1.00 25.78 ? 197  VAL A CA  1 
ATOM   859  C C   . VAL A 1 109 ? -2.487  8.219   -4.171  1.00 25.84 ? 197  VAL A C   1 
ATOM   860  O O   . VAL A 1 109 ? -2.431  9.002   -5.135  1.00 25.41 ? 197  VAL A O   1 
ATOM   861  C CB  . VAL A 1 109 ? -4.219  6.556   -4.986  1.00 25.46 ? 197  VAL A CB  1 
ATOM   862  C CG1 . VAL A 1 109 ? -3.117  5.539   -5.274  1.00 26.09 ? 197  VAL A CG1 1 
ATOM   863  C CG2 . VAL A 1 109 ? -5.537  5.754   -4.678  1.00 24.76 ? 197  VAL A CG2 1 
ATOM   864  N N   . THR A 1 110 ? -1.419  7.913   -3.398  1.00 22.70 ? 198  THR A N   1 
ATOM   865  C CA  . THR A 1 110 ? -0.109  8.476   -3.587  1.00 23.38 ? 198  THR A CA  1 
ATOM   866  C C   . THR A 1 110 ? 0.875   7.334   -3.803  1.00 21.61 ? 198  THR A C   1 
ATOM   867  O O   . THR A 1 110 ? 0.655   6.221   -3.315  1.00 21.83 ? 198  THR A O   1 
ATOM   868  C CB  . THR A 1 110 ? 0.364   9.243   -2.315  1.00 24.01 ? 198  THR A CB  1 
ATOM   869  O OG1 . THR A 1 110 ? -0.620  10.193  -1.921  1.00 30.66 ? 198  THR A OG1 1 
ATOM   870  C CG2 . THR A 1 110 ? 1.670   9.938   -2.510  1.00 26.12 ? 198  THR A CG2 1 
ATOM   871  N N   . PHE A 1 111 ? 1.924   7.589   -4.526  1.00 19.61 ? 199  PHE A N   1 
ATOM   872  C CA  . PHE A 1 111 ? 2.965   6.587   -4.745  1.00 19.59 ? 199  PHE A CA  1 
ATOM   873  C C   . PHE A 1 111 ? 4.056   6.936   -3.757  1.00 19.95 ? 199  PHE A C   1 
ATOM   874  O O   . PHE A 1 111 ? 4.394   8.126   -3.594  1.00 20.10 ? 199  PHE A O   1 
ATOM   875  C CB  . PHE A 1 111 ? 3.503   6.623   -6.158  1.00 20.27 ? 199  PHE A CB  1 
ATOM   876  C CG  . PHE A 1 111 ? 2.629   5.913   -7.140  1.00 22.16 ? 199  PHE A CG  1 
ATOM   877  C CD1 . PHE A 1 111 ? 1.784   6.610   -7.973  1.00 23.67 ? 199  PHE A CD1 1 
ATOM   878  C CD2 . PHE A 1 111 ? 2.678   4.538   -7.211  1.00 20.90 ? 199  PHE A CD2 1 
ATOM   879  C CE1 . PHE A 1 111 ? 0.938   5.929   -8.857  1.00 26.90 ? 199  PHE A CE1 1 
ATOM   880  C CE2 . PHE A 1 111 ? 1.901   3.862   -8.084  1.00 22.96 ? 199  PHE A CE2 1 
ATOM   881  C CZ  . PHE A 1 111 ? 1.027   4.537   -8.907  1.00 24.17 ? 199  PHE A CZ  1 
ATOM   882  N N   . GLU A 1 112 ? 4.613   5.910   -3.113  1.00 18.32 ? 200  GLU A N   1 
ATOM   883  C CA  . GLU A 1 112 ? 5.644   6.092   -2.087  1.00 18.28 ? 200  GLU A CA  1 
ATOM   884  C C   . GLU A 1 112 ? 6.690   4.990   -2.280  1.00 16.62 ? 200  GLU A C   1 
ATOM   885  O O   . GLU A 1 112 ? 6.364   3.890   -2.759  1.00 16.05 ? 200  GLU A O   1 
ATOM   886  C CB  . GLU A 1 112 ? 5.073   5.984   -0.649  1.00 19.14 ? 200  GLU A CB  1 
ATOM   887  C CG  . GLU A 1 112 ? 4.005   7.028   -0.262  1.00 23.89 ? 200  GLU A CG  1 
ATOM   888  C CD  . GLU A 1 112 ? 3.295   6.773   1.043   1.00 28.41 ? 200  GLU A CD  1 
ATOM   889  O OE1 . GLU A 1 112 ? 3.654   5.829   1.804   1.00 28.73 ? 200  GLU A OE1 1 
ATOM   890  O OE2 . GLU A 1 112 ? 2.350   7.592   1.309   1.00 34.04 ? 200  GLU A OE2 1 
ATOM   891  N N   . SER A 1 113 ? 7.934   5.247   -1.913  1.00 16.31 ? 201  SER A N   1 
ATOM   892  C CA  . SER A 1 113 ? 8.976   4.184   -1.986  1.00 15.23 ? 201  SER A CA  1 
ATOM   893  C C   . SER A 1 113 ? 8.475   2.953   -1.275  1.00 15.39 ? 201  SER A C   1 
ATOM   894  O O   . SER A 1 113 ? 7.969   3.015   -0.163  1.00 13.91 ? 201  SER A O   1 
ATOM   895  C CB  . SER A 1 113 ? 10.271  4.635   -1.348  1.00 16.56 ? 201  SER A CB  1 
ATOM   896  O OG  . SER A 1 113 ? 10.797  5.742   -2.048  1.00 15.24 ? 201  SER A OG  1 
ATOM   897  N N   . CYS A 1 114 ? 8.676   1.810   -1.928  1.00 14.05 ? 202  CYS A N   1 
ATOM   898  C CA  . CYS A 1 114 ? 8.064   0.547   -1.445  1.00 15.38 ? 202  CYS A CA  1 
ATOM   899  C C   . CYS A 1 114 ? 8.652   0.011   -0.165  1.00 15.09 ? 202  CYS A C   1 
ATOM   900  O O   . CYS A 1 114 ? 8.030   -0.863  0.425   1.00 14.32 ? 202  CYS A O   1 
ATOM   901  C CB  . CYS A 1 114 ? 8.170   -0.544  -2.533  1.00 16.36 ? 202  CYS A CB  1 
ATOM   902  S SG  . CYS A 1 114 ? 7.350   -0.088  -4.069  1.00 16.80 ? 202  CYS A SG  1 
ATOM   903  N N   . ASN A 1 115 ? 9.781   0.551   0.302   1.00 14.71 ? 203  ASN A N   1 
ATOM   904  C CA  . ASN A 1 115 ? 10.375  0.152   1.565   1.00 15.67 ? 203  ASN A CA  1 
ATOM   905  C C   . ASN A 1 115 ? 9.845   0.964   2.755   1.00 13.33 ? 203  ASN A C   1 
ATOM   906  O O   . ASN A 1 115 ? 10.287  0.744   3.879   1.00 16.41 ? 203  ASN A O   1 
ATOM   907  C CB  . ASN A 1 115 ? 11.928  0.251   1.523   1.00 16.29 ? 203  ASN A CB  1 
ATOM   908  C CG  . ASN A 1 115 ? 12.420  1.653   1.359   1.00 21.46 ? 203  ASN A CG  1 
ATOM   909  O OD1 . ASN A 1 115 ? 11.705  2.507   0.830   1.00 19.22 ? 203  ASN A OD1 1 
ATOM   910  N ND2 . ASN A 1 115 ? 13.702  1.903   1.737   1.00 24.53 ? 203  ASN A ND2 1 
ATOM   911  N N   . SER A 1 116 ? 8.876   1.843   2.505   1.00 15.57 ? 204  SER A N   1 
ATOM   912  C CA  . SER A 1 116 ? 8.183   2.534   3.588   1.00 15.88 ? 204  SER A CA  1 
ATOM   913  C C   . SER A 1 116 ? 7.490   1.545   4.444   1.00 16.50 ? 204  SER A C   1 
ATOM   914  O O   . SER A 1 116 ? 7.046   0.509   3.948   1.00 15.02 ? 204  SER A O   1 
ATOM   915  C CB  . SER A 1 116 ? 7.158   3.547   3.059   1.00 16.71 ? 204  SER A CB  1 
ATOM   916  O OG  . SER A 1 116 ? 7.789   4.545   2.286   1.00 20.35 ? 204  SER A OG  1 
ATOM   917  N N   . ASP A 1 117 ? 7.377   1.845   5.738   1.00 17.15 ? 205  ASP A N   1 
ATOM   918  C CA  . ASP A 1 117 ? 6.558   1.033   6.619   1.00 17.02 ? 205  ASP A CA  1 
ATOM   919  C C   . ASP A 1 117 ? 5.134   1.609   6.744   1.00 17.02 ? 205  ASP A C   1 
ATOM   920  O O   . ASP A 1 117 ? 4.905   2.616   7.404   1.00 17.29 ? 205  ASP A O   1 
ATOM   921  C CB  . ASP A 1 117 ? 7.211   0.945   7.989   1.00 18.63 ? 205  ASP A CB  1 
ATOM   922  C CG  . ASP A 1 117 ? 8.492   0.211   7.940   1.00 18.86 ? 205  ASP A CG  1 
ATOM   923  O OD1 . ASP A 1 117 ? 8.539   -0.899  7.331   1.00 17.28 ? 205  ASP A OD1 1 
ATOM   924  O OD2 . ASP A 1 117 ? 9.437   0.727   8.548   1.00 24.98 ? 205  ASP A OD2 1 
ATOM   925  N N   . ASN A 1 118 ? 4.204   0.950   6.081   1.00 16.01 ? 206  ASN A N   1 
ATOM   926  C CA  . ASN A 1 118 ? 2.786   1.363   6.108   1.00 16.00 ? 206  ASN A CA  1 
ATOM   927  C C   . ASN A 1 118 ? 1.993   0.163   6.505   1.00 15.94 ? 206  ASN A C   1 
ATOM   928  O O   . ASN A 1 118 ? 2.349   -0.972  6.209   1.00 14.81 ? 206  ASN A O   1 
ATOM   929  C CB  . ASN A 1 118 ? 2.275   1.810   4.741   1.00 16.36 ? 206  ASN A CB  1 
ATOM   930  C CG  . ASN A 1 118 ? 2.809   3.138   4.293   1.00 15.71 ? 206  ASN A CG  1 
ATOM   931  O OD1 . ASN A 1 118 ? 3.090   4.018   5.086   1.00 18.43 ? 206  ASN A OD1 1 
ATOM   932  N ND2 . ASN A 1 118 ? 3.010   3.266   2.975   1.00 15.34 ? 206  ASN A ND2 1 
ATOM   933  N N   . ARG A 1 119 ? 0.819   0.396   7.124   1.00 14.43 ? 207  ARG A N   1 
ATOM   934  C CA  . ARG A 1 119 ? -0.149  -0.659  7.177   1.00 15.64 ? 207  ARG A CA  1 
ATOM   935  C C   . ARG A 1 119 ? -0.657  -0.991  5.757   1.00 13.31 ? 207  ARG A C   1 
ATOM   936  O O   . ARG A 1 119 ? -0.451  -0.237  4.819   1.00 13.91 ? 207  ARG A O   1 
ATOM   937  C CB  . ARG A 1 119 ? -1.364  -0.311  8.100   1.00 15.43 ? 207  ARG A CB  1 
ATOM   938  C CG  . ARG A 1 119 ? -0.931  -0.128  9.500   1.00 15.33 ? 207  ARG A CG  1 
ATOM   939  C CD  . ARG A 1 119 ? -2.126  0.451   10.402  1.00 17.66 ? 207  ARG A CD  1 
ATOM   940  N NE  . ARG A 1 119 ? -3.017  -0.618  10.661  1.00 20.89 ? 207  ARG A NE  1 
ATOM   941  C CZ  . ARG A 1 119 ? -4.275  -0.507  11.078  1.00 17.05 ? 207  ARG A CZ  1 
ATOM   942  N NH1 . ARG A 1 119 ? -4.831  0.700   11.227  1.00 24.24 ? 207  ARG A NH1 1 
ATOM   943  N NH2 . ARG A 1 119 ? -4.928  -1.596  11.304  1.00 20.41 ? 207  ARG A NH2 1 
ATOM   944  N N   . TRP A 1 120 ? -1.335  -2.094  5.625   1.00 14.31 ? 208  TRP A N   1 
ATOM   945  C CA  . TRP A 1 120 ? -1.911  -2.476  4.333   1.00 13.56 ? 208  TRP A CA  1 
ATOM   946  C C   . TRP A 1 120 ? -3.337  -3.025  4.489   1.00 15.88 ? 208  TRP A C   1 
ATOM   947  O O   . TRP A 1 120 ? -3.745  -3.380  5.579   1.00 16.56 ? 208  TRP A O   1 
ATOM   948  C CB  . TRP A 1 120 ? -1.034  -3.527  3.613   1.00 14.09 ? 208  TRP A CB  1 
ATOM   949  C CG  . TRP A 1 120 ? -0.800  -4.823  4.348   1.00 13.33 ? 208  TRP A CG  1 
ATOM   950  C CD1 . TRP A 1 120 ? -1.508  -5.961  4.225   1.00 12.07 ? 208  TRP A CD1 1 
ATOM   951  C CD2 . TRP A 1 120 ? 0.234   -5.085  5.297   1.00 14.59 ? 208  TRP A CD2 1 
ATOM   952  N NE1 . TRP A 1 120 ? -1.016  -6.943  5.064   1.00 16.05 ? 208  TRP A NE1 1 
ATOM   953  C CE2 . TRP A 1 120 ? 0.090   -6.432  5.716   1.00 14.54 ? 208  TRP A CE2 1 
ATOM   954  C CE3 . TRP A 1 120 ? 1.277   -4.319  5.821   1.00 15.79 ? 208  TRP A CE3 1 
ATOM   955  C CZ2 . TRP A 1 120 ? 0.965   -7.023  6.639   1.00 17.81 ? 208  TRP A CZ2 1 
ATOM   956  C CZ3 . TRP A 1 120 ? 2.134   -4.908  6.749   1.00 17.08 ? 208  TRP A CZ3 1 
ATOM   957  C CH2 . TRP A 1 120 ? 1.967   -6.230  7.142   1.00 18.23 ? 208  TRP A CH2 1 
ATOM   958  N N   . ILE A 1 121 ? -4.042  -3.043  3.380   1.00 15.52 ? 209  ILE A N   1 
ATOM   959  C CA  . ILE A 1 121 ? -5.447  -3.515  3.340   1.00 15.91 ? 209  ILE A CA  1 
ATOM   960  C C   . ILE A 1 121 ? -5.500  -4.677  2.391   1.00 16.37 ? 209  ILE A C   1 
ATOM   961  O O   . ILE A 1 121 ? -5.096  -4.595  1.213   1.00 17.36 ? 209  ILE A O   1 
ATOM   962  C CB  . ILE A 1 121 ? -6.369  -2.388  2.840   1.00 17.09 ? 209  ILE A CB  1 
ATOM   963  C CG1 . ILE A 1 121 ? -6.306  -1.172  3.789   1.00 19.59 ? 209  ILE A CG1 1 
ATOM   964  C CG2 . ILE A 1 121 ? -7.838  -2.891  2.706   1.00 17.00 ? 209  ILE A CG2 1 
ATOM   965  C CD1 . ILE A 1 121 ? -6.915  0.102   3.233   1.00 24.67 ? 209  ILE A CD1 1 
ATOM   966  N N   . CYS A 1 122 ? -5.979  -5.790  2.898   1.00 17.13 ? 210  CYS A N   1 
ATOM   967  C CA  . CYS A 1 122 ? -6.239  -6.941  2.064   1.00 17.59 ? 210  CYS A CA  1 
ATOM   968  C C   . CYS A 1 122 ? -7.737  -6.975  1.703   1.00 18.74 ? 210  CYS A C   1 
ATOM   969  O O   . CYS A 1 122 ? -8.577  -6.429  2.436   1.00 17.78 ? 210  CYS A O   1 
ATOM   970  C CB  . CYS A 1 122 ? -5.898  -8.251  2.743   1.00 19.19 ? 210  CYS A CB  1 
ATOM   971  S SG  . CYS A 1 122 ? -4.270  -8.456  3.372   1.00 20.51 ? 210  CYS A SG  1 
ATOM   972  N N   . GLN A 1 123 ? -8.023  -7.537  0.546   1.00 20.53 ? 211  GLN A N   1 
ATOM   973  C CA  . GLN A 1 123 ? -9.363  -7.684  0.107   1.00 21.03 ? 211  GLN A CA  1 
ATOM   974  C C   . GLN A 1 123 ? -9.667  -9.109  -0.302  1.00 23.84 ? 211  GLN A C   1 
ATOM   975  O O   . GLN A 1 123 ? -8.822  -9.814  -0.822  1.00 23.21 ? 211  GLN A O   1 
ATOM   976  C CB  . GLN A 1 123 ? -9.693  -6.712  -1.029  1.00 20.69 ? 211  GLN A CB  1 
ATOM   977  C CG  . GLN A 1 123 ? -9.246  -7.105  -2.406  1.00 24.81 ? 211  GLN A CG  1 
ATOM   978  C CD  . GLN A 1 123 ? -9.781  -6.225  -3.510  1.00 23.53 ? 211  GLN A CD  1 
ATOM   979  O OE1 . GLN A 1 123 ? -9.978  -5.024  -3.330  1.00 22.00 ? 211  GLN A OE1 1 
ATOM   980  N NE2 . GLN A 1 123 ? -10.025 -6.840  -4.713  1.00 24.97 ? 211  GLN A NE2 1 
ATOM   981  N N   . LYS A 1 124 ? -10.926 -9.479  -0.114  1.00 24.53 ? 212  LYS A N   1 
ATOM   982  C CA  . LYS A 1 124 ? -11.489 -10.740 -0.645  1.00 27.46 ? 212  LYS A CA  1 
ATOM   983  C C   . LYS A 1 124 ? -12.798 -10.322 -1.333  1.00 30.42 ? 212  LYS A C   1 
ATOM   984  O O   . LYS A 1 124 ? -13.439 -9.339  -0.962  1.00 28.67 ? 212  LYS A O   1 
ATOM   985  C CB  . LYS A 1 124 ? -11.779 -11.732 0.465   1.00 28.09 ? 212  LYS A CB  1 
ATOM   986  C CG  . LYS A 1 124 ? -10.625 -12.596 0.909   1.00 27.42 ? 212  LYS A CG  1 
ATOM   987  C CD  . LYS A 1 124 ? -10.982 -13.278 2.188   1.00 31.85 ? 212  LYS A CD  1 
ATOM   988  C CE  . LYS A 1 124 ? -9.952  -14.268 2.675   1.00 33.16 ? 212  LYS A CE  1 
ATOM   989  N NZ  . LYS A 1 124 ? -9.987  -15.498 1.852   1.00 32.63 ? 212  LYS A NZ  1 
ATOM   990  N N   . GLU A 1 125 ? -13.114 -11.009 -2.412  1.00 34.24 ? 213  GLU A N   1 
ATOM   991  C CA  . GLU A 1 125 ? -14.351 -10.767 -3.142  1.00 38.30 ? 213  GLU A CA  1 
ATOM   992  C C   . GLU A 1 125 ? -15.321 -11.775 -2.611  1.00 40.28 ? 213  GLU A C   1 
ATOM   993  O O   . GLU A 1 125 ? -15.013 -12.964 -2.635  1.00 41.39 ? 213  GLU A O   1 
ATOM   994  C CB  . GLU A 1 125 ? -14.138 -10.965 -4.652  1.00 38.89 ? 213  GLU A CB  1 
ATOM   995  C CG  . GLU A 1 125 ? -13.421 -9.785  -5.369  1.00 40.69 ? 213  GLU A CG  1 
ATOM   996  C CD  . GLU A 1 125 ? -14.369 -8.661  -5.812  0.50 42.23 ? 213  GLU A CD  1 
ATOM   997  O OE1 . GLU A 1 125 ? -13.886 -7.681  -6.430  0.50 43.05 ? 213  GLU A OE1 1 
ATOM   998  O OE2 . GLU A 1 125 ? -15.584 -8.746  -5.530  0.50 41.38 ? 213  GLU A OE2 1 
ATOM   999  N N   . LEU A 1 126 ? -16.460 -11.327 -2.093  1.00 43.03 ? 214  LEU A N   1 
ATOM   1000 C CA  . LEU A 1 126 ? -17.516 -12.263 -1.667  1.00 45.52 ? 214  LEU A CA  1 
ATOM   1001 C C   . LEU A 1 126 ? -18.375 -12.697 -2.888  1.00 47.04 ? 214  LEU A C   1 
ATOM   1002 O O   . LEU A 1 126 ? -18.703 -13.885 -3.058  1.00 47.37 ? 214  LEU A O   1 
ATOM   1003 C CB  . LEU A 1 126 ? -18.366 -11.647 -0.554  1.00 45.55 ? 214  LEU A CB  1 
ATOM   1004 C CG  . LEU A 1 126 ? -19.074 -12.638 0.388   1.00 47.94 ? 214  LEU A CG  1 
ATOM   1005 C CD1 . LEU A 1 126 ? -18.131 -13.743 0.919   1.00 48.91 ? 214  LEU A CD1 1 
ATOM   1006 C CD2 . LEU A 1 126 ? -19.732 -11.854 1.539   1.00 47.47 ? 214  LEU A CD2 1 
ATOM   1007 N N   . TYR A 1 127 ? -18.691 -11.731 -3.751  1.00 49.20 ? 215  TYR A N   1 
ATOM   1008 C CA  . TYR A 1 127 ? -19.362 -11.985 -5.035  1.00 50.64 ? 215  TYR A CA  1 
ATOM   1009 C C   . TYR A 1 127 ? -18.540 -11.343 -6.141  1.00 51.39 ? 215  TYR A C   1 
ATOM   1010 O O   . TYR A 1 127 ? -18.030 -10.235 -5.954  1.00 52.57 ? 215  TYR A O   1 
ATOM   1011 C CB  . TYR A 1 127 ? -20.788 -11.405 -5.059  1.00 51.03 ? 215  TYR A CB  1 
ATOM   1012 C CG  . TYR A 1 127 ? -21.412 -11.257 -3.691  1.00 51.41 ? 215  TYR A CG  1 
ATOM   1013 C CD1 . TYR A 1 127 ? -21.361 -10.036 -3.028  1.00 52.28 ? 215  TYR A CD1 1 
ATOM   1014 C CD2 . TYR A 1 127 ? -22.037 -12.336 -3.054  1.00 51.54 ? 215  TYR A CD2 1 
ATOM   1015 C CE1 . TYR A 1 127 ? -21.911 -9.873  -1.771  1.00 53.08 ? 215  TYR A CE1 1 
ATOM   1016 C CE2 . TYR A 1 127 ? -22.594 -12.188 -1.785  1.00 52.09 ? 215  TYR A CE2 1 
ATOM   1017 C CZ  . TYR A 1 127 ? -22.527 -10.945 -1.154  1.00 52.70 ? 215  TYR A CZ  1 
ATOM   1018 O OH  . TYR A 1 127 ? -23.061 -10.739 0.093   1.00 53.97 ? 215  TYR A OH  1 
HETATM 1019 P P   . PO4 B 2 .   ? -2.950  -9.752  11.028  1.00 40.75 ? 1111 PO4 A P   1 
HETATM 1020 O O1  . PO4 B 2 .   ? -4.202  -9.410  11.790  1.00 37.29 ? 1111 PO4 A O1  1 
HETATM 1021 O O2  . PO4 B 2 .   ? -2.422  -8.548  10.209  1.00 32.75 ? 1111 PO4 A O2  1 
HETATM 1022 O O3  . PO4 B 2 .   ? -1.910  -10.232 12.012  1.00 38.33 ? 1111 PO4 A O3  1 
HETATM 1023 O O4  . PO4 B 2 .   ? -3.347  -10.872 10.089  1.00 45.32 ? 1111 PO4 A O4  1 
HETATM 1024 O O   . HOH C 3 .   ? 8.473   -3.576  -0.621  1.00 14.26 ? 1000 HOH A O   1 
HETATM 1025 O O   . HOH C 3 .   ? 16.407  16.386  -8.505  1.00 20.56 ? 1001 HOH A O   1 
HETATM 1026 O O   . HOH C 3 .   ? 0.780   -11.939 -5.067  0.50 19.69 ? 1002 HOH A O   1 
HETATM 1027 O O   . HOH C 3 .   ? 11.625  -10.820 -2.114  1.00 20.58 ? 1003 HOH A O   1 
HETATM 1028 O O   . HOH C 3 .   ? 2.217   -15.643 2.101   1.00 24.42 ? 1004 HOH A O   1 
HETATM 1029 O O   . HOH C 3 .   ? 6.331   -4.608  11.464  1.00 22.80 ? 1005 HOH A O   1 
HETATM 1030 O O   . HOH C 3 .   ? 10.476  -6.247  2.623   1.00 22.38 ? 1006 HOH A O   1 
HETATM 1031 O O   . HOH C 3 .   ? -1.978  -11.188 -4.944  1.00 21.86 ? 1007 HOH A O   1 
HETATM 1032 O O   . HOH C 3 .   ? 10.812  -1.968  7.323   1.00 21.10 ? 1008 HOH A O   1 
HETATM 1033 O O   . HOH C 3 .   ? 0.015   -7.773  10.341  1.00 28.32 ? 1009 HOH A O   1 
HETATM 1034 O O   . HOH C 3 .   ? 12.075  -0.813  5.240   1.00 23.01 ? 1010 HOH A O   1 
HETATM 1035 O O   . HOH C 3 .   ? 5.115   -3.835  -10.187 1.00 26.01 ? 1011 HOH A O   1 
HETATM 1036 O O   . HOH C 3 .   ? -2.687  -8.401  7.717   1.00 25.29 ? 1012 HOH A O   1 
HETATM 1037 O O   . HOH C 3 .   ? 8.519   4.398   6.735   1.00 30.25 ? 1013 HOH A O   1 
HETATM 1038 O O   . HOH C 3 .   ? -0.630  -14.443 5.505   1.00 24.54 ? 1014 HOH A O   1 
HETATM 1039 O O   . HOH C 3 .   ? 11.839  -2.248  -2.486  1.00 40.52 ? 1015 HOH A O   1 
HETATM 1040 O O   . HOH C 3 .   ? 6.802   -1.335  -13.572 1.00 36.10 ? 1016 HOH A O   1 
HETATM 1041 O O   . HOH C 3 .   ? 4.846   -16.479 2.430   1.00 27.75 ? 1017 HOH A O   1 
HETATM 1042 O O   . HOH C 3 .   ? 19.312  17.897  -11.574 1.00 32.86 ? 1018 HOH A O   1 
HETATM 1043 O O   . HOH C 3 .   ? 10.656  -4.791  7.153   1.00 22.52 ? 1019 HOH A O   1 
HETATM 1044 O O   . HOH C 3 .   ? -10.031 0.478   -10.736 1.00 32.17 ? 1020 HOH A O   1 
HETATM 1045 O O   . HOH C 3 .   ? 14.873  4.996   1.873   1.00 36.43 ? 1021 HOH A O   1 
HETATM 1046 O O   . HOH C 3 .   ? -5.361  -6.690  11.779  1.00 33.03 ? 1022 HOH A O   1 
HETATM 1047 O O   . HOH C 3 .   ? 10.666  -5.121  0.359   1.00 30.61 ? 1023 HOH A O   1 
HETATM 1048 O O   . HOH C 3 .   ? -4.233  -9.254  -7.197  1.00 33.31 ? 1024 HOH A O   1 
HETATM 1049 O O   . HOH C 3 .   ? 11.769  4.758   -4.268  1.00 28.91 ? 1025 HOH A O   1 
HETATM 1050 O O   . HOH C 3 .   ? 4.718   -8.166  8.820   1.00 33.97 ? 1026 HOH A O   1 
HETATM 1051 O O   . HOH C 3 .   ? -5.026  -7.536  6.605   1.00 30.43 ? 1027 HOH A O   1 
HETATM 1052 O O   . HOH C 3 .   ? 11.595  -2.904  0.424   1.00 37.81 ? 1028 HOH A O   1 
HETATM 1053 O O   . HOH C 3 .   ? 17.649  12.821  -10.178 1.00 39.06 ? 1029 HOH A O   1 
HETATM 1054 O O   . HOH C 3 .   ? 15.289  -5.049  -8.670  1.00 30.72 ? 1030 HOH A O   1 
HETATM 1055 O O   . HOH C 3 .   ? 13.364  -2.803  3.505   1.00 37.56 ? 1031 HOH A O   1 
HETATM 1056 O O   . HOH C 3 .   ? 6.386   -3.901  -12.342 1.00 32.74 ? 1032 HOH A O   1 
HETATM 1057 O O   . HOH C 3 .   ? 2.339   -9.073  9.473   1.00 39.15 ? 1033 HOH A O   1 
HETATM 1058 O O   . HOH C 3 .   ? 12.153  5.126   1.329   1.00 29.41 ? 1034 HOH A O   1 
HETATM 1059 O O   . HOH C 3 .   ? 9.403   -8.500  8.032   1.00 42.14 ? 1035 HOH A O   1 
HETATM 1060 O O   . HOH C 3 .   ? -2.124  -14.666 7.810   1.00 36.36 ? 1036 HOH A O   1 
HETATM 1061 O O   . HOH C 3 .   ? 4.168   -10.630 5.118   1.00 33.11 ? 1037 HOH A O   1 
HETATM 1062 O O   . HOH C 3 .   ? 2.544   4.802   7.601   1.00 29.99 ? 1038 HOH A O   1 
HETATM 1063 O O   . HOH C 3 .   ? 12.630  -7.393  -2.035  1.00 29.63 ? 1039 HOH A O   1 
HETATM 1064 O O   . HOH C 3 .   ? 2.793   3.233   9.722   1.00 44.90 ? 1040 HOH A O   1 
HETATM 1065 O O   . HOH C 3 .   ? 10.625  5.250   -6.458  1.00 39.84 ? 1041 HOH A O   1 
HETATM 1066 O O   . HOH C 3 .   ? -0.110  2.901   8.030   1.00 24.76 ? 1042 HOH A O   1 
HETATM 1067 O O   . HOH C 3 .   ? 4.632   6.084   4.908   1.00 33.94 ? 1043 HOH A O   1 
HETATM 1068 O O   . HOH C 3 .   ? 23.860  25.392  -5.766  1.00 44.02 ? 1044 HOH A O   1 
HETATM 1069 O O   . HOH C 3 .   ? -12.359 -3.838  -7.462  1.00 42.87 ? 1045 HOH A O   1 
HETATM 1070 O O   . HOH C 3 .   ? -0.341  12.342  0.443   1.00 41.66 ? 1046 HOH A O   1 
HETATM 1071 O O   . HOH C 3 .   ? 15.212  -0.417  2.287   1.00 37.49 ? 1047 HOH A O   1 
HETATM 1072 O O   . HOH C 3 .   ? -8.275  -9.554  13.026  1.00 43.69 ? 1048 HOH A O   1 
HETATM 1073 O O   . HOH C 3 .   ? -17.653 -4.261  -4.241  1.00 40.33 ? 1049 HOH A O   1 
HETATM 1074 O O   . HOH C 3 .   ? 0.964   -9.277  12.461  1.00 42.40 ? 1050 HOH A O   1 
HETATM 1075 O O   . HOH C 3 .   ? 24.353  24.184  -9.536  1.00 45.61 ? 1051 HOH A O   1 
HETATM 1076 O O   . HOH C 3 .   ? -17.300 6.811   -6.354  1.00 44.99 ? 1052 HOH A O   1 
HETATM 1077 O O   . HOH C 3 .   ? 16.499  3.331   3.203   1.00 41.49 ? 1053 HOH A O   1 
HETATM 1078 O O   . HOH C 3 .   ? 12.283  -0.990  -14.411 1.00 51.06 ? 1054 HOH A O   1 
HETATM 1079 O O   . HOH C 3 .   ? -8.872  -17.850 2.851   1.00 36.74 ? 1055 HOH A O   1 
HETATM 1080 O O   . HOH C 3 .   ? -5.420  -18.943 4.177   1.00 46.10 ? 1056 HOH A O   1 
HETATM 1081 O O   . HOH C 3 .   ? -3.799  -16.591 -2.325  1.00 35.27 ? 1057 HOH A O   1 
HETATM 1082 O O   . HOH C 3 .   ? 27.020  16.041  -10.596 1.00 47.01 ? 1058 HOH A O   1 
HETATM 1083 O O   . HOH C 3 .   ? -10.523 -2.344  -9.215  1.00 45.55 ? 1059 HOH A O   1 
HETATM 1084 O O   . HOH C 3 .   ? -9.650  -9.822  -4.980  1.00 42.84 ? 1060 HOH A O   1 
HETATM 1085 O O   . HOH C 3 .   ? 13.216  -3.735  -10.145 1.00 42.37 ? 1061 HOH A O   1 
HETATM 1086 O O   . HOH C 3 .   ? -7.954  -15.546 5.711   1.00 44.88 ? 1062 HOH A O   1 
HETATM 1087 O O   . HOH C 3 .   ? 25.491  18.318  -3.029  1.00 41.12 ? 1063 HOH A O   1 
HETATM 1088 O O   . HOH C 3 .   ? -20.972 -1.299  3.707   1.00 44.92 ? 1064 HOH A O   1 
HETATM 1089 O O   . HOH C 3 .   ? -11.759 9.741   -2.735  1.00 51.99 ? 1065 HOH A O   1 
HETATM 1090 O O   . HOH C 3 .   ? -11.361 -6.338  -7.089  1.00 35.19 ? 1066 HOH A O   1 
HETATM 1091 O O   . HOH C 3 .   ? 9.977   -4.459  -13.650 1.00 40.72 ? 1067 HOH A O   1 
HETATM 1092 O O   . HOH C 3 .   ? -6.837  -19.251 2.016   1.00 43.49 ? 1068 HOH A O   1 
HETATM 1093 O O   . HOH C 3 .   ? 18.415  2.657   -1.508  1.00 46.89 ? 1069 HOH A O   1 
HETATM 1094 O O   . HOH C 3 .   ? 0.667   -11.492 13.238  1.00 45.39 ? 1070 HOH A O   1 
HETATM 1095 O O   . HOH C 3 .   ? -7.365  8.952   14.203  1.00 43.40 ? 1071 HOH A O   1 
HETATM 1096 O O   . HOH C 3 .   ? 25.991  21.451  -4.043  1.00 39.90 ? 1072 HOH A O   1 
HETATM 1097 O O   . HOH C 3 .   ? 27.452  14.200  -13.102 1.00 50.81 ? 1073 HOH A O   1 
HETATM 1098 O O   . HOH C 3 .   ? 12.246  -1.033  9.787   1.00 40.80 ? 1074 HOH A O   1 
HETATM 1099 O O   . HOH C 3 .   ? -8.913  -11.543 -3.304  1.00 38.88 ? 1075 HOH A O   1 
HETATM 1100 O O   . HOH C 3 .   ? -16.989 -10.183 11.791  1.00 44.79 ? 1076 HOH A O   1 
HETATM 1101 O O   . HOH C 3 .   ? 18.086  15.831  -11.928 1.00 45.94 ? 1077 HOH A O   1 
HETATM 1102 O O   . HOH C 3 .   ? -22.556 -2.255  1.319   1.00 44.37 ? 1078 HOH A O   1 
HETATM 1103 O O   . HOH C 3 .   ? -10.483 -14.227 10.522  1.00 46.98 ? 1079 HOH A O   1 
HETATM 1104 O O   . HOH C 3 .   ? -12.386 -16.646 2.639   1.00 41.37 ? 1080 HOH A O   1 
HETATM 1105 O O   . HOH C 3 .   ? 6.750   -11.353 5.565   1.00 37.39 ? 1081 HOH A O   1 
HETATM 1106 O O   . HOH C 3 .   ? 17.893  2.491   1.035   1.00 51.32 ? 1082 HOH A O   1 
HETATM 1107 O O   . HOH C 3 .   ? -11.291 -13.402 -2.806  1.00 43.29 ? 1083 HOH A O   1 
HETATM 1108 O O   . HOH C 3 .   ? -19.288 -8.036  1.019   1.00 42.55 ? 1084 HOH A O   1 
HETATM 1109 O O   . HOH C 3 .   ? 1.959   -14.795 5.309   1.00 49.03 ? 1085 HOH A O   1 
HETATM 1110 O O   . HOH C 3 .   ? 24.761  17.578  -13.296 1.00 42.78 ? 1086 HOH A O   1 
HETATM 1111 O O   . HOH C 3 .   ? -14.584 -14.679 1.850   1.00 45.13 ? 1087 HOH A O   1 
HETATM 1112 O O   . HOH C 3 .   ? -5.787  7.505   5.359   1.00 35.86 ? 1088 HOH A O   1 
HETATM 1113 O O   . HOH C 3 .   ? -21.306 -9.123  3.205   1.00 42.35 ? 1089 HOH A O   1 
HETATM 1114 O O   . HOH C 3 .   ? -8.917  5.743   7.913   1.00 41.32 ? 1090 HOH A O   1 
HETATM 1115 O O   . HOH C 3 .   ? -15.274 0.466   11.881  1.00 45.81 ? 1091 HOH A O   1 
HETATM 1116 O O   . HOH C 3 .   ? -18.081 -15.041 -5.173  1.00 51.68 ? 1092 HOH A O   1 
HETATM 1117 O O   . HOH C 3 .   ? -20.717 8.204   -2.948  1.00 49.55 ? 1093 HOH A O   1 
HETATM 1118 O O   . HOH C 3 .   ? -9.760  9.989   10.771  1.00 42.13 ? 1094 HOH A O   1 
HETATM 1119 O O   . HOH C 3 .   ? -12.061 9.225   9.945   1.00 58.23 ? 1095 HOH A O   1 
HETATM 1120 O O   . HOH C 3 .   ? -14.250 -16.714 9.601   1.00 41.55 ? 1096 HOH A O   1 
HETATM 1121 O O   . HOH C 3 .   ? -18.509 -5.751  8.097   1.00 47.16 ? 1097 HOH A O   1 
HETATM 1122 O O   . HOH C 3 .   ? 2.175   -11.897 7.111   1.00 47.47 ? 1098 HOH A O   1 
HETATM 1123 O O   . HOH C 3 .   ? -17.343 -5.204  10.829  1.00 51.37 ? 1099 HOH A O   1 
HETATM 1124 O O   . HOH C 3 .   ? 14.423  4.063   -5.245  1.00 45.45 ? 1100 HOH A O   1 
HETATM 1125 O O   . HOH C 3 .   ? -0.228  10.182  2.325   1.00 51.37 ? 1101 HOH A O   1 
HETATM 1126 O O   . HOH C 3 .   ? -6.656  -15.568 -3.709  1.00 46.76 ? 1102 HOH A O   1 
HETATM 1127 O O   . HOH C 3 .   ? -6.466  -17.327 6.411   1.00 49.36 ? 1103 HOH A O   1 
HETATM 1128 O O   . HOH C 3 .   ? -1.574  -9.261  -2.514  0.50 19.66 ? 1104 HOH A O   1 
HETATM 1129 O O   . HOH C 3 .   ? 7.077   7.683   -5.275  0.50 33.77 ? 1105 HOH A O   1 
HETATM 1130 O O   . HOH C 3 .   ? -22.795 -6.134  0.918   1.00 51.35 ? 1106 HOH A O   1 
HETATM 1131 O O   . HOH C 3 .   ? -9.314  -10.384 16.049  1.00 44.68 ? 1107 HOH A O   1 
HETATM 1132 O O   . HOH C 3 .   ? 1.267   6.800   7.574   1.00 44.50 ? 1108 HOH A O   1 
HETATM 1133 O O   . HOH C 3 .   ? 18.434  4.360   -4.931  1.00 59.70 ? 1109 HOH A O   1 
HETATM 1134 O O   . HOH C 3 .   ? -17.781 3.861   6.939   1.00 53.55 ? 1110 HOH A O   1 
# 
